data_7W5P
#
_entry.id   7W5P
#
_cell.length_a   104.788
_cell.length_b   105.198
_cell.length_c   196.717
_cell.angle_alpha   90.000
_cell.angle_beta   90.000
_cell.angle_gamma   90.000
#
_symmetry.space_group_name_H-M   'P 21 21 21'
#
loop_
_entity.id
_entity.type
_entity.pdbx_description
1 polymer CcTet
2 polymer 'DNA (12-MER)'
3 polymer DNA
4 non-polymer 'MANGANESE (II) ION'
5 non-polymer N-OXALYLGLYCINE
6 water water
#
loop_
_entity_poly.entity_id
_entity_poly.type
_entity_poly.pdbx_seq_one_letter_code
_entity_poly.pdbx_strand_id
1 'polypeptide(L)'
;MSAIPFSTDDCSQDETLPSLLLIDEAAAVLGRMIQGLRTGIPYIHTENDSIKANPILRTALWQAAYVLEKAYRRRYRVPW
TARRYMRELTPRQDGRNANREAVMAKEFPPGAELNSDHPVQEILPAMIIDAEDHILFCYLPSCVSPAIMTIIDAAVGTLA
TTKDGHLQKKSRAREGERARVEMQKVKGKGKQEEEGQEKLGANWREALDLFRQGACKMTPGVLTFAPAWWPVGHENQLPG
PASTLKPPKGEGRMFLSDIPIASALVGAILAQINQPLFESGVKVLRELYSNSKLTKDHSTVSKIIEIWFSPFSSLSLIVN
RATPIHRDTSGPIEGMDILVTGGNYSNGVLVTPSFNRRWTYNPGCVVALLGKLVLHGVPEVDGERYCMAHFWRERLFDAA
GVPFPYPSKWQESYTNIPEALQWHRDNVTR
;
A,D,G,H
2 'polydeoxyribonucleotide' (DC)(DG)(DA)(DT)(DC)(6MA)(DG)(DC)(DT)(DA)(DC)(DG) B,E
3 'polydeoxyribonucleotide' (DC)(DG)(DT)(DA)(DG)(DC)(DG)(DG)(DA)(DT)(DC)(DG) C,F
#
# COMPACT_ATOMS: atom_id res chain seq x y z
N LEU A 17 -8.49 -36.95 -17.37
CA LEU A 17 -8.34 -37.39 -15.98
C LEU A 17 -9.67 -37.42 -15.25
N PRO A 18 -10.06 -38.60 -14.77
CA PRO A 18 -11.34 -38.70 -14.06
C PRO A 18 -11.33 -38.07 -12.67
N SER A 19 -10.18 -38.02 -12.01
CA SER A 19 -10.11 -37.41 -10.68
C SER A 19 -10.40 -35.90 -10.75
N LEU A 20 -9.71 -35.19 -11.63
CA LEU A 20 -9.90 -33.75 -11.73
C LEU A 20 -11.25 -33.40 -12.34
N LEU A 21 -11.73 -34.18 -13.30
CA LEU A 21 -13.08 -33.97 -13.81
C LEU A 21 -14.13 -34.19 -12.71
N LEU A 22 -13.96 -35.25 -11.92
CA LEU A 22 -14.87 -35.54 -10.83
C LEU A 22 -14.93 -34.38 -9.84
N ILE A 23 -13.76 -33.88 -9.40
CA ILE A 23 -13.77 -32.82 -8.40
C ILE A 23 -14.23 -31.49 -9.00
N ASP A 24 -13.91 -31.21 -10.28
CA ASP A 24 -14.42 -30.02 -10.92
C ASP A 24 -15.94 -30.04 -11.02
N GLU A 25 -16.50 -31.19 -11.40
CA GLU A 25 -17.95 -31.30 -11.50
C GLU A 25 -18.59 -31.21 -10.13
N ALA A 26 -17.98 -31.84 -9.11
CA ALA A 26 -18.48 -31.72 -7.75
C ALA A 26 -18.52 -30.26 -7.30
N ALA A 27 -17.45 -29.52 -7.60
CA ALA A 27 -17.39 -28.10 -7.22
C ALA A 27 -18.49 -27.30 -7.91
N ALA A 28 -18.63 -27.48 -9.22
CA ALA A 28 -19.67 -26.75 -9.96
C ALA A 28 -21.07 -27.09 -9.45
N VAL A 29 -21.34 -28.38 -9.23
CA VAL A 29 -22.65 -28.81 -8.75
C VAL A 29 -22.92 -28.22 -7.37
N LEU A 30 -21.92 -28.22 -6.48
CA LEU A 30 -22.10 -27.64 -5.16
C LEU A 30 -22.43 -26.16 -5.24
N GLY A 31 -21.76 -25.43 -6.14
CA GLY A 31 -22.10 -24.03 -6.34
C GLY A 31 -23.53 -23.84 -6.80
N ARG A 32 -23.99 -24.70 -7.72
CA ARG A 32 -25.37 -24.59 -8.19
C ARG A 32 -26.36 -24.87 -7.06
N MET A 33 -26.03 -25.85 -6.20
CA MET A 33 -26.89 -26.15 -5.06
C MET A 33 -26.98 -24.96 -4.10
N ILE A 34 -25.83 -24.34 -3.81
CA ILE A 34 -25.80 -23.21 -2.89
C ILE A 34 -26.57 -22.02 -3.47
N GLN A 35 -26.36 -21.74 -4.76
CA GLN A 35 -27.10 -20.65 -5.40
C GLN A 35 -28.60 -20.89 -5.34
N GLY A 36 -29.04 -22.13 -5.62
CA GLY A 36 -30.45 -22.44 -5.49
C GLY A 36 -30.96 -22.21 -4.08
N LEU A 37 -30.16 -22.56 -3.08
CA LEU A 37 -30.57 -22.29 -1.71
C LEU A 37 -30.69 -20.78 -1.45
N ARG A 38 -29.86 -19.98 -2.11
CA ARG A 38 -29.90 -18.54 -1.88
C ARG A 38 -31.08 -17.86 -2.55
N THR A 39 -31.37 -18.23 -3.81
CA THR A 39 -32.44 -17.57 -4.54
C THR A 39 -33.83 -18.10 -4.21
N GLY A 40 -33.92 -19.31 -3.65
CA GLY A 40 -35.19 -19.96 -3.45
C GLY A 40 -35.66 -20.81 -4.62
N ILE A 41 -34.84 -20.94 -5.66
CA ILE A 41 -35.13 -21.82 -6.79
C ILE A 41 -34.24 -23.05 -6.65
N PRO A 42 -34.75 -24.16 -6.15
CA PRO A 42 -33.88 -25.31 -5.86
C PRO A 42 -33.19 -25.83 -7.11
N TYR A 43 -31.88 -26.06 -6.99
CA TYR A 43 -31.20 -26.79 -8.03
C TYR A 43 -31.69 -28.23 -8.05
N ILE A 44 -31.92 -28.75 -9.25
CA ILE A 44 -32.28 -30.16 -9.43
C ILE A 44 -31.28 -30.73 -10.41
N HIS A 45 -30.49 -31.70 -9.96
CA HIS A 45 -29.37 -32.20 -10.75
C HIS A 45 -29.90 -33.02 -11.92
N THR A 46 -29.77 -32.49 -13.14
CA THR A 46 -30.26 -33.15 -14.34
C THR A 46 -29.16 -33.76 -15.19
N GLU A 47 -27.96 -33.19 -15.19
CA GLU A 47 -26.92 -33.62 -16.12
C GLU A 47 -26.48 -35.07 -15.85
N ASN A 48 -26.08 -35.73 -16.94
CA ASN A 48 -25.57 -37.10 -16.89
C ASN A 48 -24.05 -37.02 -16.79
N ASP A 49 -23.58 -36.88 -15.55
CA ASP A 49 -22.15 -36.69 -15.28
C ASP A 49 -21.75 -37.61 -14.15
N SER A 50 -20.54 -37.37 -13.61
CA SER A 50 -20.02 -38.17 -12.51
C SER A 50 -20.82 -38.01 -11.23
N ILE A 51 -21.51 -36.88 -11.06
CA ILE A 51 -22.26 -36.65 -9.84
C ILE A 51 -23.50 -37.54 -9.78
N LYS A 52 -24.11 -37.78 -10.94
CA LYS A 52 -25.20 -38.75 -11.01
C LYS A 52 -24.69 -40.16 -10.73
N ALA A 53 -23.43 -40.44 -11.09
CA ALA A 53 -22.90 -41.79 -10.94
C ALA A 53 -22.63 -42.15 -9.49
N ASN A 54 -22.57 -41.16 -8.60
CA ASN A 54 -22.33 -41.40 -7.17
C ASN A 54 -23.43 -40.70 -6.38
N PRO A 55 -24.51 -41.41 -6.04
CA PRO A 55 -25.55 -40.79 -5.19
C PRO A 55 -25.03 -40.39 -3.82
N ILE A 56 -24.04 -41.12 -3.30
CA ILE A 56 -23.45 -40.78 -2.00
C ILE A 56 -22.80 -39.40 -2.06
N LEU A 57 -22.01 -39.16 -3.12
CA LEU A 57 -21.41 -37.85 -3.31
C LEU A 57 -22.47 -36.76 -3.45
N ARG A 58 -23.53 -37.03 -4.22
CA ARG A 58 -24.59 -36.03 -4.40
C ARG A 58 -25.24 -35.66 -3.08
N THR A 59 -25.61 -36.68 -2.29
CA THR A 59 -26.18 -36.44 -0.97
C THR A 59 -25.24 -35.61 -0.10
N ALA A 60 -23.95 -35.98 -0.08
CA ALA A 60 -22.99 -35.25 0.74
C ALA A 60 -22.82 -33.81 0.25
N LEU A 61 -22.86 -33.60 -1.06
CA LEU A 61 -22.79 -32.24 -1.60
C LEU A 61 -24.00 -31.43 -1.16
N TRP A 62 -25.19 -32.06 -1.10
CA TRP A 62 -26.37 -31.35 -0.63
C TRP A 62 -26.20 -30.94 0.82
N GLN A 63 -25.71 -31.85 1.66
CA GLN A 63 -25.49 -31.50 3.07
C GLN A 63 -24.46 -30.37 3.20
N ALA A 64 -23.38 -30.43 2.41
CA ALA A 64 -22.39 -29.36 2.42
C ALA A 64 -23.00 -28.06 1.94
N ALA A 65 -23.92 -28.12 0.98
CA ALA A 65 -24.59 -26.91 0.50
C ALA A 65 -25.39 -26.28 1.62
N TYR A 66 -26.16 -27.09 2.34
CA TYR A 66 -26.93 -26.57 3.46
C TYR A 66 -26.02 -25.86 4.46
N VAL A 67 -24.94 -26.54 4.87
CA VAL A 67 -24.11 -25.97 5.92
C VAL A 67 -23.34 -24.75 5.41
N LEU A 68 -22.91 -24.77 4.15
CA LEU A 68 -22.16 -23.65 3.61
C LEU A 68 -23.04 -22.41 3.48
N GLU A 69 -24.28 -22.58 3.01
CA GLU A 69 -25.20 -21.45 2.93
C GLU A 69 -25.45 -20.86 4.31
N LYS A 70 -25.68 -21.73 5.31
CA LYS A 70 -25.86 -21.21 6.67
C LYS A 70 -24.64 -20.43 7.14
N ALA A 71 -23.43 -20.96 6.91
CA ALA A 71 -22.23 -20.27 7.36
C ALA A 71 -22.03 -18.95 6.62
N TYR A 72 -22.39 -18.91 5.33
CA TYR A 72 -22.28 -17.67 4.57
C TYR A 72 -23.27 -16.63 5.06
N ARG A 73 -24.34 -17.05 5.75
CA ARG A 73 -25.28 -16.07 6.27
C ARG A 73 -24.94 -15.59 7.68
N ARG A 74 -23.86 -16.10 8.31
CA ARG A 74 -23.50 -15.73 9.68
C ARG A 74 -22.02 -15.33 9.68
N ARG A 75 -21.75 -14.06 9.33
CA ARG A 75 -20.40 -13.58 9.09
C ARG A 75 -19.98 -12.58 10.16
N TYR A 76 -18.90 -12.88 10.86
CA TYR A 76 -18.23 -11.94 11.75
C TYR A 76 -17.12 -11.23 11.00
N ARG A 77 -16.83 -10.00 11.40
CA ARG A 77 -15.79 -9.18 10.79
C ARG A 77 -14.81 -8.72 11.86
N VAL A 78 -13.51 -8.88 11.59
CA VAL A 78 -12.48 -8.32 12.44
C VAL A 78 -12.17 -6.93 11.89
N PRO A 79 -11.78 -5.96 12.72
CA PRO A 79 -11.60 -4.59 12.22
C PRO A 79 -10.23 -4.34 11.60
N TRP A 80 -9.71 -5.31 10.87
CA TRP A 80 -8.42 -5.17 10.20
C TRP A 80 -8.40 -6.08 8.99
N THR A 81 -7.43 -5.87 8.12
CA THR A 81 -7.27 -6.68 6.92
C THR A 81 -6.24 -7.77 7.15
N ALA A 82 -6.45 -8.91 6.49
CA ALA A 82 -5.45 -9.97 6.54
C ALA A 82 -4.12 -9.49 6.01
N ARG A 83 -4.13 -8.56 5.05
CA ARG A 83 -2.89 -8.10 4.44
C ARG A 83 -1.99 -7.40 5.47
N ARG A 84 -2.57 -6.50 6.27
CA ARG A 84 -1.80 -5.82 7.30
C ARG A 84 -1.34 -6.78 8.39
N TYR A 85 -2.21 -7.70 8.79
CA TYR A 85 -1.85 -8.72 9.77
C TYR A 85 -0.65 -9.52 9.30
N MET A 86 -0.70 -9.98 8.05
CA MET A 86 0.40 -10.76 7.48
C MET A 86 1.67 -9.92 7.35
N ARG A 87 1.53 -8.63 7.04
CA ARG A 87 2.71 -7.77 6.99
C ARG A 87 3.36 -7.63 8.35
N GLU A 88 2.56 -7.68 9.42
CA GLU A 88 3.16 -7.63 10.76
C GLU A 88 3.69 -8.97 11.24
N LEU A 89 3.23 -10.07 10.67
CA LEU A 89 3.74 -11.39 11.06
C LEU A 89 5.14 -11.59 10.52
N THR A 90 5.93 -12.35 11.26
CA THR A 90 7.20 -12.79 10.69
C THR A 90 7.01 -14.13 10.00
N PRO A 91 7.88 -14.46 9.03
CA PRO A 91 7.60 -15.63 8.17
C PRO A 91 7.51 -16.97 8.89
N ARG A 92 8.04 -17.07 10.12
CA ARG A 92 7.94 -18.33 10.85
C ARG A 92 7.40 -18.10 12.25
N GLN A 93 6.49 -17.13 12.39
CA GLN A 93 5.82 -16.83 13.65
C GLN A 93 4.71 -17.86 13.87
N ASP A 94 5.04 -18.93 14.59
CA ASP A 94 4.11 -20.03 14.80
C ASP A 94 3.30 -19.90 16.08
N GLY A 95 3.53 -18.85 16.87
CA GLY A 95 2.81 -18.65 18.11
C GLY A 95 3.57 -19.07 19.35
N ARG A 96 4.83 -19.46 19.23
CA ARG A 96 5.60 -19.86 20.40
C ARG A 96 5.90 -18.69 21.33
N ASN A 97 5.90 -17.46 20.83
CA ASN A 97 6.31 -16.28 21.59
C ASN A 97 5.08 -15.58 22.15
N ALA A 98 4.88 -15.65 23.46
CA ALA A 98 3.68 -15.09 24.06
C ALA A 98 3.70 -13.58 24.04
N ASN A 99 4.88 -12.97 24.19
CA ASN A 99 4.99 -11.51 24.10
C ASN A 99 4.64 -11.02 22.71
N ARG A 100 5.18 -11.69 21.68
CA ARG A 100 4.86 -11.31 20.31
C ARG A 100 3.38 -11.50 20.02
N GLU A 101 2.78 -12.54 20.60
CA GLU A 101 1.34 -12.74 20.43
C GLU A 101 0.54 -11.67 21.16
N ALA A 102 1.05 -11.17 22.29
CA ALA A 102 0.37 -10.04 22.94
C ALA A 102 0.45 -8.78 22.09
N VAL A 103 1.61 -8.53 21.47
CA VAL A 103 1.73 -7.42 20.53
C VAL A 103 0.71 -7.57 19.40
N MET A 104 0.62 -8.78 18.84
CA MET A 104 -0.33 -9.04 17.75
C MET A 104 -1.77 -8.86 18.21
N ALA A 105 -2.10 -9.36 19.40
CA ALA A 105 -3.48 -9.30 19.89
C ALA A 105 -3.90 -7.86 20.17
N LYS A 106 -2.97 -7.01 20.60
CA LYS A 106 -3.35 -5.62 20.86
C LYS A 106 -3.35 -4.79 19.57
N GLU A 107 -2.49 -5.10 18.61
CA GLU A 107 -2.50 -4.34 17.36
C GLU A 107 -3.59 -4.81 16.41
N PHE A 108 -4.07 -6.05 16.54
CA PHE A 108 -5.12 -6.61 15.70
C PHE A 108 -6.11 -7.33 16.61
N PRO A 109 -6.94 -6.59 17.33
CA PRO A 109 -7.83 -7.22 18.33
C PRO A 109 -8.99 -7.93 17.65
N PRO A 110 -9.71 -8.78 18.38
CA PRO A 110 -10.87 -9.47 17.76
C PRO A 110 -11.94 -8.51 17.25
N GLY A 111 -12.10 -7.34 17.87
CA GLY A 111 -13.10 -6.39 17.46
C GLY A 111 -14.40 -6.53 18.23
N ALA A 112 -15.27 -5.53 18.05
CA ALA A 112 -16.48 -5.44 18.86
C ALA A 112 -17.44 -6.60 18.59
N GLU A 113 -17.44 -7.16 17.38
CA GLU A 113 -18.33 -8.28 17.10
C GLU A 113 -17.91 -9.55 17.84
N LEU A 114 -16.66 -9.66 18.28
CA LEU A 114 -16.15 -10.90 18.81
C LEU A 114 -15.71 -10.84 20.27
N ASN A 115 -15.39 -9.66 20.81
CA ASN A 115 -15.03 -9.59 22.21
C ASN A 115 -16.26 -9.83 23.08
N SER A 116 -16.04 -10.45 24.25
CA SER A 116 -17.10 -10.67 25.22
C SER A 116 -16.47 -10.93 26.58
N ASP A 117 -17.27 -10.75 27.63
CA ASP A 117 -16.78 -10.95 28.99
C ASP A 117 -16.44 -12.41 29.26
N HIS A 118 -17.25 -13.34 28.72
CA HIS A 118 -17.06 -14.75 28.96
C HIS A 118 -16.65 -15.46 27.66
N PRO A 119 -15.83 -16.51 27.75
CA PRO A 119 -15.47 -17.26 26.54
C PRO A 119 -16.70 -17.87 25.88
N VAL A 120 -16.79 -17.68 24.57
CA VAL A 120 -17.95 -18.09 23.78
C VAL A 120 -17.58 -19.35 23.01
N GLN A 121 -18.36 -20.43 23.19
CA GLN A 121 -18.23 -21.63 22.36
C GLN A 121 -19.38 -21.66 21.35
N GLU A 122 -19.04 -21.52 20.08
CA GLU A 122 -20.00 -21.48 19.00
C GLU A 122 -20.47 -22.90 18.62
N ILE A 123 -21.67 -22.96 18.05
CA ILE A 123 -22.24 -24.24 17.61
C ILE A 123 -22.89 -24.06 16.24
N LEU A 124 -23.00 -22.82 15.79
CA LEU A 124 -23.65 -22.57 14.51
C LEU A 124 -22.63 -22.34 13.42
N PRO A 125 -22.89 -22.84 12.21
CA PRO A 125 -21.99 -22.55 11.08
C PRO A 125 -21.78 -21.06 10.92
N ALA A 126 -20.55 -20.66 10.59
CA ALA A 126 -20.25 -19.23 10.52
C ALA A 126 -18.97 -19.03 9.72
N MET A 127 -18.60 -17.76 9.55
CA MET A 127 -17.29 -17.43 8.98
C MET A 127 -16.82 -16.10 9.51
N ILE A 128 -15.50 -15.93 9.53
CA ILE A 128 -14.84 -14.68 9.91
C ILE A 128 -14.28 -14.06 8.64
N ILE A 129 -14.60 -12.80 8.41
CA ILE A 129 -14.07 -12.06 7.26
C ILE A 129 -13.30 -10.86 7.80
N ASP A 130 -12.38 -10.36 6.98
CA ASP A 130 -11.58 -9.21 7.38
C ASP A 130 -12.26 -7.92 6.93
N ALA A 131 -11.59 -6.79 7.17
CA ALA A 131 -12.17 -5.50 6.82
C ALA A 131 -12.33 -5.31 5.32
N GLU A 132 -11.73 -6.16 4.50
CA GLU A 132 -11.87 -6.06 3.05
C GLU A 132 -12.57 -7.29 2.47
N ASP A 133 -13.39 -7.94 3.28
CA ASP A 133 -14.29 -9.03 2.88
C ASP A 133 -13.57 -10.32 2.50
N HIS A 134 -12.30 -10.47 2.88
CA HIS A 134 -11.61 -11.74 2.66
C HIS A 134 -11.94 -12.72 3.78
N ILE A 135 -12.23 -13.97 3.40
CA ILE A 135 -12.57 -15.02 4.35
C ILE A 135 -11.29 -15.50 5.02
N LEU A 136 -11.28 -15.54 6.32
CA LEU A 136 -10.12 -15.98 7.09
C LEU A 136 -10.40 -17.34 7.72
N PHE A 137 -11.65 -17.63 8.06
CA PHE A 137 -12.07 -18.82 8.80
C PHE A 137 -13.49 -19.19 8.44
N CYS A 138 -13.78 -20.45 8.23
CA CYS A 138 -15.15 -20.93 7.89
C CYS A 138 -15.46 -22.14 8.76
N TYR A 139 -16.49 -22.04 9.54
CA TYR A 139 -16.88 -23.11 10.46
C TYR A 139 -18.12 -23.80 9.93
N LEU A 140 -17.97 -25.08 9.68
CA LEU A 140 -18.97 -25.96 9.07
C LEU A 140 -19.18 -27.22 9.92
N PRO A 141 -19.82 -27.14 11.08
CA PRO A 141 -20.14 -28.32 11.86
C PRO A 141 -21.17 -29.21 11.14
N SER A 142 -20.98 -30.51 11.26
CA SER A 142 -21.83 -31.57 10.68
C SER A 142 -21.95 -31.43 9.17
N CYS A 143 -20.88 -31.07 8.50
CA CYS A 143 -20.76 -30.88 7.04
C CYS A 143 -20.75 -32.19 6.26
N VAL A 144 -20.10 -33.16 6.81
CA VAL A 144 -19.91 -34.49 6.18
C VAL A 144 -21.08 -35.39 6.56
N SER A 145 -21.67 -36.00 5.57
CA SER A 145 -22.77 -36.95 5.73
C SER A 145 -22.35 -38.19 6.51
N PRO A 146 -23.27 -38.76 7.27
CA PRO A 146 -23.00 -39.98 8.01
C PRO A 146 -22.37 -41.08 7.14
N ALA A 147 -22.78 -41.15 5.90
CA ALA A 147 -22.22 -42.17 5.01
C ALA A 147 -20.73 -41.95 4.77
N ILE A 148 -20.35 -40.73 4.37
CA ILE A 148 -18.95 -40.44 4.09
C ILE A 148 -18.12 -40.55 5.37
N MET A 149 -18.70 -40.14 6.50
CA MET A 149 -17.99 -40.31 7.77
C MET A 149 -17.75 -41.78 8.09
N THR A 150 -18.74 -42.64 7.86
CA THR A 150 -18.54 -44.08 8.00
C THR A 150 -17.38 -44.56 7.13
N ILE A 151 -17.37 -44.12 5.87
CA ILE A 151 -16.31 -44.51 4.95
C ILE A 151 -14.94 -44.10 5.49
N ILE A 152 -14.80 -42.84 5.89
CA ILE A 152 -13.52 -42.33 6.38
C ILE A 152 -13.12 -43.05 7.66
N ASP A 153 -14.08 -43.29 8.55
CA ASP A 153 -13.80 -44.05 9.77
C ASP A 153 -13.20 -45.40 9.41
N ALA A 154 -13.80 -46.09 8.43
CA ALA A 154 -13.30 -47.42 8.06
C ALA A 154 -11.89 -47.34 7.46
N ALA A 155 -11.65 -46.36 6.59
CA ALA A 155 -10.34 -46.25 5.96
C ALA A 155 -9.26 -45.90 6.98
N VAL A 156 -9.57 -44.98 7.90
CA VAL A 156 -8.59 -44.60 8.92
C VAL A 156 -8.36 -45.77 9.89
N GLY A 157 -9.42 -46.52 10.22
CA GLY A 157 -9.23 -47.72 11.02
C GLY A 157 -8.35 -48.73 10.35
N THR A 158 -8.51 -48.89 9.03
CA THR A 158 -7.64 -49.80 8.29
C THR A 158 -6.19 -49.34 8.36
N LEU A 159 -5.96 -48.03 8.27
CA LEU A 159 -4.60 -47.52 8.34
C LEU A 159 -4.01 -47.66 9.74
N ALA A 160 -4.81 -47.46 10.78
CA ALA A 160 -4.31 -47.38 12.14
C ALA A 160 -4.48 -48.65 12.96
N THR A 161 -5.01 -49.72 12.37
CA THR A 161 -5.09 -51.02 13.04
C THR A 161 -4.13 -52.02 12.43
N THR A 162 -3.41 -51.64 11.38
CA THR A 162 -2.45 -52.52 10.73
C THR A 162 -1.37 -52.99 11.69
N LYS A 163 -0.89 -54.22 11.46
CA LYS A 163 0.10 -54.86 12.31
C LYS A 163 1.53 -54.40 12.03
N ASP A 164 1.93 -54.16 10.78
CA ASP A 164 3.25 -53.58 10.55
C ASP A 164 3.20 -52.47 9.52
N GLY A 165 2.26 -51.53 9.69
CA GLY A 165 2.21 -50.34 8.87
C GLY A 165 3.06 -49.22 9.46
N HIS A 166 3.05 -48.08 8.77
CA HIS A 166 3.91 -46.96 9.17
C HIS A 166 3.64 -46.51 10.60
N LEU A 167 2.40 -46.62 11.08
CA LEU A 167 2.07 -46.07 12.39
C LEU A 167 2.74 -46.83 13.53
N GLN A 168 2.68 -48.16 13.52
CA GLN A 168 3.41 -48.89 14.56
C GLN A 168 4.92 -48.78 14.41
N LYS A 169 5.40 -48.76 13.16
CA LYS A 169 6.84 -48.59 12.97
C LYS A 169 7.30 -47.28 13.58
N LYS A 170 6.48 -46.24 13.44
CA LYS A 170 6.80 -44.96 14.08
C LYS A 170 6.72 -45.08 15.59
N SER A 171 5.76 -45.86 16.09
CA SER A 171 5.60 -45.98 17.54
C SER A 171 6.78 -46.70 18.16
N ARG A 172 7.39 -47.62 17.41
CA ARG A 172 8.62 -48.28 17.85
C ARG A 172 9.85 -47.41 17.71
N ALA A 173 9.89 -46.58 16.67
CA ALA A 173 11.04 -45.72 16.47
C ALA A 173 11.27 -44.80 17.66
N ARG A 174 10.17 -44.34 18.26
CA ARG A 174 10.12 -43.57 19.49
C ARG A 174 10.07 -44.43 20.74
N GLU A 175 10.29 -45.75 20.63
CA GLU A 175 10.18 -46.61 21.81
C GLU A 175 11.37 -46.44 22.74
N GLY A 176 12.52 -46.04 22.21
CA GLY A 176 13.67 -45.78 23.06
C GLY A 176 13.44 -44.58 23.96
N GLU A 177 12.83 -43.52 23.41
CA GLU A 177 12.52 -42.34 24.22
C GLU A 177 11.38 -42.59 25.19
N ARG A 178 10.35 -43.33 24.77
CA ARG A 178 9.08 -43.35 25.50
C ARG A 178 9.25 -43.90 26.91
N ALA A 179 9.82 -45.10 27.03
CA ALA A 179 9.99 -45.72 28.34
C ALA A 179 11.04 -45.04 29.20
N ARG A 180 11.81 -44.10 28.65
CA ARG A 180 12.84 -43.40 29.40
C ARG A 180 12.28 -42.18 30.13
N LYS A 199 2.92 -25.35 24.57
CA LYS A 199 4.34 -25.42 24.16
C LYS A 199 4.50 -26.07 22.78
N LEU A 200 5.41 -25.56 22.00
CA LEU A 200 5.49 -26.13 20.67
C LEU A 200 6.86 -26.74 20.56
N GLY A 201 7.66 -26.20 19.73
CA GLY A 201 9.06 -26.59 19.64
C GLY A 201 9.35 -27.54 18.52
N ALA A 202 10.59 -27.95 18.37
CA ALA A 202 10.94 -28.89 17.32
C ALA A 202 10.17 -30.19 17.49
N ASN A 203 9.63 -30.68 16.39
CA ASN A 203 8.91 -31.97 16.28
C ASN A 203 7.64 -32.04 17.14
N TRP A 204 6.96 -30.94 17.35
CA TRP A 204 5.73 -30.92 18.17
C TRP A 204 4.59 -31.76 17.54
N ARG A 205 4.54 -31.89 16.25
CA ARG A 205 3.49 -32.67 15.57
C ARG A 205 3.55 -34.15 15.93
N GLU A 206 4.68 -34.62 16.38
CA GLU A 206 4.80 -36.01 16.77
C GLU A 206 5.26 -36.17 18.21
N ALA A 207 5.15 -35.12 19.02
CA ALA A 207 5.53 -35.23 20.42
C ALA A 207 4.66 -36.25 21.14
N LEU A 208 5.28 -37.03 22.03
CA LEU A 208 4.55 -38.10 22.73
C LEU A 208 3.60 -37.53 23.76
N ASP A 209 3.90 -36.39 24.27
CA ASP A 209 3.05 -35.67 25.23
C ASP A 209 1.63 -35.49 24.70
N LEU A 210 1.46 -35.29 23.41
CA LEU A 210 0.16 -34.99 22.84
C LEU A 210 -0.68 -36.22 22.52
N PHE A 211 -0.05 -37.38 22.33
CA PHE A 211 -0.80 -38.53 21.87
C PHE A 211 -1.59 -39.17 23.01
N ARG A 212 -2.65 -39.89 22.64
CA ARG A 212 -3.62 -40.40 23.59
C ARG A 212 -3.03 -41.54 24.41
N GLN A 213 -2.88 -41.32 25.71
CA GLN A 213 -2.48 -42.37 26.64
C GLN A 213 -3.72 -43.15 27.05
N GLY A 214 -3.63 -44.47 27.01
CA GLY A 214 -4.73 -45.28 27.50
C GLY A 214 -5.15 -46.42 26.60
N ALA A 215 -6.43 -46.47 26.26
CA ALA A 215 -6.98 -47.55 25.45
C ALA A 215 -7.31 -46.99 24.07
N CYS A 216 -6.57 -47.44 23.06
CA CYS A 216 -6.78 -46.99 21.69
C CYS A 216 -6.93 -48.19 20.78
N LYS A 217 -8.02 -48.21 20.00
CA LYS A 217 -8.12 -49.13 18.87
C LYS A 217 -7.25 -48.68 17.70
N MET A 218 -7.08 -47.37 17.52
CA MET A 218 -6.31 -46.81 16.42
C MET A 218 -4.96 -46.34 16.96
N THR A 219 -3.89 -46.70 16.27
CA THR A 219 -2.55 -46.35 16.72
C THR A 219 -2.30 -44.86 16.56
N PRO A 220 -2.01 -44.12 17.64
CA PRO A 220 -1.73 -42.70 17.51
C PRO A 220 -0.50 -42.46 16.65
N GLY A 221 -0.51 -41.36 15.92
CA GLY A 221 0.62 -41.04 15.06
C GLY A 221 0.21 -40.04 14.00
N VAL A 222 1.11 -39.84 13.04
CA VAL A 222 0.89 -38.88 11.96
C VAL A 222 1.47 -39.46 10.68
N LEU A 223 0.67 -39.46 9.62
CA LEU A 223 1.16 -39.81 8.29
C LEU A 223 0.82 -38.67 7.34
N THR A 224 1.60 -38.55 6.26
CA THR A 224 1.40 -37.47 5.31
C THR A 224 1.50 -38.03 3.90
N PHE A 225 0.67 -37.50 3.01
CA PHE A 225 0.55 -37.96 1.64
C PHE A 225 0.61 -36.76 0.71
N ALA A 226 1.25 -36.96 -0.44
CA ALA A 226 1.36 -35.94 -1.48
C ALA A 226 1.88 -36.59 -2.76
N PRO A 227 1.38 -36.19 -3.92
CA PRO A 227 1.95 -36.71 -5.17
C PRO A 227 3.29 -36.09 -5.51
N ALA A 228 3.52 -34.86 -5.06
CA ALA A 228 4.76 -34.13 -5.29
C ALA A 228 5.15 -33.42 -4.01
N TRP A 229 6.38 -33.56 -3.59
CA TRP A 229 6.72 -33.13 -2.23
C TRP A 229 8.23 -33.06 -2.09
N TRP A 230 8.62 -32.28 -1.14
CA TRP A 230 10.01 -32.03 -0.82
C TRP A 230 10.35 -32.54 0.57
N PRO A 231 11.47 -33.24 0.74
CA PRO A 231 11.94 -33.56 2.08
C PRO A 231 12.31 -32.30 2.84
N VAL A 232 12.16 -32.35 4.16
CA VAL A 232 12.55 -31.25 5.05
C VAL A 232 13.98 -30.85 4.75
N GLY A 233 14.21 -29.57 4.46
CA GLY A 233 15.53 -29.08 4.17
C GLY A 233 16.00 -29.33 2.75
N HIS A 234 15.23 -30.07 2.04
CA HIS A 234 15.64 -30.47 0.69
C HIS A 234 14.77 -29.84 -0.40
N GLU A 235 14.36 -28.58 -0.25
CA GLU A 235 13.60 -27.83 -1.25
C GLU A 235 14.54 -27.29 -2.32
N ASN A 236 15.70 -27.93 -2.49
CA ASN A 236 16.64 -27.54 -3.53
C ASN A 236 16.64 -28.50 -4.71
N GLN A 237 16.11 -29.71 -4.54
CA GLN A 237 16.06 -30.67 -5.62
C GLN A 237 14.68 -30.60 -6.30
N LEU A 238 14.39 -31.57 -7.17
CA LEU A 238 13.03 -31.70 -7.67
C LEU A 238 12.16 -32.49 -6.68
N PRO A 239 10.89 -32.12 -6.53
CA PRO A 239 10.00 -32.86 -5.63
C PRO A 239 9.72 -34.25 -6.17
N GLY A 240 9.34 -35.14 -5.25
CA GLY A 240 8.97 -36.48 -5.62
C GLY A 240 7.75 -36.96 -4.86
N PRO A 241 7.34 -38.21 -5.11
CA PRO A 241 6.15 -38.73 -4.43
C PRO A 241 6.42 -38.93 -2.93
N ALA A 242 5.36 -38.75 -2.15
CA ALA A 242 5.47 -39.00 -0.71
C ALA A 242 5.81 -40.46 -0.45
N SER A 243 6.67 -40.68 0.55
CA SER A 243 7.09 -42.04 0.90
C SER A 243 5.89 -42.96 1.13
N THR A 244 4.86 -42.46 1.81
CA THR A 244 3.68 -43.27 2.11
C THR A 244 3.01 -43.81 0.86
N LEU A 245 3.13 -43.11 -0.26
CA LEU A 245 2.43 -43.48 -1.48
C LEU A 245 3.31 -44.20 -2.50
N LYS A 246 4.59 -44.45 -2.19
CA LYS A 246 5.46 -44.99 -3.23
C LYS A 246 5.21 -46.48 -3.50
N PRO A 247 4.92 -47.31 -2.50
CA PRO A 247 4.50 -48.69 -2.79
C PRO A 247 3.17 -48.69 -3.51
N PRO A 248 3.12 -49.23 -4.74
CA PRO A 248 1.88 -49.15 -5.52
C PRO A 248 0.71 -49.88 -4.89
N LYS A 249 0.96 -50.80 -3.95
CA LYS A 249 -0.10 -51.45 -3.20
C LYS A 249 0.17 -51.42 -1.70
N GLY A 250 0.93 -50.43 -1.24
CA GLY A 250 1.12 -50.22 0.18
C GLY A 250 -0.14 -49.66 0.84
N GLU A 251 -0.06 -49.56 2.16
CA GLU A 251 -1.20 -49.09 2.94
C GLU A 251 -1.58 -47.64 2.59
N GLY A 252 -0.61 -46.82 2.19
CA GLY A 252 -0.91 -45.42 1.93
C GLY A 252 -1.72 -45.21 0.68
N ARG A 253 -1.31 -45.85 -0.43
CA ARG A 253 -2.08 -45.75 -1.67
C ARG A 253 -3.44 -46.40 -1.51
N MET A 254 -3.55 -47.38 -0.60
CA MET A 254 -4.82 -48.07 -0.42
C MET A 254 -5.78 -47.24 0.44
N PHE A 255 -5.24 -46.51 1.42
CA PHE A 255 -6.03 -45.49 2.11
C PHE A 255 -6.48 -44.42 1.15
N LEU A 256 -5.57 -43.97 0.27
CA LEU A 256 -5.93 -42.95 -0.71
C LEU A 256 -7.03 -43.45 -1.65
N SER A 257 -6.90 -44.67 -2.15
CA SER A 257 -7.94 -45.26 -2.98
C SER A 257 -9.25 -45.48 -2.24
N ASP A 258 -9.22 -45.55 -0.92
CA ASP A 258 -10.43 -45.79 -0.17
C ASP A 258 -11.33 -44.55 -0.03
N ILE A 259 -10.79 -43.34 -0.19
CA ILE A 259 -11.53 -42.13 0.13
C ILE A 259 -11.67 -41.11 -0.99
N PRO A 260 -11.79 -41.49 -2.27
CA PRO A 260 -11.81 -40.45 -3.31
C PRO A 260 -13.03 -39.54 -3.26
N ILE A 261 -14.16 -40.03 -2.73
CA ILE A 261 -15.37 -39.21 -2.68
C ILE A 261 -15.34 -38.23 -1.50
N ALA A 262 -14.74 -38.63 -0.37
CA ALA A 262 -14.51 -37.68 0.71
C ALA A 262 -13.60 -36.55 0.26
N SER A 263 -12.57 -36.88 -0.52
CA SER A 263 -11.65 -35.85 -1.00
C SER A 263 -12.31 -34.98 -2.06
N ALA A 264 -13.18 -35.56 -2.88
CA ALA A 264 -13.95 -34.75 -3.81
C ALA A 264 -14.83 -33.76 -3.06
N LEU A 265 -15.45 -34.20 -1.97
CA LEU A 265 -16.29 -33.31 -1.15
C LEU A 265 -15.46 -32.17 -0.55
N VAL A 266 -14.30 -32.50 0.00
CA VAL A 266 -13.43 -31.48 0.59
C VAL A 266 -13.00 -30.46 -0.45
N GLY A 267 -12.62 -30.95 -1.64
CA GLY A 267 -12.24 -30.04 -2.72
C GLY A 267 -13.39 -29.16 -3.18
N ALA A 268 -14.60 -29.72 -3.21
CA ALA A 268 -15.76 -28.93 -3.63
C ALA A 268 -16.04 -27.82 -2.63
N ILE A 269 -15.95 -28.14 -1.34
CA ILE A 269 -16.10 -27.12 -0.31
C ILE A 269 -15.08 -26.00 -0.52
N LEU A 270 -13.81 -26.38 -0.72
CA LEU A 270 -12.78 -25.38 -0.96
C LEU A 270 -13.14 -24.50 -2.14
N ALA A 271 -13.66 -25.08 -3.22
CA ALA A 271 -14.04 -24.29 -4.38
C ALA A 271 -15.17 -23.33 -4.05
N GLN A 272 -16.03 -23.70 -3.08
CA GLN A 272 -17.05 -22.75 -2.65
C GLN A 272 -16.45 -21.59 -1.87
N ILE A 273 -15.39 -21.84 -1.10
CA ILE A 273 -14.80 -20.78 -0.29
C ILE A 273 -13.79 -19.94 -1.07
N ASN A 274 -13.01 -20.56 -1.96
CA ASN A 274 -11.97 -19.85 -2.70
C ASN A 274 -11.83 -20.53 -4.06
N GLN A 275 -12.67 -20.13 -5.01
CA GLN A 275 -12.63 -20.75 -6.33
C GLN A 275 -11.31 -20.55 -7.07
N PRO A 276 -10.72 -19.34 -7.12
CA PRO A 276 -9.42 -19.21 -7.80
C PRO A 276 -8.35 -20.15 -7.26
N LEU A 277 -8.28 -20.31 -5.94
CA LEU A 277 -7.30 -21.24 -5.37
C LEU A 277 -7.60 -22.67 -5.81
N PHE A 278 -8.88 -23.06 -5.81
CA PHE A 278 -9.27 -24.38 -6.29
C PHE A 278 -8.80 -24.61 -7.71
N GLU A 279 -9.16 -23.70 -8.62
CA GLU A 279 -8.79 -23.90 -10.02
C GLU A 279 -7.29 -23.85 -10.23
N SER A 280 -6.57 -23.04 -9.45
CA SER A 280 -5.13 -22.96 -9.62
C SER A 280 -4.45 -24.22 -9.12
N GLY A 281 -4.92 -24.78 -8.00
CA GLY A 281 -4.43 -26.08 -7.57
C GLY A 281 -4.70 -27.16 -8.59
N VAL A 282 -5.88 -27.14 -9.20
CA VAL A 282 -6.17 -28.13 -10.24
C VAL A 282 -5.21 -27.97 -11.42
N LYS A 283 -4.95 -26.72 -11.83
CA LYS A 283 -4.01 -26.48 -12.92
C LYS A 283 -2.60 -26.93 -12.57
N VAL A 284 -2.18 -26.69 -11.32
CA VAL A 284 -0.87 -27.16 -10.86
C VAL A 284 -0.79 -28.68 -10.98
N LEU A 285 -1.84 -29.38 -10.53
CA LEU A 285 -1.85 -30.83 -10.63
C LEU A 285 -1.80 -31.30 -12.08
N ARG A 286 -2.56 -30.63 -12.95
CA ARG A 286 -2.54 -31.01 -14.37
C ARG A 286 -1.15 -30.84 -14.97
N GLU A 287 -0.47 -29.73 -14.63
CA GLU A 287 0.87 -29.53 -15.15
C GLU A 287 1.86 -30.55 -14.59
N LEU A 288 1.74 -30.88 -13.31
CA LEU A 288 2.61 -31.90 -12.74
C LEU A 288 2.37 -33.26 -13.37
N TYR A 289 1.11 -33.56 -13.72
CA TYR A 289 0.80 -34.82 -14.40
C TYR A 289 1.40 -34.84 -15.80
N SER A 290 1.04 -33.84 -16.62
CA SER A 290 1.49 -33.80 -18.01
C SER A 290 3.01 -33.65 -18.09
N ASN A 291 3.56 -32.59 -17.50
CA ASN A 291 4.97 -32.23 -17.65
C ASN A 291 5.82 -33.13 -16.76
N SER A 292 6.56 -34.05 -17.38
CA SER A 292 7.35 -35.03 -16.63
C SER A 292 8.69 -34.52 -16.12
N LYS A 293 9.13 -33.34 -16.53
CA LYS A 293 10.43 -32.82 -16.14
C LYS A 293 10.36 -32.01 -14.85
N LEU A 294 9.22 -32.04 -14.15
CA LEU A 294 9.04 -31.28 -12.92
C LEU A 294 9.24 -32.10 -11.64
N THR A 295 9.23 -33.43 -11.73
CA THR A 295 9.28 -34.28 -10.55
C THR A 295 10.27 -35.41 -10.79
N LYS A 296 10.74 -35.98 -9.70
CA LYS A 296 11.49 -37.23 -9.75
C LYS A 296 10.49 -38.38 -9.59
N ASP A 297 10.77 -39.54 -10.18
CA ASP A 297 9.88 -40.71 -10.18
C ASP A 297 8.50 -40.37 -10.73
N HIS A 298 8.48 -39.85 -11.97
CA HIS A 298 7.30 -39.14 -12.44
C HIS A 298 6.12 -40.05 -12.76
N SER A 299 6.38 -41.22 -13.33
CA SER A 299 5.30 -42.19 -13.47
C SER A 299 4.60 -42.50 -12.14
N THR A 300 5.36 -42.63 -11.03
CA THR A 300 4.69 -42.81 -9.73
C THR A 300 3.86 -41.59 -9.38
N VAL A 301 4.39 -40.38 -9.62
CA VAL A 301 3.66 -39.15 -9.33
C VAL A 301 2.39 -39.10 -10.16
N SER A 302 2.47 -39.56 -11.41
CA SER A 302 1.31 -39.57 -12.27
C SER A 302 0.27 -40.60 -11.81
N LYS A 303 0.72 -41.73 -11.36
CA LYS A 303 -0.21 -42.74 -10.87
C LYS A 303 -0.95 -42.18 -9.65
N ILE A 304 -0.27 -41.56 -8.69
CA ILE A 304 -0.87 -40.93 -7.51
C ILE A 304 -1.83 -39.81 -7.91
N ILE A 305 -1.41 -38.92 -8.82
CA ILE A 305 -2.31 -37.86 -9.29
C ILE A 305 -3.59 -38.46 -9.87
N GLU A 306 -3.46 -39.58 -10.59
CA GLU A 306 -4.63 -40.22 -11.15
C GLU A 306 -5.56 -40.71 -10.06
N ILE A 307 -5.04 -41.03 -8.88
CA ILE A 307 -5.95 -41.37 -7.79
C ILE A 307 -5.99 -40.27 -6.73
N TRP A 308 -5.68 -39.04 -7.14
CA TRP A 308 -5.64 -37.88 -6.24
C TRP A 308 -6.87 -37.01 -6.52
N PHE A 309 -7.91 -37.18 -5.71
CA PHE A 309 -9.19 -36.51 -5.93
C PHE A 309 -9.30 -35.26 -5.06
N SER A 310 -8.33 -34.37 -5.27
CA SER A 310 -8.15 -33.25 -4.35
C SER A 310 -7.35 -32.18 -5.08
N PRO A 311 -7.72 -30.90 -4.93
CA PRO A 311 -6.89 -29.83 -5.50
C PRO A 311 -5.71 -29.44 -4.64
N PHE A 312 -5.64 -29.93 -3.40
CA PHE A 312 -4.61 -29.52 -2.45
C PHE A 312 -3.25 -30.11 -2.81
N SER A 313 -2.20 -29.49 -2.27
CA SER A 313 -0.86 -30.02 -2.45
C SER A 313 -0.67 -31.29 -1.63
N SER A 314 -1.17 -31.30 -0.40
CA SER A 314 -0.83 -32.39 0.50
C SER A 314 -1.96 -32.62 1.49
N LEU A 315 -1.95 -33.83 2.06
CA LEU A 315 -2.93 -34.21 3.07
C LEU A 315 -2.20 -34.92 4.21
N SER A 316 -2.47 -34.53 5.44
CA SER A 316 -1.89 -35.17 6.61
C SER A 316 -2.98 -35.78 7.47
N LEU A 317 -2.73 -36.97 7.98
CA LEU A 317 -3.65 -37.70 8.84
C LEU A 317 -3.03 -37.79 10.23
N ILE A 318 -3.69 -37.16 11.20
CA ILE A 318 -3.22 -37.08 12.59
C ILE A 318 -4.17 -37.92 13.43
N VAL A 319 -3.68 -39.03 13.96
CA VAL A 319 -4.48 -40.02 14.66
C VAL A 319 -4.21 -39.89 16.15
N ASN A 320 -5.26 -39.59 16.91
CA ASN A 320 -5.24 -39.61 18.38
C ASN A 320 -4.16 -38.69 18.94
N ARG A 321 -4.15 -37.46 18.46
CA ARG A 321 -3.22 -36.44 18.94
C ARG A 321 -3.99 -35.15 19.19
N ALA A 322 -3.88 -34.62 20.40
CA ALA A 322 -4.28 -33.26 20.67
C ALA A 322 -3.38 -32.30 19.90
N THR A 323 -3.85 -31.07 19.70
CA THR A 323 -3.15 -30.09 18.88
C THR A 323 -3.01 -28.79 19.66
N PRO A 324 -1.80 -28.36 20.00
CA PRO A 324 -1.64 -27.10 20.72
C PRO A 324 -1.86 -25.91 19.80
N ILE A 325 -2.07 -24.75 20.42
CA ILE A 325 -2.26 -23.51 19.67
C ILE A 325 -1.02 -23.26 18.81
N HIS A 326 -1.23 -23.02 17.52
CA HIS A 326 -0.12 -22.84 16.60
C HIS A 326 -0.62 -22.16 15.34
N ARG A 327 0.32 -21.62 14.57
CA ARG A 327 0.12 -21.26 13.18
C ARG A 327 0.96 -22.19 12.32
N ASP A 328 0.41 -22.64 11.21
CA ASP A 328 1.18 -23.41 10.24
C ASP A 328 1.96 -22.43 9.37
N THR A 329 3.29 -22.46 9.47
CA THR A 329 4.12 -21.42 8.87
C THR A 329 4.74 -21.82 7.53
N SER A 330 4.60 -23.07 7.11
CA SER A 330 5.35 -23.58 5.97
C SER A 330 4.65 -23.40 4.63
N GLY A 331 3.38 -23.00 4.62
CA GLY A 331 2.66 -22.88 3.37
C GLY A 331 2.59 -21.46 2.90
N PRO A 332 1.98 -21.22 1.73
CA PRO A 332 1.82 -19.85 1.24
C PRO A 332 0.91 -19.03 2.16
N ILE A 333 1.21 -17.73 2.22
CA ILE A 333 0.46 -16.80 3.08
C ILE A 333 -1.03 -16.90 2.82
N GLU A 334 -1.41 -16.92 1.55
CA GLU A 334 -2.78 -16.84 1.09
C GLU A 334 -3.50 -18.19 1.04
N GLY A 335 -2.87 -19.27 1.52
CA GLY A 335 -3.44 -20.60 1.37
C GLY A 335 -4.55 -20.86 2.37
N MET A 336 -5.69 -21.34 1.87
CA MET A 336 -6.79 -21.78 2.71
C MET A 336 -6.66 -23.29 2.92
N ASP A 337 -6.44 -23.70 4.16
CA ASP A 337 -6.35 -25.10 4.52
C ASP A 337 -7.72 -25.58 5.00
N ILE A 338 -7.91 -26.90 4.94
CA ILE A 338 -9.17 -27.49 5.37
C ILE A 338 -8.91 -28.63 6.35
N LEU A 339 -9.53 -28.56 7.51
CA LEU A 339 -9.46 -29.60 8.53
C LEU A 339 -10.78 -30.35 8.58
N VAL A 340 -10.69 -31.68 8.64
CA VAL A 340 -11.84 -32.56 8.83
C VAL A 340 -11.52 -33.43 10.04
N THR A 341 -12.39 -33.42 11.04
CA THR A 341 -12.17 -34.21 12.24
C THR A 341 -13.21 -35.32 12.34
N GLY A 342 -12.78 -36.46 12.88
CA GLY A 342 -13.67 -37.60 13.06
C GLY A 342 -13.21 -38.47 14.21
N GLY A 343 -13.99 -39.52 14.47
CA GLY A 343 -13.71 -40.44 15.55
C GLY A 343 -14.93 -40.66 16.40
N ASN A 344 -14.72 -41.16 17.61
CA ASN A 344 -15.80 -41.42 18.56
C ASN A 344 -15.53 -40.65 19.84
N TYR A 345 -15.81 -39.35 19.80
CA TYR A 345 -15.64 -38.46 20.94
C TYR A 345 -16.81 -37.48 20.95
N SER A 346 -17.02 -36.85 22.11
CA SER A 346 -18.17 -35.98 22.30
C SER A 346 -17.84 -34.53 22.65
N ASN A 347 -16.61 -34.24 23.09
CA ASN A 347 -16.28 -32.94 23.67
C ASN A 347 -15.21 -32.19 22.88
N GLY A 348 -15.29 -32.24 21.55
CA GLY A 348 -14.28 -31.61 20.71
C GLY A 348 -14.40 -30.09 20.68
N VAL A 349 -13.26 -29.41 20.79
CA VAL A 349 -13.18 -27.96 20.76
C VAL A 349 -12.01 -27.53 19.89
N LEU A 350 -12.24 -26.52 19.05
CA LEU A 350 -11.17 -25.85 18.32
C LEU A 350 -11.08 -24.41 18.82
N VAL A 351 -9.88 -23.99 19.21
CA VAL A 351 -9.67 -22.72 19.87
C VAL A 351 -9.03 -21.75 18.88
N THR A 352 -9.67 -20.60 18.67
CA THR A 352 -9.08 -19.51 17.88
C THR A 352 -8.96 -18.30 18.79
N PRO A 353 -7.77 -18.06 19.37
CA PRO A 353 -7.65 -16.97 20.36
C PRO A 353 -7.77 -15.59 19.75
N SER A 354 -7.20 -15.36 18.57
CA SER A 354 -7.25 -14.03 17.98
C SER A 354 -8.66 -13.66 17.53
N PHE A 355 -9.59 -14.60 17.53
CA PHE A 355 -11.00 -14.30 17.31
C PHE A 355 -11.80 -14.36 18.60
N ASN A 356 -11.15 -14.63 19.73
CA ASN A 356 -11.81 -14.75 21.02
C ASN A 356 -12.93 -15.79 20.93
N ARG A 357 -12.61 -16.94 20.35
CA ARG A 357 -13.67 -17.92 20.09
C ARG A 357 -13.18 -19.34 20.33
N ARG A 358 -14.11 -20.16 20.82
CA ARG A 358 -14.00 -21.61 20.82
C ARG A 358 -15.15 -22.14 19.97
N TRP A 359 -14.89 -23.21 19.22
CA TRP A 359 -15.85 -23.76 18.28
C TRP A 359 -16.04 -25.22 18.57
N THR A 360 -17.30 -25.66 18.63
CA THR A 360 -17.58 -27.08 18.84
C THR A 360 -17.05 -27.89 17.67
N TYR A 361 -16.16 -28.85 17.98
CA TYR A 361 -15.31 -29.50 16.98
C TYR A 361 -15.50 -31.02 17.10
N ASN A 362 -16.70 -31.49 16.79
CA ASN A 362 -17.11 -32.89 16.93
C ASN A 362 -17.05 -33.61 15.58
N PRO A 363 -17.12 -34.95 15.59
CA PRO A 363 -16.97 -35.71 14.34
C PRO A 363 -17.89 -35.20 13.24
N GLY A 364 -17.35 -35.13 12.02
CA GLY A 364 -18.06 -34.58 10.88
C GLY A 364 -17.84 -33.11 10.63
N CYS A 365 -17.17 -32.40 11.53
CA CYS A 365 -16.99 -30.96 11.39
C CYS A 365 -15.86 -30.64 10.40
N VAL A 366 -16.08 -29.62 9.57
CA VAL A 366 -15.12 -29.15 8.60
C VAL A 366 -14.79 -27.70 8.96
N VAL A 367 -13.51 -27.36 8.96
CA VAL A 367 -13.06 -26.00 9.24
C VAL A 367 -12.09 -25.56 8.15
N ALA A 368 -12.42 -24.50 7.45
CA ALA A 368 -11.50 -23.89 6.50
C ALA A 368 -10.88 -22.64 7.12
N LEU A 369 -9.56 -22.49 6.97
CA LEU A 369 -8.89 -21.40 7.66
C LEU A 369 -7.57 -21.06 6.98
N LEU A 370 -7.18 -19.80 7.10
CA LEU A 370 -5.84 -19.36 6.69
C LEU A 370 -4.88 -19.81 7.79
N GLY A 371 -4.31 -20.99 7.59
CA GLY A 371 -3.50 -21.62 8.63
C GLY A 371 -2.26 -20.81 9.00
N LYS A 372 -1.75 -20.00 8.06
CA LYS A 372 -0.58 -19.18 8.35
C LYS A 372 -0.92 -17.89 9.09
N LEU A 373 -2.20 -17.54 9.17
CA LEU A 373 -2.67 -16.38 9.89
C LEU A 373 -3.36 -16.74 11.20
N VAL A 374 -4.18 -17.78 11.19
CA VAL A 374 -5.09 -18.07 12.30
C VAL A 374 -4.42 -19.02 13.28
N LEU A 375 -4.26 -18.57 14.52
CA LEU A 375 -3.88 -19.45 15.60
C LEU A 375 -5.02 -20.42 15.89
N HIS A 376 -4.68 -21.71 16.02
CA HIS A 376 -5.69 -22.72 16.26
C HIS A 376 -5.08 -23.90 16.99
N GLY A 377 -5.89 -24.54 17.82
CA GLY A 377 -5.46 -25.73 18.56
C GLY A 377 -6.68 -26.55 18.95
N VAL A 378 -6.43 -27.81 19.28
CA VAL A 378 -7.50 -28.75 19.63
C VAL A 378 -7.11 -29.51 20.88
N PRO A 379 -7.75 -29.27 22.02
CA PRO A 379 -7.40 -30.01 23.24
C PRO A 379 -7.76 -31.49 23.14
N GLU A 380 -7.26 -32.24 24.11
CA GLU A 380 -7.59 -33.66 24.22
C GLU A 380 -9.10 -33.87 24.31
N VAL A 381 -9.59 -34.93 23.68
CA VAL A 381 -11.00 -35.28 23.68
C VAL A 381 -11.20 -36.52 24.55
N ASP A 382 -12.47 -36.79 24.87
CA ASP A 382 -12.83 -37.92 25.75
C ASP A 382 -13.06 -39.20 24.95
N GLY A 383 -12.12 -39.52 24.07
CA GLY A 383 -12.27 -40.65 23.18
C GLY A 383 -11.22 -40.59 22.09
N GLU A 384 -11.43 -41.39 21.06
CA GLU A 384 -10.49 -41.46 19.95
C GLU A 384 -10.89 -40.52 18.83
N ARG A 385 -9.88 -39.92 18.20
CA ARG A 385 -10.09 -38.87 17.20
C ARG A 385 -8.99 -38.96 16.15
N TYR A 386 -9.34 -38.59 14.93
CA TYR A 386 -8.40 -38.38 13.85
C TYR A 386 -8.74 -37.07 13.13
N CYS A 387 -7.73 -36.51 12.46
CA CYS A 387 -7.88 -35.27 11.71
C CYS A 387 -7.22 -35.41 10.35
N MET A 388 -7.90 -34.97 9.30
CA MET A 388 -7.34 -34.85 7.96
C MET A 388 -7.14 -33.36 7.68
N ALA A 389 -5.88 -32.97 7.49
CA ALA A 389 -5.50 -31.59 7.24
C ALA A 389 -5.05 -31.49 5.79
N HIS A 390 -5.77 -30.69 5.00
CA HIS A 390 -5.45 -30.45 3.60
C HIS A 390 -4.79 -29.10 3.46
N PHE A 391 -3.60 -29.08 2.85
CA PHE A 391 -2.79 -27.86 2.83
C PHE A 391 -1.94 -27.81 1.56
N TRP A 392 -1.08 -26.79 1.49
CA TRP A 392 -0.51 -26.30 0.24
C TRP A 392 1.01 -26.16 0.32
N ARG A 393 1.64 -26.22 -0.86
CA ARG A 393 3.07 -25.94 -1.02
C ARG A 393 3.22 -25.00 -2.21
N GLU A 394 3.58 -23.75 -1.94
CA GLU A 394 3.65 -22.73 -2.98
C GLU A 394 4.73 -23.04 -4.01
N ARG A 395 5.81 -23.71 -3.61
CA ARG A 395 6.88 -24.03 -4.55
C ARG A 395 6.37 -24.94 -5.65
N LEU A 396 5.34 -25.75 -5.38
CA LEU A 396 4.73 -26.53 -6.44
C LEU A 396 4.06 -25.62 -7.47
N PHE A 397 3.40 -24.56 -7.00
CA PHE A 397 2.80 -23.58 -7.90
C PHE A 397 3.88 -22.90 -8.74
N ASP A 398 5.01 -22.56 -8.12
CA ASP A 398 6.11 -21.97 -8.86
C ASP A 398 6.63 -22.93 -9.93
N ALA A 399 6.84 -24.20 -9.55
CA ALA A 399 7.34 -25.19 -10.49
C ALA A 399 6.39 -25.39 -11.66
N ALA A 400 5.09 -25.42 -11.38
CA ALA A 400 4.09 -25.61 -12.43
C ALA A 400 3.84 -24.36 -13.25
N GLY A 401 4.48 -23.24 -12.91
CA GLY A 401 4.25 -22.01 -13.64
C GLY A 401 2.88 -21.41 -13.41
N VAL A 402 2.27 -21.66 -12.27
CA VAL A 402 0.93 -21.18 -11.95
C VAL A 402 1.04 -20.20 -10.79
N PRO A 403 0.64 -18.93 -10.96
CA PRO A 403 0.69 -17.98 -9.84
C PRO A 403 -0.24 -18.42 -8.71
N PHE A 404 0.20 -18.18 -7.48
CA PHE A 404 -0.66 -18.43 -6.34
C PHE A 404 -1.58 -17.22 -6.14
N PRO A 405 -2.90 -17.41 -6.12
CA PRO A 405 -3.82 -16.27 -6.06
C PRO A 405 -4.04 -15.76 -4.64
N TYR A 406 -4.47 -14.48 -4.56
CA TYR A 406 -4.84 -13.86 -3.29
C TYR A 406 -6.18 -14.39 -2.78
N PRO A 407 -6.37 -14.45 -1.46
CA PRO A 407 -7.61 -15.03 -0.90
C PRO A 407 -8.87 -14.42 -1.50
N SER A 408 -9.90 -15.25 -1.58
CA SER A 408 -11.19 -14.86 -2.12
C SER A 408 -11.90 -13.86 -1.22
N LYS A 409 -12.71 -13.00 -1.84
CA LYS A 409 -13.73 -12.25 -1.12
C LYS A 409 -15.01 -13.07 -1.10
N TRP A 410 -15.77 -12.95 0.00
CA TRP A 410 -16.93 -13.82 0.16
C TRP A 410 -17.99 -13.59 -0.91
N GLN A 411 -18.15 -12.34 -1.37
CA GLN A 411 -19.18 -12.00 -2.35
C GLN A 411 -19.00 -12.74 -3.67
N GLU A 412 -17.78 -13.19 -3.97
CA GLU A 412 -17.55 -13.91 -5.22
C GLU A 412 -18.37 -15.20 -5.26
N SER A 413 -18.70 -15.78 -4.10
CA SER A 413 -19.61 -16.90 -4.08
C SER A 413 -20.94 -16.55 -4.74
N TYR A 414 -21.49 -15.36 -4.41
CA TYR A 414 -22.78 -14.83 -4.86
C TYR A 414 -22.81 -14.40 -6.33
N THR A 415 -21.77 -14.61 -7.13
CA THR A 415 -21.75 -14.12 -8.50
C THR A 415 -22.67 -14.93 -9.40
N LEU D 17 -1.84 32.71 24.83
CA LEU D 17 -2.98 32.99 23.97
C LEU D 17 -4.24 32.35 24.56
N PRO D 18 -5.24 33.17 24.88
CA PRO D 18 -6.44 32.62 25.53
C PRO D 18 -7.33 31.81 24.61
N SER D 19 -7.32 32.07 23.30
CA SER D 19 -8.17 31.28 22.41
C SER D 19 -7.78 29.81 22.45
N LEU D 20 -6.50 29.55 22.20
CA LEU D 20 -6.02 28.17 22.14
C LEU D 20 -6.05 27.50 23.50
N LEU D 21 -5.75 28.25 24.56
CA LEU D 21 -5.84 27.71 25.91
C LEU D 21 -7.27 27.29 26.24
N LEU D 22 -8.23 28.16 25.95
CA LEU D 22 -9.62 27.84 26.24
C LEU D 22 -10.05 26.58 25.50
N ILE D 23 -9.72 26.48 24.21
CA ILE D 23 -10.23 25.33 23.46
C ILE D 23 -9.51 24.04 23.87
N ASP D 24 -8.20 24.13 24.18
CA ASP D 24 -7.49 22.95 24.65
C ASP D 24 -8.05 22.45 25.97
N GLU D 25 -8.30 23.37 26.90
CA GLU D 25 -8.84 22.97 28.20
C GLU D 25 -10.26 22.45 28.06
N ALA D 26 -11.08 23.07 27.22
CA ALA D 26 -12.42 22.55 26.98
C ALA D 26 -12.37 21.14 26.44
N ALA D 27 -11.45 20.86 25.50
CA ALA D 27 -11.34 19.51 24.96
C ALA D 27 -10.93 18.51 26.05
N ALA D 28 -9.93 18.86 26.85
CA ALA D 28 -9.48 17.95 27.90
C ALA D 28 -10.59 17.68 28.92
N VAL D 29 -11.30 18.73 29.34
CA VAL D 29 -12.38 18.57 30.30
C VAL D 29 -13.50 17.71 29.72
N LEU D 30 -13.85 17.93 28.45
CA LEU D 30 -14.88 17.12 27.82
C LEU D 30 -14.46 15.65 27.78
N GLY D 31 -13.19 15.39 27.48
CA GLY D 31 -12.72 14.01 27.49
C GLY D 31 -12.83 13.39 28.86
N ARG D 32 -12.52 14.17 29.91
CA ARG D 32 -12.64 13.65 31.27
C ARG D 32 -14.10 13.35 31.63
N MET D 33 -15.02 14.22 31.24
CA MET D 33 -16.44 13.96 31.52
C MET D 33 -16.91 12.70 30.81
N ILE D 34 -16.54 12.53 29.55
CA ILE D 34 -16.96 11.33 28.83
C ILE D 34 -16.36 10.09 29.47
N GLN D 35 -15.09 10.15 29.86
CA GLN D 35 -14.46 9.02 30.55
C GLN D 35 -15.19 8.68 31.83
N GLY D 36 -15.53 9.69 32.64
CA GLY D 36 -16.29 9.44 33.84
C GLY D 36 -17.64 8.79 33.58
N LEU D 37 -18.32 9.24 32.52
CA LEU D 37 -19.58 8.61 32.14
C LEU D 37 -19.39 7.16 31.73
N ARG D 38 -18.23 6.85 31.14
CA ARG D 38 -17.99 5.48 30.70
C ARG D 38 -17.65 4.54 31.86
N THR D 39 -16.79 5.00 32.79
CA THR D 39 -16.37 4.14 33.89
C THR D 39 -17.38 4.10 35.03
N GLY D 40 -18.26 5.09 35.14
CA GLY D 40 -19.14 5.20 36.28
C GLY D 40 -18.58 5.98 37.44
N ILE D 41 -17.38 6.53 37.31
CA ILE D 41 -16.80 7.40 38.33
C ILE D 41 -16.87 8.82 37.76
N PRO D 42 -17.85 9.62 38.17
CA PRO D 42 -18.08 10.93 37.53
C PRO D 42 -16.87 11.85 37.67
N TYR D 43 -16.52 12.50 36.56
CA TYR D 43 -15.55 13.58 36.66
C TYR D 43 -16.15 14.72 37.45
N ILE D 44 -15.35 15.30 38.34
CA ILE D 44 -15.75 16.47 39.11
C ILE D 44 -14.68 17.52 38.88
N HIS D 45 -15.07 18.64 38.24
CA HIS D 45 -14.08 19.64 37.83
C HIS D 45 -13.60 20.42 39.05
N THR D 46 -12.34 20.19 39.42
CA THR D 46 -11.73 20.87 40.56
C THR D 46 -10.72 21.93 40.17
N GLU D 47 -10.08 21.78 39.00
CA GLU D 47 -9.00 22.67 38.61
C GLU D 47 -9.51 24.10 38.42
N ASN D 48 -8.62 25.06 38.68
CA ASN D 48 -8.90 26.49 38.48
C ASN D 48 -8.39 26.84 37.09
N ASP D 49 -9.24 26.64 36.08
CA ASP D 49 -8.84 26.86 34.70
C ASP D 49 -9.95 27.64 33.99
N SER D 50 -9.90 27.64 32.66
CA SER D 50 -10.87 28.39 31.86
C SER D 50 -12.30 27.90 32.05
N ILE D 51 -12.48 26.61 32.38
CA ILE D 51 -13.84 26.07 32.45
C ILE D 51 -14.57 26.59 33.68
N LYS D 52 -13.85 26.78 34.80
CA LYS D 52 -14.47 27.41 35.96
C LYS D 52 -14.83 28.86 35.68
N ALA D 53 -14.07 29.53 34.81
CA ALA D 53 -14.33 30.94 34.54
C ALA D 53 -15.57 31.12 33.68
N ASN D 54 -16.05 30.06 33.02
CA ASN D 54 -17.27 30.12 32.21
C ASN D 54 -18.18 28.97 32.62
N PRO D 55 -19.09 29.19 33.55
CA PRO D 55 -20.06 28.13 33.90
C PRO D 55 -20.94 27.74 32.73
N ILE D 56 -21.23 28.68 31.83
CA ILE D 56 -22.05 28.36 30.66
C ILE D 56 -21.34 27.33 29.79
N LEU D 57 -20.03 27.53 29.56
CA LEU D 57 -19.24 26.54 28.82
C LEU D 57 -19.26 25.19 29.53
N ARG D 58 -19.11 25.19 30.86
CA ARG D 58 -19.10 23.93 31.61
C ARG D 58 -20.41 23.18 31.44
N THR D 59 -21.53 23.86 31.63
CA THR D 59 -22.83 23.24 31.41
C THR D 59 -22.95 22.66 30.00
N ALA D 60 -22.57 23.45 29.00
CA ALA D 60 -22.68 22.98 27.62
C ALA D 60 -21.79 21.76 27.37
N LEU D 61 -20.60 21.75 27.98
CA LEU D 61 -19.73 20.60 27.86
C LEU D 61 -20.36 19.35 28.47
N TRP D 62 -21.06 19.51 29.60
CA TRP D 62 -21.72 18.35 30.21
C TRP D 62 -22.81 17.82 29.30
N GLN D 63 -23.59 18.70 28.70
CA GLN D 63 -24.63 18.25 27.78
C GLN D 63 -24.01 17.52 26.58
N ALA D 64 -22.93 18.08 26.03
CA ALA D 64 -22.26 17.44 24.90
C ALA D 64 -21.69 16.09 25.31
N ALA D 65 -21.18 15.98 26.53
CA ALA D 65 -20.65 14.70 27.00
C ALA D 65 -21.74 13.64 27.04
N TYR D 66 -22.90 14.01 27.59
CA TYR D 66 -24.03 13.08 27.62
C TYR D 66 -24.39 12.60 26.22
N VAL D 67 -24.58 13.55 25.29
CA VAL D 67 -25.06 13.17 23.96
C VAL D 67 -24.00 12.39 23.19
N LEU D 68 -22.73 12.74 23.39
CA LEU D 68 -21.65 12.02 22.73
C LEU D 68 -21.54 10.59 23.24
N GLU D 69 -21.67 10.40 24.55
CA GLU D 69 -21.64 9.04 25.09
C GLU D 69 -22.80 8.21 24.55
N LYS D 70 -24.00 8.80 24.50
CA LYS D 70 -25.13 8.07 23.93
C LYS D 70 -24.86 7.70 22.48
N ALA D 71 -24.31 8.63 21.69
CA ALA D 71 -24.03 8.32 20.29
C ALA D 71 -22.96 7.24 20.17
N TYR D 72 -21.96 7.26 21.05
CA TYR D 72 -20.92 6.25 21.03
C TYR D 72 -21.44 4.87 21.41
N ARG D 73 -22.58 4.81 22.10
CA ARG D 73 -23.16 3.52 22.44
C ARG D 73 -24.14 3.00 21.40
N ARG D 74 -24.37 3.74 20.30
CA ARG D 74 -25.31 3.34 19.26
C ARG D 74 -24.60 3.44 17.91
N ARG D 75 -23.83 2.41 17.57
CA ARG D 75 -22.91 2.46 16.44
C ARG D 75 -23.38 1.54 15.32
N TYR D 76 -23.59 2.10 14.14
CA TYR D 76 -23.80 1.33 12.93
C TYR D 76 -22.50 1.22 12.15
N ARG D 77 -22.33 0.09 11.46
CA ARG D 77 -21.12 -0.18 10.70
C ARG D 77 -21.48 -0.43 9.25
N VAL D 78 -20.77 0.22 8.33
CA VAL D 78 -20.93 -0.05 6.92
C VAL D 78 -19.97 -1.18 6.55
N PRO D 79 -20.30 -2.01 5.57
CA PRO D 79 -19.45 -3.18 5.28
C PRO D 79 -18.27 -2.85 4.37
N TRP D 80 -17.65 -1.68 4.56
CA TRP D 80 -16.49 -1.28 3.77
C TRP D 80 -15.69 -0.27 4.58
N THR D 81 -14.47 0.00 4.11
CA THR D 81 -13.60 0.97 4.74
C THR D 81 -13.68 2.31 4.02
N ALA D 82 -13.51 3.39 4.78
CA ALA D 82 -13.42 4.72 4.16
C ALA D 82 -12.29 4.78 3.15
N ARG D 83 -11.21 4.04 3.38
CA ARG D 83 -10.06 4.08 2.48
C ARG D 83 -10.42 3.57 1.09
N ARG D 84 -11.11 2.42 1.02
CA ARG D 84 -11.50 1.89 -0.28
C ARG D 84 -12.56 2.77 -0.95
N TYR D 85 -13.50 3.27 -0.17
CA TYR D 85 -14.51 4.19 -0.69
C TYR D 85 -13.87 5.41 -1.33
N MET D 86 -12.93 6.04 -0.61
CA MET D 86 -12.25 7.23 -1.11
C MET D 86 -11.38 6.91 -2.32
N ARG D 87 -10.74 5.73 -2.32
CA ARG D 87 -9.93 5.35 -3.48
C ARG D 87 -10.79 5.18 -4.73
N GLU D 88 -12.06 4.78 -4.56
CA GLU D 88 -12.92 4.70 -5.73
C GLU D 88 -13.50 6.06 -6.14
N LEU D 89 -13.53 7.03 -5.24
CA LEU D 89 -14.04 8.35 -5.60
C LEU D 89 -13.02 9.10 -6.45
N THR D 90 -13.52 9.94 -7.33
CA THR D 90 -12.64 10.87 -8.01
C THR D 90 -12.53 12.15 -7.19
N PRO D 91 -11.44 12.92 -7.34
CA PRO D 91 -11.17 14.01 -6.38
C PRO D 91 -12.24 15.09 -6.32
N ARG D 92 -13.11 15.20 -7.32
CA ARG D 92 -14.17 16.20 -7.31
C ARG D 92 -15.52 15.57 -7.56
N GLN D 93 -15.71 14.33 -7.08
CA GLN D 93 -16.99 13.64 -7.20
C GLN D 93 -17.93 14.19 -6.12
N ASP D 94 -18.75 15.17 -6.50
CA ASP D 94 -19.64 15.83 -5.56
C ASP D 94 -21.04 15.23 -5.54
N GLY D 95 -21.30 14.23 -6.38
CA GLY D 95 -22.61 13.59 -6.45
C GLY D 95 -23.47 14.03 -7.61
N ARG D 96 -22.97 14.88 -8.50
CA ARG D 96 -23.75 15.35 -9.64
C ARG D 96 -23.99 14.26 -10.69
N ASN D 97 -23.15 13.23 -10.73
CA ASN D 97 -23.20 12.20 -11.76
C ASN D 97 -23.98 11.01 -11.20
N ALA D 98 -25.19 10.77 -11.73
CA ALA D 98 -26.06 9.74 -11.19
C ALA D 98 -25.53 8.35 -11.48
N ASN D 99 -24.90 8.17 -12.64
CA ASN D 99 -24.32 6.86 -12.96
C ASN D 99 -23.18 6.52 -11.99
N ARG D 100 -22.30 7.49 -11.74
CA ARG D 100 -21.19 7.25 -10.82
C ARG D 100 -21.69 7.01 -9.41
N GLU D 101 -22.75 7.70 -9.01
CA GLU D 101 -23.30 7.45 -7.68
C GLU D 101 -23.98 6.09 -7.60
N ALA D 102 -24.58 5.62 -8.70
CA ALA D 102 -25.10 4.26 -8.71
C ALA D 102 -23.96 3.25 -8.59
N VAL D 103 -22.85 3.51 -9.28
CA VAL D 103 -21.66 2.66 -9.13
C VAL D 103 -21.23 2.61 -7.66
N MET D 104 -21.15 3.77 -7.02
CA MET D 104 -20.74 3.82 -5.62
C MET D 104 -21.73 3.07 -4.73
N ALA D 105 -23.03 3.28 -4.95
CA ALA D 105 -24.03 2.65 -4.12
C ALA D 105 -24.03 1.14 -4.27
N LYS D 106 -23.70 0.63 -5.47
CA LYS D 106 -23.69 -0.81 -5.64
C LYS D 106 -22.39 -1.43 -5.11
N GLU D 107 -21.26 -0.73 -5.25
CA GLU D 107 -20.00 -1.24 -4.74
C GLU D 107 -19.83 -1.02 -3.24
N PHE D 108 -20.52 -0.05 -2.66
CA PHE D 108 -20.41 0.29 -1.24
C PHE D 108 -21.81 0.43 -0.66
N PRO D 109 -22.51 -0.67 -0.45
CA PRO D 109 -23.91 -0.61 -0.01
C PRO D 109 -23.99 -0.26 1.47
N PRO D 110 -25.19 0.10 1.96
CA PRO D 110 -25.33 0.42 3.39
C PRO D 110 -24.99 -0.75 4.31
N GLY D 111 -25.23 -1.98 3.88
CA GLY D 111 -24.93 -3.14 4.69
C GLY D 111 -26.12 -3.57 5.54
N ALA D 112 -25.99 -4.76 6.12
CA ALA D 112 -27.12 -5.37 6.81
C ALA D 112 -27.55 -4.56 8.03
N GLU D 113 -26.63 -3.98 8.79
CA GLU D 113 -26.97 -3.16 9.98
C GLU D 113 -27.76 -1.90 9.65
N LEU D 114 -27.57 -1.35 8.49
CA LEU D 114 -28.23 -0.07 8.23
C LEU D 114 -29.53 -0.27 7.49
N ASN D 115 -29.54 -1.15 6.52
CA ASN D 115 -30.72 -1.33 5.63
C ASN D 115 -31.89 -2.00 6.33
N SER D 116 -31.63 -2.95 7.22
CA SER D 116 -32.82 -3.62 7.76
C SER D 116 -33.14 -3.39 9.25
N ASP D 117 -34.38 -2.84 9.35
CA ASP D 117 -35.41 -2.34 10.30
C ASP D 117 -35.56 -1.17 11.29
N HIS D 118 -35.24 0.02 10.79
CA HIS D 118 -35.23 1.31 11.53
C HIS D 118 -36.33 2.31 11.16
N PRO D 119 -36.58 3.39 11.91
CA PRO D 119 -37.60 4.38 11.56
C PRO D 119 -37.34 5.31 10.38
N VAL D 120 -38.40 5.93 9.90
CA VAL D 120 -38.34 6.90 8.76
C VAL D 120 -37.23 7.92 9.06
N GLN D 121 -37.18 8.45 10.26
CA GLN D 121 -36.14 9.40 10.68
C GLN D 121 -35.58 8.95 12.01
N GLU D 122 -34.29 9.03 12.16
CA GLU D 122 -33.65 8.74 13.44
C GLU D 122 -33.83 9.96 14.34
N ILE D 123 -33.82 9.76 15.62
CA ILE D 123 -33.95 10.80 16.64
C ILE D 123 -32.94 10.52 17.75
N LEU D 124 -32.34 9.34 17.72
CA LEU D 124 -31.43 9.06 18.81
C LEU D 124 -29.99 9.28 18.37
N PRO D 125 -29.16 9.82 19.26
CA PRO D 125 -27.74 9.99 18.95
C PRO D 125 -27.10 8.69 18.49
N ALA D 126 -26.21 8.78 17.50
CA ALA D 126 -25.61 7.58 16.94
C ALA D 126 -24.34 7.96 16.18
N MET D 127 -23.65 6.96 15.66
CA MET D 127 -22.56 7.21 14.73
C MET D 127 -22.42 6.04 13.77
N ILE D 128 -21.90 6.35 12.58
CA ILE D 128 -21.58 5.37 11.56
C ILE D 128 -20.07 5.20 11.52
N ILE D 129 -19.61 3.96 11.63
CA ILE D 129 -18.19 3.63 11.55
C ILE D 129 -17.99 2.69 10.37
N ASP D 130 -16.75 2.67 9.86
CA ASP D 130 -16.44 1.81 8.73
C ASP D 130 -15.93 0.46 9.23
N ALA D 131 -15.53 -0.40 8.29
CA ALA D 131 -15.08 -1.74 8.62
C ALA D 131 -13.80 -1.75 9.45
N GLU D 132 -13.10 -0.62 9.55
CA GLU D 132 -11.88 -0.53 10.34
C GLU D 132 -12.03 0.46 11.50
N ASP D 133 -13.27 0.66 11.98
CA ASP D 133 -13.56 1.43 13.18
C ASP D 133 -13.29 2.92 13.04
N HIS D 134 -13.18 3.44 11.82
CA HIS D 134 -13.08 4.87 11.61
C HIS D 134 -14.47 5.50 11.58
N ILE D 135 -14.60 6.65 12.21
CA ILE D 135 -15.87 7.38 12.28
C ILE D 135 -16.10 8.14 10.99
N LEU D 136 -17.28 8.00 10.43
CA LEU D 136 -17.66 8.65 9.17
C LEU D 136 -18.74 9.71 9.40
N PHE D 137 -19.57 9.49 10.40
CA PHE D 137 -20.73 10.33 10.72
C PHE D 137 -21.09 10.25 12.20
N CYS D 138 -21.28 11.36 12.88
CA CYS D 138 -21.70 11.37 14.30
C CYS D 138 -22.94 12.24 14.48
N TYR D 139 -24.05 11.62 14.83
CA TYR D 139 -25.31 12.33 14.97
C TYR D 139 -25.53 12.63 16.43
N LEU D 140 -25.54 13.88 16.75
CA LEU D 140 -25.60 14.30 18.13
C LEU D 140 -26.73 15.27 18.23
N PRO D 141 -28.12 14.95 18.22
CA PRO D 141 -29.56 15.76 18.38
C PRO D 141 -29.43 16.37 19.77
N SER D 142 -29.80 17.63 19.85
CA SER D 142 -29.85 18.43 21.09
C SER D 142 -28.51 18.47 21.77
N CYS D 143 -27.45 18.60 21.05
CA CYS D 143 -26.12 18.66 21.64
C CYS D 143 -25.81 19.99 22.36
N VAL D 144 -26.29 21.08 21.84
CA VAL D 144 -25.96 22.45 22.34
C VAL D 144 -26.88 22.82 23.49
N SER D 145 -26.31 23.29 24.59
CA SER D 145 -27.08 23.73 25.77
C SER D 145 -28.00 24.84 25.32
N PRO D 146 -29.39 25.10 25.74
CA PRO D 146 -30.30 26.20 25.38
C PRO D 146 -29.69 27.57 25.54
N ALA D 147 -28.81 27.75 26.53
CA ALA D 147 -28.13 29.04 26.70
C ALA D 147 -27.26 29.37 25.51
N ILE D 148 -26.41 28.43 25.10
CA ILE D 148 -25.53 28.67 23.97
C ILE D 148 -26.34 28.81 22.69
N MET D 149 -27.44 28.07 22.57
CA MET D 149 -28.31 28.25 21.42
C MET D 149 -28.88 29.66 21.38
N THR D 150 -29.33 30.18 22.53
CA THR D 150 -29.78 31.57 22.62
C THR D 150 -28.69 32.53 22.16
N ILE D 151 -27.45 32.31 22.63
CA ILE D 151 -26.33 33.17 22.26
C ILE D 151 -26.13 33.17 20.74
N ILE D 152 -26.09 31.98 20.13
CA ILE D 152 -25.88 31.88 18.69
C ILE D 152 -27.05 32.49 17.93
N ASP D 153 -28.27 32.24 18.39
CA ASP D 153 -29.45 32.86 17.79
C ASP D 153 -29.29 34.37 17.75
N ALA D 154 -28.86 34.96 18.87
CA ALA D 154 -28.71 36.40 18.94
C ALA D 154 -27.61 36.90 18.01
N ALA D 155 -26.46 36.21 17.98
CA ALA D 155 -25.36 36.67 17.12
C ALA D 155 -25.71 36.55 15.64
N VAL D 156 -26.34 35.44 15.25
CA VAL D 156 -26.74 35.27 13.85
C VAL D 156 -27.83 36.27 13.49
N GLY D 157 -28.73 36.56 14.42
CA GLY D 157 -29.70 37.61 14.19
C GLY D 157 -29.07 38.98 14.00
N THR D 158 -28.02 39.29 14.79
CA THR D 158 -27.32 40.56 14.63
C THR D 158 -26.68 40.64 13.25
N LEU D 159 -26.12 39.53 12.76
CA LEU D 159 -25.53 39.56 11.43
C LEU D 159 -26.59 39.70 10.35
N ALA D 160 -27.79 39.15 10.56
CA ALA D 160 -28.79 39.10 9.51
C ALA D 160 -29.89 40.19 9.61
N THR D 161 -29.78 41.15 10.54
CA THR D 161 -30.72 42.29 10.61
C THR D 161 -30.15 43.63 10.15
N THR D 162 -28.87 43.70 9.85
CA THR D 162 -28.20 44.90 9.36
C THR D 162 -28.84 45.39 8.04
N LYS D 163 -28.84 46.72 7.87
CA LYS D 163 -29.13 47.40 6.61
C LYS D 163 -28.35 46.78 5.46
N ASP D 164 -27.08 47.10 5.54
CA ASP D 164 -26.06 47.16 4.54
C ASP D 164 -24.92 46.37 5.09
N GLY D 165 -25.22 45.19 5.63
CA GLY D 165 -24.18 44.27 5.96
C GLY D 165 -23.91 43.45 4.73
N HIS D 166 -22.91 42.58 4.84
CA HIS D 166 -22.53 41.80 3.68
C HIS D 166 -23.69 40.98 3.14
N LEU D 167 -24.56 40.55 4.05
CA LEU D 167 -25.71 39.66 3.72
C LEU D 167 -26.72 40.37 2.82
N GLN D 168 -27.02 41.58 3.15
CA GLN D 168 -27.90 42.42 2.35
C GLN D 168 -27.21 42.90 1.07
N LYS D 169 -25.91 43.20 1.16
CA LYS D 169 -25.18 43.68 -0.01
C LYS D 169 -25.08 42.61 -1.10
N LYS D 170 -25.02 41.34 -0.73
CA LYS D 170 -24.99 40.25 -1.74
C LYS D 170 -26.41 40.00 -2.27
N SER D 171 -27.42 40.20 -1.44
CA SER D 171 -28.83 39.99 -1.83
C SER D 171 -29.25 41.04 -2.85
N ARG D 172 -28.64 42.21 -2.77
CA ARG D 172 -28.93 43.26 -3.75
C ARG D 172 -28.18 42.92 -5.03
N ALA D 173 -26.94 42.51 -4.91
CA ALA D 173 -26.13 42.25 -6.11
C ALA D 173 -26.80 41.21 -7.00
N ARG D 174 -27.70 40.41 -6.47
CA ARG D 174 -28.44 39.45 -7.31
C ARG D 174 -29.67 40.22 -7.71
N GLU D 175 -29.51 41.10 -8.68
CA GLU D 175 -30.65 41.98 -9.00
C GLU D 175 -31.39 41.48 -10.23
N GLY D 176 -30.72 41.51 -11.37
CA GLY D 176 -31.41 41.18 -12.64
C GLY D 176 -31.67 39.71 -12.80
N GLU D 177 -30.90 38.90 -12.08
CA GLU D 177 -31.03 37.46 -12.24
C GLU D 177 -32.46 37.14 -11.85
N ARG D 178 -32.92 37.69 -10.75
CA ARG D 178 -34.26 37.39 -10.22
C ARG D 178 -35.35 37.84 -11.20
N ALA D 179 -35.11 38.92 -11.92
CA ALA D 179 -36.10 39.38 -12.92
C ALA D 179 -36.14 38.41 -14.12
N LEU D 200 -26.79 20.48 -8.67
CA LEU D 200 -25.51 21.09 -8.23
C LEU D 200 -25.09 22.16 -9.24
N GLY D 201 -23.87 22.17 -9.75
CA GLY D 201 -23.48 23.22 -10.69
C GLY D 201 -22.75 24.34 -10.00
N ALA D 202 -22.05 25.20 -10.74
CA ALA D 202 -21.30 26.30 -10.17
C ALA D 202 -22.21 27.24 -9.39
N ASN D 203 -21.75 27.61 -8.22
CA ASN D 203 -22.36 28.61 -7.30
C ASN D 203 -23.65 28.06 -6.66
N TRP D 204 -23.72 26.76 -6.48
CA TRP D 204 -24.92 26.13 -5.90
C TRP D 204 -25.15 26.62 -4.47
N ARG D 205 -24.06 26.86 -3.77
CA ARG D 205 -24.15 27.29 -2.39
C ARG D 205 -24.88 28.62 -2.25
N GLU D 206 -25.00 29.37 -3.34
CA GLU D 206 -25.71 30.63 -3.34
C GLU D 206 -26.77 30.70 -4.44
N ALA D 207 -27.21 29.55 -4.96
CA ALA D 207 -28.28 29.52 -5.96
C ALA D 207 -29.59 30.07 -5.39
N LEU D 208 -30.34 30.77 -6.23
CA LEU D 208 -31.57 31.39 -5.76
C LEU D 208 -32.66 30.36 -5.51
N ASP D 209 -32.57 29.22 -6.20
CA ASP D 209 -33.53 28.13 -6.01
C ASP D 209 -33.59 27.66 -4.56
N LEU D 210 -32.47 27.73 -3.83
CA LEU D 210 -32.37 27.15 -2.50
C LEU D 210 -32.77 28.09 -1.37
N PHE D 211 -32.74 29.40 -1.57
CA PHE D 211 -33.02 30.31 -0.47
C PHE D 211 -34.52 30.43 -0.20
N ARG D 212 -34.83 30.85 1.02
CA ARG D 212 -36.20 30.83 1.53
C ARG D 212 -37.05 31.88 0.84
N GLN D 213 -38.10 31.43 0.16
CA GLN D 213 -39.04 32.35 -0.47
C GLN D 213 -40.06 32.87 0.54
N GLY D 214 -40.23 34.18 0.55
CA GLY D 214 -41.27 34.82 1.35
C GLY D 214 -40.81 35.98 2.19
N ALA D 215 -41.18 35.95 3.47
CA ALA D 215 -40.86 36.98 4.45
C ALA D 215 -39.90 36.38 5.48
N CYS D 216 -38.71 36.95 5.60
CA CYS D 216 -37.68 36.43 6.47
C CYS D 216 -37.26 37.49 7.48
N LYS D 217 -37.06 37.08 8.71
CA LYS D 217 -36.52 37.99 9.72
C LYS D 217 -35.02 38.07 9.50
N MET D 218 -34.43 36.98 9.06
CA MET D 218 -33.00 36.94 8.79
C MET D 218 -32.78 36.94 7.29
N THR D 219 -31.87 37.77 6.82
CA THR D 219 -31.61 37.86 5.38
C THR D 219 -30.92 36.60 4.89
N PRO D 220 -31.53 35.84 3.97
CA PRO D 220 -30.87 34.64 3.46
C PRO D 220 -29.57 34.98 2.76
N GLY D 221 -28.61 34.08 2.85
CA GLY D 221 -27.32 34.30 2.24
C GLY D 221 -26.27 33.38 2.85
N VAL D 222 -25.01 33.67 2.50
CA VAL D 222 -23.87 32.89 2.96
C VAL D 222 -22.72 33.84 3.24
N LEU D 223 -22.10 33.71 4.41
CA LEU D 223 -20.89 34.43 4.75
C LEU D 223 -19.82 33.43 5.19
N THR D 224 -18.54 33.81 5.05
CA THR D 224 -17.45 32.92 5.39
C THR D 224 -16.37 33.67 6.15
N PHE D 225 -15.79 32.99 7.14
CA PHE D 225 -14.81 33.56 8.04
C PHE D 225 -13.64 32.59 8.13
N ALA D 226 -12.45 33.14 8.23
CA ALA D 226 -11.22 32.39 8.39
C ALA D 226 -10.11 33.36 8.76
N PRO D 227 -9.21 33.00 9.67
CA PRO D 227 -8.08 33.90 9.96
C PRO D 227 -7.06 33.97 8.83
N ALA D 228 -6.91 32.89 8.06
CA ALA D 228 -6.03 32.79 6.90
C ALA D 228 -6.77 32.02 5.81
N TRP D 229 -6.79 32.52 4.59
CA TRP D 229 -7.69 32.00 3.57
C TRP D 229 -7.17 32.40 2.22
N TRP D 230 -7.46 31.59 1.26
CA TRP D 230 -7.09 31.88 -0.12
C TRP D 230 -8.33 32.20 -0.94
N PRO D 231 -8.29 33.24 -1.77
CA PRO D 231 -9.37 33.44 -2.73
C PRO D 231 -9.41 32.27 -3.70
N VAL D 232 -10.61 31.98 -4.19
CA VAL D 232 -10.82 30.93 -5.19
C VAL D 232 -9.90 31.13 -6.38
N GLY D 233 -9.12 30.09 -6.71
CA GLY D 233 -8.20 30.17 -7.81
C GLY D 233 -6.88 30.82 -7.49
N HIS D 234 -6.76 31.35 -6.31
CA HIS D 234 -5.55 32.08 -5.93
C HIS D 234 -4.76 31.36 -4.84
N GLU D 235 -4.66 30.04 -4.85
CA GLU D 235 -3.86 29.29 -3.89
C GLU D 235 -2.37 29.33 -4.25
N ASN D 236 -2.00 30.37 -4.98
CA ASN D 236 -0.62 30.62 -5.47
C ASN D 236 -0.01 31.86 -4.80
N GLN D 237 -0.71 32.58 -3.96
CA GLN D 237 -0.12 33.68 -3.22
C GLN D 237 -0.02 33.26 -1.75
N LEU D 238 0.32 34.19 -0.88
CA LEU D 238 0.21 33.87 0.53
C LEU D 238 -1.23 34.06 1.01
N PRO D 239 -1.72 33.19 1.90
CA PRO D 239 -3.08 33.37 2.40
C PRO D 239 -3.19 34.62 3.26
N GLY D 240 -4.40 35.15 3.32
CA GLY D 240 -4.66 36.31 4.12
C GLY D 240 -5.96 36.21 4.88
N PRO D 241 -6.31 37.27 5.61
CA PRO D 241 -7.54 37.24 6.40
C PRO D 241 -8.77 37.20 5.50
N ALA D 242 -9.82 36.57 6.02
CA ALA D 242 -11.09 36.55 5.32
C ALA D 242 -11.61 37.97 5.16
N SER D 243 -12.24 38.24 4.01
CA SER D 243 -12.78 39.58 3.76
C SER D 243 -13.70 40.03 4.89
N THR D 244 -14.58 39.13 5.35
CA THR D 244 -15.54 39.49 6.40
C THR D 244 -14.85 39.93 7.69
N LEU D 245 -13.64 39.45 7.95
CA LEU D 245 -12.97 39.71 9.21
C LEU D 245 -11.97 40.86 9.15
N LYS D 246 -11.83 41.54 8.03
CA LYS D 246 -10.75 42.52 8.06
C LYS D 246 -11.08 43.86 8.70
N PRO D 247 -12.29 44.40 8.59
CA PRO D 247 -12.58 45.62 9.33
C PRO D 247 -12.42 45.37 10.83
N PRO D 248 -11.56 46.14 11.51
CA PRO D 248 -11.36 45.89 12.96
C PRO D 248 -12.60 46.00 13.81
N LYS D 249 -13.65 46.72 13.39
CA LYS D 249 -14.88 46.63 14.17
C LYS D 249 -16.11 46.41 13.29
N GLY D 250 -15.95 45.76 12.15
CA GLY D 250 -17.07 45.39 11.31
C GLY D 250 -17.93 44.28 11.90
N GLU D 251 -19.02 44.00 11.19
CA GLU D 251 -20.01 43.03 11.68
C GLU D 251 -19.42 41.61 11.81
N GLY D 252 -18.48 41.25 10.95
CA GLY D 252 -17.93 39.90 11.02
C GLY D 252 -17.05 39.74 12.23
N ARG D 253 -16.17 40.68 12.47
CA ARG D 253 -15.33 40.54 13.66
C ARG D 253 -16.17 40.63 14.94
N MET D 254 -17.29 41.32 14.98
CA MET D 254 -18.07 41.27 16.20
C MET D 254 -18.95 40.03 16.29
N PHE D 255 -19.23 39.36 15.18
CA PHE D 255 -19.98 38.08 15.26
C PHE D 255 -19.04 37.03 15.79
N LEU D 256 -17.80 37.10 15.39
CA LEU D 256 -16.77 36.18 15.92
C LEU D 256 -16.61 36.40 17.43
N SER D 257 -16.53 37.66 17.88
CA SER D 257 -16.39 38.01 19.31
C SER D 257 -17.63 37.62 20.15
N ASP D 258 -18.76 37.44 19.51
CA ASP D 258 -20.01 37.09 20.22
C ASP D 258 -20.16 35.56 20.42
N ILE D 259 -19.42 34.79 19.78
CA ILE D 259 -19.64 33.31 19.84
C ILE D 259 -18.34 32.56 20.21
N PRO D 260 -17.58 32.98 21.09
CA PRO D 260 -16.35 32.28 21.43
C PRO D 260 -16.65 30.97 22.18
N ILE D 261 -17.74 30.90 22.95
CA ILE D 261 -18.07 29.70 23.76
C ILE D 261 -18.82 28.69 22.88
N ALA D 262 -19.55 29.13 21.89
CA ALA D 262 -20.13 28.16 20.95
C ALA D 262 -19.02 27.50 20.12
N SER D 263 -17.95 28.21 19.88
CA SER D 263 -16.86 27.75 19.01
C SER D 263 -15.98 26.85 19.86
N ALA D 264 -15.75 27.24 21.11
CA ALA D 264 -15.00 26.37 22.00
C ALA D 264 -15.72 25.03 22.19
N LEU D 265 -17.05 25.06 22.29
CA LEU D 265 -17.81 23.83 22.43
C LEU D 265 -17.63 22.94 21.20
N VAL D 266 -17.76 23.54 20.01
CA VAL D 266 -17.61 22.77 18.78
C VAL D 266 -16.21 22.18 18.69
N GLY D 267 -15.19 22.96 19.06
CA GLY D 267 -13.83 22.45 19.01
C GLY D 267 -13.61 21.28 19.96
N ALA D 268 -14.22 21.35 21.15
CA ALA D 268 -14.07 20.25 22.11
C ALA D 268 -14.75 18.99 21.59
N ILE D 269 -15.92 19.13 20.97
CA ILE D 269 -16.58 17.99 20.34
C ILE D 269 -15.66 17.35 19.30
N LEU D 270 -15.07 18.19 18.43
CA LEU D 270 -14.15 17.67 17.43
C LEU D 270 -13.01 16.89 18.06
N ALA D 271 -12.45 17.42 19.16
CA ALA D 271 -11.35 16.71 19.81
C ALA D 271 -11.81 15.36 20.34
N GLN D 272 -13.07 15.25 20.74
CA GLN D 272 -13.56 13.94 21.16
C GLN D 272 -13.67 12.99 19.98
N ILE D 273 -13.99 13.52 18.79
CA ILE D 273 -14.18 12.64 17.64
C ILE D 273 -12.85 12.32 16.94
N ASN D 274 -11.93 13.29 16.86
CA ASN D 274 -10.66 13.07 16.16
C ASN D 274 -9.60 13.91 16.87
N GLN D 275 -8.97 13.32 17.91
CA GLN D 275 -7.98 14.06 18.69
C GLN D 275 -6.77 14.49 17.85
N PRO D 276 -6.16 13.63 17.02
CA PRO D 276 -5.04 14.12 16.21
C PRO D 276 -5.40 15.31 15.34
N LEU D 277 -6.60 15.31 14.75
CA LEU D 277 -7.01 16.44 13.92
C LEU D 277 -7.14 17.71 14.75
N PHE D 278 -7.73 17.60 15.95
CA PHE D 278 -7.83 18.76 16.83
C PHE D 278 -6.45 19.33 17.15
N GLU D 279 -5.54 18.48 17.63
CA GLU D 279 -4.22 18.97 18.02
C GLU D 279 -3.43 19.51 16.83
N SER D 280 -3.59 18.90 15.65
CA SER D 280 -2.86 19.39 14.49
C SER D 280 -3.43 20.72 13.99
N GLY D 281 -4.75 20.89 14.01
CA GLY D 281 -5.32 22.18 13.69
C GLY D 281 -4.87 23.26 14.64
N VAL D 282 -4.79 22.93 15.93
CA VAL D 282 -4.29 23.89 16.91
C VAL D 282 -2.85 24.27 16.61
N LYS D 283 -2.02 23.28 16.26
CA LYS D 283 -0.64 23.57 15.90
C LYS D 283 -0.55 24.47 14.68
N VAL D 284 -1.41 24.23 13.68
CA VAL D 284 -1.45 25.08 12.50
C VAL D 284 -1.76 26.52 12.87
N LEU D 285 -2.77 26.71 13.72
CA LEU D 285 -3.11 28.08 14.15
C LEU D 285 -1.95 28.70 14.90
N ARG D 286 -1.27 27.92 15.72
CA ARG D 286 -0.12 28.41 16.50
C ARG D 286 1.00 28.85 15.56
N GLU D 287 1.27 28.05 14.53
CA GLU D 287 2.31 28.40 13.57
C GLU D 287 1.94 29.65 12.76
N LEU D 288 0.67 29.75 12.34
CA LEU D 288 0.23 30.93 11.60
C LEU D 288 0.33 32.18 12.44
N TYR D 289 0.03 32.07 13.75
CA TYR D 289 0.19 33.21 14.67
C TYR D 289 1.65 33.58 14.83
N SER D 290 2.49 32.60 15.19
CA SER D 290 3.91 32.83 15.42
C SER D 290 4.64 33.29 14.14
N ASN D 291 4.61 32.46 13.09
CA ASN D 291 5.41 32.69 11.90
C ASN D 291 4.73 33.73 11.01
N SER D 292 5.28 34.95 10.99
CA SER D 292 4.72 36.03 10.18
C SER D 292 5.07 35.93 8.71
N LYS D 293 5.98 35.03 8.33
CA LYS D 293 6.38 34.88 6.93
C LYS D 293 5.47 33.94 6.16
N LEU D 294 4.37 33.50 6.76
CA LEU D 294 3.41 32.62 6.11
C LEU D 294 2.19 33.34 5.58
N THR D 295 1.96 34.59 5.98
CA THR D 295 0.67 35.20 5.77
C THR D 295 0.87 36.58 5.17
N LYS D 296 -0.11 37.05 4.42
CA LYS D 296 -0.14 38.48 4.11
C LYS D 296 -0.97 39.16 5.17
N ASP D 297 -0.62 40.41 5.48
CA ASP D 297 -1.31 41.18 6.52
C ASP D 297 -1.34 40.41 7.84
N HIS D 298 -0.14 40.04 8.30
CA HIS D 298 -0.03 39.07 9.38
C HIS D 298 -0.50 39.61 10.73
N SER D 299 -0.31 40.91 11.00
CA SER D 299 -0.92 41.53 12.19
C SER D 299 -2.42 41.26 12.28
N THR D 300 -3.15 41.54 11.19
CA THR D 300 -4.59 41.33 11.20
C THR D 300 -4.94 39.87 11.46
N VAL D 301 -4.23 38.95 10.80
CA VAL D 301 -4.46 37.52 10.99
C VAL D 301 -4.17 37.13 12.43
N SER D 302 -3.18 37.79 13.03
CA SER D 302 -2.84 37.51 14.42
C SER D 302 -3.98 37.92 15.34
N LYS D 303 -4.59 39.08 15.08
CA LYS D 303 -5.77 39.49 15.82
C LYS D 303 -6.90 38.47 15.68
N ILE D 304 -7.17 38.06 14.43
CA ILE D 304 -8.23 37.08 14.18
C ILE D 304 -7.99 35.81 14.99
N ILE D 305 -6.76 35.28 14.91
CA ILE D 305 -6.41 34.08 15.67
C ILE D 305 -6.61 34.30 17.15
N GLU D 306 -6.27 35.49 17.64
CA GLU D 306 -6.44 35.79 19.06
C GLU D 306 -7.89 35.70 19.48
N ILE D 307 -8.82 35.97 18.56
CA ILE D 307 -10.24 35.78 18.86
C ILE D 307 -10.85 34.60 18.10
N TRP D 308 -10.01 33.63 17.72
CA TRP D 308 -10.46 32.46 16.95
C TRP D 308 -10.47 31.27 17.89
N PHE D 309 -11.64 30.94 18.44
CA PHE D 309 -11.75 29.91 19.46
C PHE D 309 -12.16 28.57 18.84
N SER D 310 -11.35 28.11 17.89
CA SER D 310 -11.73 26.98 17.07
C SER D 310 -10.47 26.38 16.45
N PRO D 311 -10.36 25.05 16.39
CA PRO D 311 -9.22 24.44 15.69
C PRO D 311 -9.39 24.35 14.19
N PHE D 312 -10.59 24.61 13.67
CA PHE D 312 -10.88 24.46 12.26
C PHE D 312 -10.22 25.55 11.42
N SER D 313 -10.06 25.27 10.13
CA SER D 313 -9.49 26.26 9.22
C SER D 313 -10.47 27.39 8.96
N SER D 314 -11.75 27.07 8.77
CA SER D 314 -12.70 28.07 8.32
C SER D 314 -14.09 27.73 8.81
N LEU D 315 -14.95 28.75 8.82
CA LEU D 315 -16.33 28.62 9.23
C LEU D 315 -17.23 29.34 8.24
N SER D 316 -18.30 28.69 7.80
CA SER D 316 -19.27 29.33 6.92
C SER D 316 -20.64 29.33 7.57
N LEU D 317 -21.33 30.45 7.42
CA LEU D 317 -22.66 30.66 7.97
C LEU D 317 -23.65 30.73 6.81
N ILE D 318 -24.57 29.79 6.77
CA ILE D 318 -25.56 29.64 5.71
C ILE D 318 -26.92 29.98 6.32
N VAL D 319 -27.51 31.11 5.91
CA VAL D 319 -28.73 31.61 6.51
C VAL D 319 -29.87 31.37 5.53
N ASN D 320 -30.85 30.57 5.97
CA ASN D 320 -32.11 30.35 5.26
C ASN D 320 -31.90 29.80 3.85
N ARG D 321 -31.12 28.73 3.76
CA ARG D 321 -30.89 28.03 2.50
C ARG D 321 -31.04 26.53 2.72
N ALA D 322 -31.88 25.91 1.90
CA ALA D 322 -31.87 24.46 1.80
C ALA D 322 -30.55 23.99 1.21
N THR D 323 -30.24 22.71 1.39
CA THR D 323 -28.96 22.15 0.96
C THR D 323 -29.20 20.89 0.17
N PRO D 324 -28.86 20.85 -1.13
CA PRO D 324 -29.03 19.63 -1.91
C PRO D 324 -27.99 18.58 -1.56
N ILE D 325 -28.28 17.34 -1.95
CA ILE D 325 -27.35 16.24 -1.69
C ILE D 325 -26.04 16.51 -2.39
N HIS D 326 -24.95 16.40 -1.63
CA HIS D 326 -23.64 16.74 -2.17
C HIS D 326 -22.56 16.13 -1.30
N ARG D 327 -21.35 16.08 -1.84
CA ARG D 327 -20.14 15.90 -1.07
C ARG D 327 -19.35 17.20 -1.14
N ASP D 328 -18.78 17.61 -0.02
CA ASP D 328 -17.87 18.76 -0.01
C ASP D 328 -16.51 18.26 -0.47
N THR D 329 -16.05 18.73 -1.64
CA THR D 329 -14.88 18.15 -2.31
C THR D 329 -13.59 18.94 -2.11
N SER D 330 -13.64 20.12 -1.51
CA SER D 330 -12.50 21.02 -1.51
C SER D 330 -11.54 20.80 -0.35
N GLY D 331 -11.90 19.98 0.64
CA GLY D 331 -11.06 19.81 1.79
C GLY D 331 -10.25 18.52 1.74
N PRO D 332 -9.42 18.32 2.75
CA PRO D 332 -8.64 17.08 2.81
C PRO D 332 -9.55 15.87 2.96
N ILE D 333 -9.10 14.75 2.40
CA ILE D 333 -9.90 13.53 2.40
C ILE D 333 -10.31 13.15 3.82
N GLU D 334 -9.38 13.20 4.75
CA GLU D 334 -9.56 12.72 6.12
C GLU D 334 -10.18 13.76 7.06
N GLY D 335 -10.59 14.92 6.56
CA GLY D 335 -11.05 15.98 7.43
C GLY D 335 -12.45 15.72 7.96
N MET D 336 -12.61 15.85 9.27
CA MET D 336 -13.92 15.76 9.91
C MET D 336 -14.51 17.16 10.01
N ASP D 337 -15.61 17.41 9.30
CA ASP D 337 -16.30 18.68 9.37
C ASP D 337 -17.41 18.59 10.41
N ILE D 338 -17.84 19.76 10.89
CA ILE D 338 -18.91 19.82 11.88
C ILE D 338 -19.97 20.83 11.45
N LEU D 339 -21.21 20.37 11.39
CA LEU D 339 -22.37 21.19 11.08
C LEU D 339 -23.18 21.42 12.35
N VAL D 340 -23.62 22.66 12.55
CA VAL D 340 -24.54 23.03 13.62
C VAL D 340 -25.72 23.75 12.99
N THR D 341 -26.93 23.29 13.28
CA THR D 341 -28.13 23.90 12.74
C THR D 341 -28.91 24.59 13.85
N GLY D 342 -29.53 25.71 13.52
CA GLY D 342 -30.34 26.44 14.47
C GLY D 342 -31.42 27.22 13.76
N GLY D 343 -32.27 27.88 14.55
CA GLY D 343 -33.37 28.65 14.04
C GLY D 343 -34.65 28.26 14.73
N ASN D 344 -35.77 28.58 14.10
CA ASN D 344 -37.09 28.26 14.64
C ASN D 344 -37.88 27.50 13.59
N TYR D 345 -37.60 26.21 13.46
CA TYR D 345 -38.26 25.33 12.51
C TYR D 345 -38.51 24.01 13.21
N SER D 346 -39.42 23.21 12.65
CA SER D 346 -39.86 22.00 13.32
C SER D 346 -39.58 20.71 12.55
N ASN D 347 -39.33 20.77 11.24
CA ASN D 347 -39.25 19.59 10.41
C ASN D 347 -37.88 19.43 9.76
N GLY D 348 -36.82 19.70 10.52
CA GLY D 348 -35.48 19.64 9.95
C GLY D 348 -35.03 18.20 9.76
N VAL D 349 -34.49 17.91 8.59
CA VAL D 349 -34.00 16.58 8.23
C VAL D 349 -32.67 16.71 7.50
N LEU D 350 -31.71 15.88 7.85
CA LEU D 350 -30.43 15.71 7.12
C LEU D 350 -30.47 14.33 6.46
N VAL D 351 -30.30 14.24 5.15
CA VAL D 351 -30.44 13.00 4.40
C VAL D 351 -29.05 12.50 4.05
N THR D 352 -28.76 11.25 4.42
CA THR D 352 -27.52 10.57 4.01
C THR D 352 -27.93 9.33 3.23
N PRO D 353 -27.93 9.40 1.89
CA PRO D 353 -28.44 8.27 1.09
C PRO D 353 -27.56 7.04 1.16
N SER D 354 -26.23 7.20 1.14
CA SER D 354 -25.34 6.05 1.13
C SER D 354 -25.36 5.29 2.45
N PHE D 355 -25.96 5.87 3.48
CA PHE D 355 -26.23 5.16 4.73
C PHE D 355 -27.69 4.75 4.83
N ASN D 356 -28.49 5.05 3.82
CA ASN D 356 -29.92 4.74 3.84
C ASN D 356 -30.57 5.35 5.08
N ARG D 357 -30.29 6.63 5.33
CA ARG D 357 -30.73 7.23 6.58
C ARG D 357 -31.21 8.66 6.38
N ARG D 358 -32.15 9.02 7.23
CA ARG D 358 -32.67 10.38 7.41
C ARG D 358 -32.54 10.70 8.90
N TRP D 359 -32.05 11.87 9.23
CA TRP D 359 -31.77 12.21 10.62
C TRP D 359 -32.53 13.47 10.99
N THR D 360 -33.21 13.43 12.14
CA THR D 360 -33.92 14.61 12.61
C THR D 360 -32.93 15.72 12.88
N TYR D 361 -33.12 16.85 12.21
CA TYR D 361 -32.09 17.89 12.12
C TYR D 361 -32.70 19.22 12.56
N ASN D 362 -33.09 19.27 13.82
CA ASN D 362 -33.79 20.40 14.43
C ASN D 362 -32.82 21.26 15.23
N PRO D 363 -33.22 22.48 15.61
CA PRO D 363 -32.28 23.39 16.28
C PRO D 363 -31.56 22.76 17.45
N GLY D 364 -30.27 23.06 17.56
CA GLY D 364 -29.41 22.49 18.56
C GLY D 364 -28.68 21.23 18.13
N CYS D 365 -28.99 20.69 16.96
CA CYS D 365 -28.40 19.43 16.53
C CYS D 365 -27.00 19.67 15.97
N VAL D 366 -26.09 18.75 16.30
CA VAL D 366 -24.71 18.81 15.83
C VAL D 366 -24.43 17.53 15.05
N VAL D 367 -23.82 17.68 13.88
CA VAL D 367 -23.49 16.54 13.02
C VAL D 367 -22.02 16.66 12.62
N ALA D 368 -21.23 15.66 12.98
CA ALA D 368 -19.85 15.57 12.50
C ALA D 368 -19.78 14.53 11.40
N LEU D 369 -19.07 14.86 10.32
CA LEU D 369 -19.09 13.96 9.17
C LEU D 369 -17.87 14.23 8.30
N LEU D 370 -17.41 13.19 7.62
CA LEU D 370 -16.38 13.29 6.59
C LEU D 370 -17.03 13.86 5.34
N GLY D 371 -16.94 15.19 5.18
CA GLY D 371 -17.64 15.86 4.09
C GLY D 371 -17.22 15.38 2.71
N LYS D 372 -15.99 14.87 2.56
CA LYS D 372 -15.52 14.39 1.28
C LYS D 372 -16.04 13.00 0.94
N LEU D 373 -16.60 12.29 1.91
CA LEU D 373 -17.14 10.95 1.70
C LEU D 373 -18.65 10.88 1.74
N VAL D 374 -19.29 11.56 2.70
CA VAL D 374 -20.69 11.35 3.02
C VAL D 374 -21.55 12.30 2.18
N LEU D 375 -22.40 11.74 1.33
CA LEU D 375 -23.43 12.53 0.68
C LEU D 375 -24.44 12.99 1.72
N HIS D 376 -24.78 14.28 1.70
CA HIS D 376 -25.70 14.82 2.68
C HIS D 376 -26.41 16.03 2.11
N GLY D 377 -27.65 16.21 2.55
CA GLY D 377 -28.43 17.37 2.15
C GLY D 377 -29.49 17.65 3.19
N VAL D 378 -30.00 18.88 3.14
CA VAL D 378 -31.01 19.35 4.09
C VAL D 378 -32.13 20.02 3.31
N PRO D 379 -33.32 19.42 3.23
CA PRO D 379 -34.42 20.05 2.50
C PRO D 379 -34.88 21.33 3.19
N GLU D 380 -35.73 22.07 2.48
CA GLU D 380 -36.34 23.26 3.04
C GLU D 380 -37.12 22.93 4.30
N VAL D 381 -37.05 23.81 5.30
CA VAL D 381 -37.73 23.64 6.56
C VAL D 381 -38.92 24.59 6.63
N ASP D 382 -39.79 24.36 7.60
CA ASP D 382 -41.02 25.15 7.76
C ASP D 382 -40.78 26.38 8.63
N GLY D 383 -39.74 27.14 8.31
CA GLY D 383 -39.38 28.27 9.13
C GLY D 383 -37.99 28.75 8.78
N GLU D 384 -37.44 29.58 9.65
CA GLU D 384 -36.13 30.15 9.42
C GLU D 384 -35.05 29.31 10.09
N ARG D 385 -33.91 29.19 9.41
CA ARG D 385 -32.85 28.28 9.81
C ARG D 385 -31.51 28.87 9.40
N TYR D 386 -30.49 28.58 10.19
CA TYR D 386 -29.12 28.87 9.85
C TYR D 386 -28.26 27.65 10.14
N CYS D 387 -27.11 27.60 9.48
CA CYS D 387 -26.14 26.51 9.64
C CYS D 387 -24.74 27.10 9.77
N MET D 388 -23.99 26.58 10.74
CA MET D 388 -22.57 26.88 10.90
C MET D 388 -21.79 25.64 10.50
N ALA D 389 -20.99 25.75 9.45
CA ALA D 389 -20.18 24.66 8.93
C ALA D 389 -18.72 24.95 9.22
N HIS D 390 -18.10 24.09 10.03
CA HIS D 390 -16.69 24.18 10.37
C HIS D 390 -15.93 23.17 9.53
N PHE D 391 -14.90 23.65 8.81
CA PHE D 391 -14.21 22.80 7.85
C PHE D 391 -12.75 23.23 7.72
N TRP D 392 -12.04 22.57 6.80
CA TRP D 392 -10.58 22.55 6.77
C TRP D 392 -10.06 22.91 5.39
N ARG D 393 -8.81 23.39 5.38
CA ARG D 393 -8.06 23.65 4.14
C ARG D 393 -6.68 23.03 4.32
N GLU D 394 -6.40 21.95 3.58
CA GLU D 394 -5.16 21.22 3.76
C GLU D 394 -3.92 22.05 3.43
N ARG D 395 -4.06 22.99 2.49
CA ARG D 395 -2.90 23.80 2.14
C ARG D 395 -2.43 24.61 3.34
N LEU D 396 -3.33 24.90 4.28
CA LEU D 396 -2.92 25.53 5.53
C LEU D 396 -1.98 24.66 6.32
N PHE D 397 -2.29 23.38 6.40
CA PHE D 397 -1.42 22.44 7.08
C PHE D 397 -0.07 22.39 6.37
N ASP D 398 -0.09 22.39 5.04
CA ASP D 398 1.18 22.37 4.30
C ASP D 398 2.01 23.62 4.58
N ALA D 399 1.37 24.79 4.54
CA ALA D 399 2.07 26.05 4.78
C ALA D 399 2.66 26.11 6.18
N ALA D 400 1.90 25.65 7.18
CA ALA D 400 2.36 25.66 8.57
C ALA D 400 3.37 24.57 8.86
N GLY D 401 3.68 23.70 7.90
CA GLY D 401 4.59 22.61 8.15
C GLY D 401 4.03 21.54 9.06
N VAL D 402 2.72 21.39 9.11
CA VAL D 402 2.06 20.43 9.98
C VAL D 402 1.41 19.38 9.10
N PRO D 403 1.81 18.10 9.19
CA PRO D 403 1.17 17.05 8.39
C PRO D 403 -0.30 16.91 8.77
N PHE D 404 -1.12 16.61 7.76
CA PHE D 404 -2.53 16.33 8.05
C PHE D 404 -2.66 14.90 8.56
N PRO D 405 -3.22 14.68 9.73
CA PRO D 405 -3.20 13.35 10.35
C PRO D 405 -4.28 12.42 9.82
N TYR D 406 -4.06 11.12 10.07
CA TYR D 406 -5.03 10.09 9.77
C TYR D 406 -6.14 10.13 10.81
N PRO D 407 -7.38 9.84 10.38
CA PRO D 407 -8.49 9.83 11.33
C PRO D 407 -8.24 8.83 12.45
N SER D 408 -8.66 9.21 13.65
CA SER D 408 -8.57 8.33 14.82
C SER D 408 -9.64 7.24 14.72
N LYS D 409 -9.39 6.13 15.39
CA LYS D 409 -10.44 5.13 15.59
C LYS D 409 -11.28 5.51 16.81
N TRP D 410 -12.55 5.11 16.78
CA TRP D 410 -13.51 5.58 17.79
C TRP D 410 -13.13 5.13 19.20
N GLN D 411 -12.51 3.97 19.35
CA GLN D 411 -12.13 3.49 20.67
C GLN D 411 -11.08 4.37 21.35
N GLU D 412 -10.30 5.12 20.57
CA GLU D 412 -9.20 5.90 21.14
C GLU D 412 -9.66 7.04 22.06
N SER D 413 -10.84 7.61 21.83
CA SER D 413 -11.36 8.63 22.74
C SER D 413 -11.46 8.13 24.18
N LEU G 17 -8.54 7.53 -11.06
CA LEU G 17 -8.06 8.42 -12.11
C LEU G 17 -9.18 8.95 -12.99
N PRO G 18 -9.36 10.26 -13.02
CA PRO G 18 -10.43 10.84 -13.83
C PRO G 18 -10.18 10.75 -15.33
N SER G 19 -8.93 10.67 -15.78
CA SER G 19 -8.65 10.56 -17.21
C SER G 19 -9.26 9.31 -17.80
N LEU G 20 -9.07 8.16 -17.13
CA LEU G 20 -9.62 6.92 -17.62
C LEU G 20 -11.14 6.93 -17.58
N LEU G 21 -11.72 7.58 -16.57
CA LEU G 21 -13.17 7.74 -16.55
C LEU G 21 -13.65 8.55 -17.74
N LEU G 22 -12.92 9.62 -18.08
CA LEU G 22 -13.29 10.43 -19.25
C LEU G 22 -13.30 9.58 -20.52
N ILE G 23 -12.25 8.77 -20.71
CA ILE G 23 -12.21 8.00 -21.96
C ILE G 23 -13.28 6.90 -21.94
N ASP G 24 -13.58 6.35 -20.75
CA ASP G 24 -14.68 5.41 -20.63
C ASP G 24 -16.02 6.05 -21.00
N GLU G 25 -16.23 7.29 -20.55
CA GLU G 25 -17.48 8.01 -20.86
C GLU G 25 -17.58 8.29 -22.35
N ALA G 26 -16.47 8.71 -22.96
CA ALA G 26 -16.48 8.95 -24.41
C ALA G 26 -16.83 7.67 -25.16
N ALA G 27 -16.25 6.55 -24.77
CA ALA G 27 -16.54 5.27 -25.44
C ALA G 27 -18.01 4.89 -25.29
N ALA G 28 -18.54 4.97 -24.07
CA ALA G 28 -19.93 4.58 -23.84
C ALA G 28 -20.89 5.50 -24.60
N VAL G 29 -20.66 6.81 -24.53
CA VAL G 29 -21.53 7.77 -25.21
C VAL G 29 -21.50 7.54 -26.71
N LEU G 30 -20.31 7.29 -27.28
CA LEU G 30 -20.21 7.03 -28.71
C LEU G 30 -21.02 5.79 -29.10
N GLY G 31 -20.93 4.74 -28.27
CA GLY G 31 -21.75 3.56 -28.56
C GLY G 31 -23.23 3.86 -28.53
N ARG G 32 -23.67 4.69 -27.57
CA ARG G 32 -25.09 5.04 -27.49
C ARG G 32 -25.53 5.83 -28.71
N MET G 33 -24.67 6.75 -29.18
CA MET G 33 -24.98 7.51 -30.38
C MET G 33 -25.14 6.59 -31.59
N ILE G 34 -24.23 5.63 -31.74
CA ILE G 34 -24.31 4.71 -32.88
C ILE G 34 -25.57 3.86 -32.80
N GLN G 35 -25.90 3.36 -31.61
CA GLN G 35 -27.12 2.58 -31.45
C GLN G 35 -28.35 3.40 -31.84
N GLY G 36 -28.41 4.65 -31.39
CA GLY G 36 -29.50 5.52 -31.77
C GLY G 36 -29.61 5.72 -33.27
N LEU G 37 -28.46 5.88 -33.94
CA LEU G 37 -28.49 6.01 -35.39
C LEU G 37 -29.02 4.73 -36.05
N ARG G 38 -28.73 3.57 -35.46
CA ARG G 38 -29.16 2.34 -36.10
C ARG G 38 -30.66 2.09 -35.90
N THR G 39 -31.18 2.32 -34.69
CA THR G 39 -32.58 2.02 -34.45
C THR G 39 -33.52 3.12 -34.97
N GLY G 40 -33.02 4.33 -35.19
CA GLY G 40 -33.87 5.44 -35.53
C GLY G 40 -34.39 6.22 -34.34
N ILE G 41 -33.97 5.86 -33.12
CA ILE G 41 -34.30 6.60 -31.92
C ILE G 41 -33.06 7.35 -31.44
N PRO G 42 -32.96 8.65 -31.70
CA PRO G 42 -31.71 9.37 -31.39
C PRO G 42 -31.38 9.33 -29.91
N TYR G 43 -30.11 9.08 -29.62
CA TYR G 43 -29.61 9.21 -28.25
C TYR G 43 -29.70 10.66 -27.79
N ILE G 44 -30.10 10.85 -26.55
CA ILE G 44 -30.21 12.18 -25.94
C ILE G 44 -29.35 12.17 -24.68
N HIS G 45 -28.28 12.97 -24.68
CA HIS G 45 -27.33 12.96 -23.58
C HIS G 45 -27.87 13.76 -22.41
N THR G 46 -28.24 13.07 -21.33
CA THR G 46 -28.75 13.71 -20.12
C THR G 46 -27.77 13.71 -18.96
N GLU G 47 -26.84 12.75 -18.93
CA GLU G 47 -25.95 12.57 -17.78
C GLU G 47 -25.10 13.81 -17.55
N ASN G 48 -24.81 14.07 -16.27
CA ASN G 48 -23.95 15.20 -15.89
C ASN G 48 -22.52 14.70 -15.80
N ASP G 49 -21.87 14.66 -16.95
CA ASP G 49 -20.52 14.11 -17.04
C ASP G 49 -19.68 15.05 -17.89
N SER G 50 -18.49 14.57 -18.28
CA SER G 50 -17.59 15.38 -19.08
C SER G 50 -18.19 15.67 -20.46
N ILE G 51 -19.05 14.78 -20.96
CA ILE G 51 -19.57 14.94 -22.31
C ILE G 51 -20.59 16.08 -22.37
N LYS G 52 -21.42 16.22 -21.33
CA LYS G 52 -22.32 17.36 -21.27
C LYS G 52 -21.58 18.66 -21.04
N ALA G 53 -20.49 18.61 -20.28
CA ALA G 53 -19.74 19.82 -19.93
C ALA G 53 -18.82 20.30 -21.04
N ASN G 54 -18.53 19.48 -22.04
CA ASN G 54 -17.61 19.84 -23.12
C ASN G 54 -18.28 19.65 -24.47
N PRO G 55 -18.86 20.71 -25.04
CA PRO G 55 -19.51 20.58 -26.35
C PRO G 55 -18.57 20.16 -27.47
N ILE G 56 -17.28 20.50 -27.39
CA ILE G 56 -16.35 20.09 -28.44
C ILE G 56 -16.25 18.57 -28.50
N LEU G 57 -16.07 17.95 -27.33
CA LEU G 57 -16.02 16.50 -27.24
C LEU G 57 -17.33 15.86 -27.71
N ARG G 58 -18.47 16.42 -27.29
CA ARG G 58 -19.77 15.88 -27.69
C ARG G 58 -19.96 15.93 -29.20
N THR G 59 -19.71 17.09 -29.81
CA THR G 59 -19.81 17.22 -31.25
C THR G 59 -18.89 16.22 -31.95
N ALA G 60 -17.65 16.10 -31.47
CA ALA G 60 -16.70 15.19 -32.12
C ALA G 60 -17.17 13.75 -32.03
N LEU G 61 -17.75 13.37 -30.89
CA LEU G 61 -18.31 12.04 -30.75
C LEU G 61 -19.48 11.83 -31.71
N TRP G 62 -20.30 12.86 -31.92
CA TRP G 62 -21.40 12.75 -32.86
C TRP G 62 -20.89 12.50 -34.29
N GLN G 63 -19.87 13.25 -34.69
CA GLN G 63 -19.30 13.07 -36.04
C GLN G 63 -18.70 11.68 -36.19
N ALA G 64 -17.97 11.22 -35.17
CA ALA G 64 -17.41 9.88 -35.24
C ALA G 64 -18.53 8.84 -35.33
N ALA G 65 -19.63 9.06 -34.63
CA ALA G 65 -20.76 8.12 -34.68
C ALA G 65 -21.35 8.05 -36.09
N TYR G 66 -21.56 9.20 -36.72
CA TYR G 66 -22.07 9.22 -38.09
C TYR G 66 -21.16 8.41 -39.01
N VAL G 67 -19.85 8.70 -38.97
CA VAL G 67 -18.97 8.06 -39.94
C VAL G 67 -18.82 6.57 -39.64
N LEU G 68 -18.78 6.19 -38.37
CA LEU G 68 -18.63 4.78 -38.01
C LEU G 68 -19.87 3.98 -38.40
N GLU G 69 -21.05 4.55 -38.16
CA GLU G 69 -22.27 3.87 -38.57
C GLU G 69 -22.30 3.67 -40.08
N LYS G 70 -21.87 4.68 -40.85
CA LYS G 70 -21.78 4.49 -42.29
C LYS G 70 -20.80 3.37 -42.66
N ALA G 71 -19.62 3.34 -42.02
CA ALA G 71 -18.62 2.34 -42.36
C ALA G 71 -19.09 0.93 -42.06
N TYR G 72 -19.85 0.75 -40.98
CA TYR G 72 -20.32 -0.60 -40.65
C TYR G 72 -21.34 -1.14 -41.67
N ARG G 73 -21.94 -0.27 -42.48
CA ARG G 73 -22.90 -0.70 -43.47
C ARG G 73 -22.27 -1.02 -44.83
N ARG G 74 -20.94 -0.87 -44.96
CA ARG G 74 -20.23 -1.10 -46.22
C ARG G 74 -19.04 -2.04 -45.97
N ARG G 75 -19.32 -3.35 -45.96
CA ARG G 75 -18.35 -4.35 -45.56
C ARG G 75 -17.93 -5.18 -46.77
N TYR G 76 -16.64 -5.16 -47.08
CA TYR G 76 -16.05 -6.08 -48.04
C TYR G 76 -15.41 -7.26 -47.31
N ARG G 77 -15.42 -8.42 -47.96
CA ARG G 77 -14.89 -9.64 -47.36
C ARG G 77 -13.81 -10.23 -48.26
N VAL G 78 -12.67 -10.56 -47.68
CA VAL G 78 -11.60 -11.27 -48.38
C VAL G 78 -11.80 -12.77 -48.16
N PRO G 79 -11.38 -13.62 -49.10
CA PRO G 79 -11.67 -15.06 -48.98
C PRO G 79 -10.66 -15.84 -48.14
N TRP G 80 -10.18 -15.25 -47.05
CA TRP G 80 -9.26 -15.95 -46.17
C TRP G 80 -9.41 -15.39 -44.76
N THR G 81 -8.87 -16.12 -43.79
CA THR G 81 -8.91 -15.70 -42.40
C THR G 81 -7.62 -14.99 -42.04
N ALA G 82 -7.73 -14.00 -41.15
CA ALA G 82 -6.54 -13.34 -40.66
C ALA G 82 -5.58 -14.32 -40.00
N ARG G 83 -6.11 -15.35 -39.34
CA ARG G 83 -5.25 -16.29 -38.61
C ARG G 83 -4.33 -17.05 -39.55
N ARG G 84 -4.86 -17.55 -40.68
CA ARG G 84 -4.03 -18.26 -41.64
C ARG G 84 -3.02 -17.33 -42.29
N TYR G 85 -3.43 -16.09 -42.58
CA TYR G 85 -2.52 -15.09 -43.13
C TYR G 85 -1.35 -14.84 -42.19
N MET G 86 -1.64 -14.63 -40.90
CA MET G 86 -0.58 -14.38 -39.92
C MET G 86 0.29 -15.61 -39.74
N ARG G 87 -0.32 -16.79 -39.76
CA ARG G 87 0.41 -18.04 -39.63
C ARG G 87 1.36 -18.28 -40.78
N GLU G 88 1.03 -17.77 -41.96
CA GLU G 88 1.92 -17.89 -43.11
C GLU G 88 2.97 -16.79 -43.16
N LEU G 89 2.78 -15.69 -42.44
CA LEU G 89 3.77 -14.62 -42.37
C LEU G 89 4.94 -15.03 -41.49
N THR G 90 6.11 -14.47 -41.80
CA THR G 90 7.32 -14.57 -40.99
C THR G 90 7.37 -13.42 -39.98
N PRO G 91 8.10 -13.60 -38.87
CA PRO G 91 7.97 -12.66 -37.74
C PRO G 91 8.40 -11.21 -38.02
N ARG G 92 9.19 -10.95 -39.06
CA ARG G 92 9.57 -9.57 -39.36
C ARG G 92 9.32 -9.24 -40.83
N GLN G 93 8.29 -9.84 -41.41
CA GLN G 93 7.93 -9.59 -42.80
C GLN G 93 7.23 -8.25 -42.90
N ASP G 94 8.00 -7.21 -43.21
CA ASP G 94 7.50 -5.86 -43.32
C ASP G 94 7.16 -5.46 -44.75
N GLY G 95 7.36 -6.37 -45.71
CA GLY G 95 7.05 -6.11 -47.10
C GLY G 95 8.23 -5.75 -47.97
N ARG G 96 9.46 -5.77 -47.43
CA ARG G 96 10.64 -5.45 -48.22
C ARG G 96 11.01 -6.53 -49.22
N ASN G 97 10.55 -7.76 -49.01
CA ASN G 97 10.95 -8.92 -49.83
C ASN G 97 9.89 -9.16 -50.89
N ALA G 98 10.26 -8.90 -52.16
CA ALA G 98 9.27 -8.98 -53.24
C ALA G 98 8.85 -10.43 -53.50
N ASN G 99 9.70 -11.35 -53.21
CA ASN G 99 9.35 -12.74 -53.43
C ASN G 99 8.32 -13.18 -52.40
N ARG G 100 8.53 -12.84 -51.15
CA ARG G 100 7.59 -13.24 -50.11
C ARG G 100 6.25 -12.53 -50.31
N GLU G 101 6.29 -11.29 -50.78
CA GLU G 101 5.05 -10.57 -51.03
C GLU G 101 4.31 -11.10 -52.23
N ALA G 102 5.01 -11.57 -53.27
CA ALA G 102 4.33 -12.24 -54.37
C ALA G 102 3.71 -13.55 -53.93
N VAL G 103 4.41 -14.32 -53.10
CA VAL G 103 3.84 -15.53 -52.52
C VAL G 103 2.57 -15.20 -51.74
N MET G 104 2.62 -14.16 -50.90
CA MET G 104 1.46 -13.76 -50.11
C MET G 104 0.32 -13.34 -51.02
N ALA G 105 0.63 -12.58 -52.07
CA ALA G 105 -0.43 -12.18 -52.98
C ALA G 105 -1.02 -13.37 -53.71
N LYS G 106 -0.24 -14.45 -53.98
CA LYS G 106 -0.96 -15.57 -54.60
C LYS G 106 -1.79 -16.35 -53.60
N GLU G 107 -1.29 -16.52 -52.40
CA GLU G 107 -1.95 -17.37 -51.43
C GLU G 107 -3.14 -16.69 -50.76
N PHE G 108 -3.17 -15.36 -50.77
CA PHE G 108 -4.23 -14.60 -50.12
C PHE G 108 -4.67 -13.47 -51.05
N PRO G 109 -5.44 -13.80 -52.09
CA PRO G 109 -5.82 -12.79 -53.08
C PRO G 109 -6.90 -11.87 -52.54
N PRO G 110 -7.14 -10.73 -53.20
CA PRO G 110 -8.21 -9.84 -52.73
C PRO G 110 -9.59 -10.48 -52.75
N GLY G 111 -9.87 -11.38 -53.68
CA GLY G 111 -11.16 -12.04 -53.76
C GLY G 111 -12.12 -11.32 -54.69
N ALA G 112 -13.24 -12.00 -54.96
CA ALA G 112 -14.19 -11.54 -55.98
C ALA G 112 -14.83 -10.20 -55.60
N GLU G 113 -15.05 -9.94 -54.32
CA GLU G 113 -15.66 -8.68 -53.92
C GLU G 113 -14.72 -7.49 -54.13
N LEU G 114 -13.41 -7.72 -54.22
CA LEU G 114 -12.47 -6.61 -54.26
C LEU G 114 -11.62 -6.52 -55.53
N ASN G 115 -11.40 -7.62 -56.25
CA ASN G 115 -10.58 -7.54 -57.45
C ASN G 115 -11.30 -6.80 -58.58
N SER G 116 -10.54 -6.04 -59.35
CA SER G 116 -11.07 -5.30 -60.49
C SER G 116 -9.94 -4.85 -61.42
N VAL G 120 -12.33 3.60 -58.68
CA VAL G 120 -10.93 3.88 -58.41
C VAL G 120 -10.72 4.05 -56.90
N GLN G 121 -10.03 5.13 -56.55
CA GLN G 121 -9.84 5.59 -55.18
C GLN G 121 -11.16 5.68 -54.43
N GLU G 122 -11.29 4.90 -53.35
CA GLU G 122 -12.55 4.89 -52.60
C GLU G 122 -12.68 6.15 -51.77
N ILE G 123 -13.93 6.53 -51.48
CA ILE G 123 -14.22 7.74 -50.72
C ILE G 123 -15.29 7.48 -49.67
N LEU G 124 -15.91 6.30 -49.70
CA LEU G 124 -16.98 6.10 -48.73
C LEU G 124 -16.48 5.29 -47.54
N PRO G 125 -16.92 5.65 -46.33
CA PRO G 125 -16.54 4.86 -45.15
C PRO G 125 -16.86 3.39 -45.35
N ALA G 126 -15.96 2.53 -44.93
CA ALA G 126 -16.13 1.10 -45.21
C ALA G 126 -15.27 0.30 -44.25
N MET G 127 -15.34 -1.02 -44.40
CA MET G 127 -14.42 -1.89 -43.68
C MET G 127 -14.19 -3.16 -44.47
N ILE G 128 -13.03 -3.76 -44.25
CA ILE G 128 -12.65 -5.05 -44.80
C ILE G 128 -12.68 -6.07 -43.66
N ILE G 129 -13.39 -7.17 -43.89
CA ILE G 129 -13.47 -8.25 -42.92
C ILE G 129 -12.90 -9.51 -43.57
N ASP G 130 -12.49 -10.45 -42.73
CA ASP G 130 -11.93 -11.69 -43.25
C ASP G 130 -13.05 -12.72 -43.40
N ALA G 131 -12.70 -13.95 -43.78
CA ALA G 131 -13.69 -14.97 -44.04
C ALA G 131 -14.47 -15.36 -42.78
N GLU G 132 -14.00 -14.96 -41.60
CA GLU G 132 -14.69 -15.27 -40.35
C GLU G 132 -15.15 -13.98 -39.65
N ASP G 133 -15.40 -12.93 -40.43
CA ASP G 133 -16.02 -11.68 -39.99
C ASP G 133 -15.14 -10.84 -39.08
N HIS G 134 -13.83 -11.09 -39.03
CA HIS G 134 -12.94 -10.25 -38.25
C HIS G 134 -12.57 -8.99 -39.03
N ILE G 135 -12.63 -7.85 -38.36
CA ILE G 135 -12.31 -6.58 -39.01
C ILE G 135 -10.81 -6.44 -39.11
N LEU G 136 -10.33 -6.18 -40.29
CA LEU G 136 -8.88 -6.06 -40.52
C LEU G 136 -8.54 -4.63 -40.80
N PHE G 137 -9.48 -3.89 -41.36
CA PHE G 137 -9.34 -2.50 -41.81
C PHE G 137 -10.66 -1.75 -41.70
N CYS G 138 -10.69 -0.53 -41.14
CA CYS G 138 -11.88 0.32 -41.08
C CYS G 138 -11.51 1.70 -41.61
N TYR G 139 -12.24 2.15 -42.59
CA TYR G 139 -11.95 3.42 -43.28
C TYR G 139 -12.95 4.44 -42.83
N LEU G 140 -12.47 5.49 -42.26
CA LEU G 140 -13.39 6.42 -41.64
C LEU G 140 -12.99 7.76 -42.10
N PRO G 141 -13.23 8.30 -43.41
CA PRO G 141 -12.97 9.75 -44.18
C PRO G 141 -13.78 10.71 -43.31
N SER G 142 -13.14 11.79 -42.96
CA SER G 142 -13.71 12.95 -42.25
C SER G 142 -14.34 12.53 -40.92
N CYS G 143 -13.69 11.64 -40.21
CA CYS G 143 -14.13 11.12 -38.92
C CYS G 143 -13.99 12.19 -37.86
N VAL G 144 -12.95 12.97 -37.94
CA VAL G 144 -12.66 13.98 -36.93
C VAL G 144 -13.33 15.30 -37.27
N SER G 145 -13.99 15.84 -36.27
CA SER G 145 -14.70 17.14 -36.32
C SER G 145 -13.70 18.20 -36.68
N PRO G 146 -13.98 19.42 -37.46
CA PRO G 146 -13.08 20.54 -37.77
C PRO G 146 -12.54 21.24 -36.54
N ALA G 147 -13.31 21.30 -35.45
CA ALA G 147 -12.82 21.91 -34.22
C ALA G 147 -11.61 21.13 -33.69
N ILE G 148 -11.76 19.81 -33.58
CA ILE G 148 -10.67 19.00 -33.07
C ILE G 148 -9.50 18.99 -34.04
N MET G 149 -9.77 19.00 -35.35
CA MET G 149 -8.68 19.08 -36.33
C MET G 149 -7.91 20.37 -36.17
N THR G 150 -8.60 21.50 -35.98
CA THR G 150 -7.94 22.77 -35.68
C THR G 150 -7.07 22.65 -34.42
N ILE G 151 -7.62 22.04 -33.37
CA ILE G 151 -6.88 21.88 -32.12
C ILE G 151 -5.59 21.08 -32.36
N ILE G 152 -5.71 19.94 -33.04
CA ILE G 152 -4.54 19.09 -33.31
C ILE G 152 -3.53 19.83 -34.18
N ASP G 153 -4.01 20.56 -35.19
CA ASP G 153 -3.13 21.37 -36.01
C ASP G 153 -2.32 22.33 -35.14
N ALA G 154 -2.99 23.01 -34.21
CA ALA G 154 -2.28 23.97 -33.37
C ALA G 154 -1.27 23.28 -32.46
N ALA G 155 -1.64 22.14 -31.88
CA ALA G 155 -0.71 21.44 -31.00
C ALA G 155 0.52 20.95 -31.75
N VAL G 156 0.31 20.39 -32.95
CA VAL G 156 1.43 19.89 -33.75
C VAL G 156 2.31 21.03 -34.23
N GLY G 157 1.70 22.16 -34.61
CA GLY G 157 2.47 23.34 -34.98
C GLY G 157 3.30 23.84 -33.82
N THR G 158 2.74 23.82 -32.61
CA THR G 158 3.51 24.21 -31.44
C THR G 158 4.68 23.26 -31.24
N LEU G 159 4.45 21.95 -31.47
CA LEU G 159 5.53 20.98 -31.30
C LEU G 159 6.62 21.15 -32.35
N ALA G 160 6.25 21.51 -33.57
CA ALA G 160 7.21 21.52 -34.67
C ALA G 160 7.80 22.89 -34.92
N THR G 161 7.48 23.89 -34.08
CA THR G 161 8.09 25.20 -34.17
C THR G 161 8.96 25.55 -32.96
N THR G 162 8.99 24.72 -31.91
CA THR G 162 9.83 25.06 -30.75
C THR G 162 11.28 25.21 -31.18
N LYS G 163 11.95 26.23 -30.63
CA LYS G 163 13.25 26.70 -31.11
C LYS G 163 14.37 25.67 -31.09
N ASP G 164 14.56 24.98 -29.98
CA ASP G 164 15.57 23.95 -29.88
C ASP G 164 14.92 22.69 -29.34
N GLY G 165 13.81 22.30 -29.95
CA GLY G 165 13.12 21.08 -29.58
C GLY G 165 13.66 19.87 -30.31
N HIS G 166 13.09 18.72 -29.97
CA HIS G 166 13.58 17.46 -30.51
C HIS G 166 13.52 17.44 -32.03
N LEU G 167 12.47 18.04 -32.62
CA LEU G 167 12.30 17.94 -34.06
C LEU G 167 13.35 18.74 -34.81
N GLN G 168 13.63 19.97 -34.38
CA GLN G 168 14.66 20.77 -35.05
C GLN G 168 16.06 20.20 -34.83
N LYS G 169 16.35 19.74 -33.61
CA LYS G 169 17.63 19.08 -33.38
C LYS G 169 17.77 17.84 -34.26
N LYS G 170 16.67 17.08 -34.49
CA LYS G 170 16.72 15.95 -35.42
C LYS G 170 16.99 16.40 -36.83
N SER G 171 16.32 17.46 -37.23
CA SER G 171 16.40 17.87 -38.61
C SER G 171 17.77 18.40 -38.93
N ARG G 172 18.43 19.02 -37.95
CA ARG G 172 19.80 19.46 -38.16
C ARG G 172 20.77 18.30 -38.05
N ALA G 173 20.43 17.28 -37.25
CA ALA G 173 21.23 16.07 -37.29
C ALA G 173 21.16 15.41 -38.66
N ARG G 174 20.04 15.61 -39.34
CA ARG G 174 19.84 14.99 -40.68
C ARG G 174 20.56 15.81 -41.74
N GLU G 175 20.49 17.12 -41.67
CA GLU G 175 21.22 17.96 -42.62
C GLU G 175 22.69 17.73 -42.40
N GLY G 176 23.13 17.67 -41.17
CA GLY G 176 24.56 17.47 -40.91
C GLY G 176 25.03 16.15 -41.47
N GLU G 177 24.31 15.07 -41.26
CA GLU G 177 24.73 13.80 -41.89
C GLU G 177 24.61 13.84 -43.42
N ARG G 178 23.61 14.46 -44.00
CA ARG G 178 23.57 14.51 -45.47
C ARG G 178 24.81 15.30 -45.96
N ALA G 179 25.09 16.40 -45.31
CA ALA G 179 26.29 17.16 -45.68
C ALA G 179 27.55 16.32 -45.43
N ARG G 180 27.63 15.59 -44.34
CA ARG G 180 28.86 14.81 -44.07
C ARG G 180 29.01 13.71 -45.09
N VAL G 181 27.93 13.11 -45.57
CA VAL G 181 28.13 12.08 -46.63
C VAL G 181 28.84 12.73 -47.83
N GLU G 182 28.51 13.95 -48.28
CA GLU G 182 29.59 14.45 -49.22
C GLU G 182 30.40 15.60 -48.62
N GLY G 201 14.70 -1.03 -45.89
CA GLY G 201 15.58 -0.09 -45.17
C GLY G 201 15.67 -0.45 -43.72
N ALA G 202 16.76 -0.13 -43.07
CA ALA G 202 16.79 -0.47 -41.63
C ALA G 202 16.34 0.70 -40.74
N ASN G 203 16.21 1.90 -41.27
CA ASN G 203 15.65 3.00 -40.44
C ASN G 203 14.82 3.91 -41.35
N TRP G 204 14.05 3.27 -42.17
CA TRP G 204 13.20 3.90 -43.18
C TRP G 204 12.24 4.93 -42.59
N ARG G 205 11.79 4.74 -41.37
CA ARG G 205 10.85 5.61 -40.69
C ARG G 205 11.43 6.99 -40.47
N GLU G 206 12.76 7.12 -40.47
CA GLU G 206 13.42 8.42 -40.38
C GLU G 206 14.34 8.63 -41.56
N ALA G 207 14.15 7.87 -42.64
CA ALA G 207 14.95 8.03 -43.84
C ALA G 207 14.73 9.42 -44.43
N LEU G 208 15.82 10.02 -44.90
CA LEU G 208 15.79 11.41 -45.32
C LEU G 208 15.09 11.61 -46.65
N ASP G 209 15.11 10.59 -47.52
CA ASP G 209 14.39 10.67 -48.80
C ASP G 209 12.89 10.90 -48.60
N LEU G 210 12.33 10.44 -47.48
CA LEU G 210 10.88 10.47 -47.30
C LEU G 210 10.35 11.81 -46.79
N PHE G 211 11.19 12.62 -46.16
CA PHE G 211 10.67 13.84 -45.57
C PHE G 211 10.47 14.91 -46.65
N ARG G 212 9.58 15.85 -46.37
CA ARG G 212 9.17 16.82 -47.37
C ARG G 212 10.31 17.79 -47.64
N GLN G 213 10.73 17.87 -48.88
CA GLN G 213 11.82 18.79 -49.21
C GLN G 213 11.19 20.02 -49.76
N GLY G 214 11.62 21.15 -49.27
CA GLY G 214 11.10 22.40 -49.76
C GLY G 214 10.75 23.41 -48.69
N ALA G 215 9.52 23.92 -48.73
CA ALA G 215 9.05 24.94 -47.80
C ALA G 215 8.02 24.32 -46.87
N CYS G 216 8.40 24.21 -45.59
CA CYS G 216 7.57 23.58 -44.57
C CYS G 216 7.44 24.51 -43.37
N LYS G 217 6.20 24.71 -42.91
CA LYS G 217 5.96 25.48 -41.69
C LYS G 217 6.39 24.68 -40.49
N MET G 218 6.15 23.37 -40.56
CA MET G 218 6.39 22.40 -39.51
C MET G 218 7.63 21.61 -39.83
N THR G 219 8.49 21.44 -38.82
CA THR G 219 9.75 20.74 -39.01
C THR G 219 9.49 19.25 -39.22
N PRO G 220 9.88 18.68 -40.36
CA PRO G 220 9.67 17.23 -40.57
C PRO G 220 10.46 16.43 -39.53
N GLY G 221 9.90 15.27 -39.19
CA GLY G 221 10.54 14.41 -38.21
C GLY G 221 9.55 13.39 -37.68
N VAL G 222 10.00 12.68 -36.63
CA VAL G 222 9.22 11.63 -35.98
C VAL G 222 9.48 11.70 -34.49
N LEU G 223 8.42 11.75 -33.69
CA LEU G 223 8.52 11.66 -32.24
C LEU G 223 7.62 10.56 -31.73
N THR G 224 7.96 10.02 -30.57
CA THR G 224 7.17 8.94 -29.99
C THR G 224 6.96 9.22 -28.52
N PHE G 225 5.74 8.98 -28.04
CA PHE G 225 5.34 9.24 -26.66
C PHE G 225 4.69 7.99 -26.11
N ALA G 226 4.99 7.70 -24.85
CA ALA G 226 4.46 6.53 -24.17
C ALA G 226 4.75 6.63 -22.68
N PRO G 227 3.84 6.18 -21.82
CA PRO G 227 4.14 6.14 -20.38
C PRO G 227 5.12 5.03 -20.00
N ALA G 228 5.16 3.94 -20.78
CA ALA G 228 6.05 2.82 -20.52
C ALA G 228 6.65 2.37 -21.85
N TRP G 229 7.98 2.34 -21.92
CA TRP G 229 8.69 2.31 -23.20
C TRP G 229 10.06 1.69 -22.98
N TRP G 230 10.54 0.94 -23.97
CA TRP G 230 11.89 0.42 -23.92
C TRP G 230 12.75 1.18 -24.92
N PRO G 231 13.81 1.87 -24.46
CA PRO G 231 14.76 2.49 -25.40
C PRO G 231 15.65 1.49 -26.13
N VAL G 232 16.07 1.91 -27.33
CA VAL G 232 17.06 1.17 -28.11
C VAL G 232 18.33 0.96 -27.28
N GLY G 233 18.82 -0.29 -27.27
CA GLY G 233 19.98 -0.70 -26.51
C GLY G 233 19.66 -1.05 -25.08
N HIS G 234 18.45 -0.65 -24.66
CA HIS G 234 17.96 -0.97 -23.30
C HIS G 234 16.64 -1.71 -23.43
N GLU G 235 16.59 -2.84 -24.11
CA GLU G 235 15.31 -3.55 -24.36
C GLU G 235 15.21 -4.76 -23.47
N ASN G 236 16.22 -5.00 -22.67
CA ASN G 236 16.11 -6.10 -21.69
C ASN G 236 16.11 -5.46 -20.30
N GLN G 237 15.73 -4.21 -20.21
CA GLN G 237 15.52 -3.67 -18.85
C GLN G 237 13.99 -3.61 -18.61
N LEU G 238 13.57 -3.08 -17.46
CA LEU G 238 12.14 -2.86 -17.18
C LEU G 238 11.76 -1.65 -18.01
N PRO G 239 10.50 -1.61 -18.46
CA PRO G 239 10.04 -0.47 -19.18
C PRO G 239 10.11 0.82 -18.34
N GLY G 240 10.29 1.94 -19.01
CA GLY G 240 10.24 3.25 -18.33
C GLY G 240 9.60 4.34 -19.18
N PRO G 241 9.51 5.58 -18.71
CA PRO G 241 8.83 6.63 -19.47
C PRO G 241 9.62 6.98 -20.73
N ALA G 242 8.90 7.34 -21.78
CA ALA G 242 9.54 7.77 -23.01
C ALA G 242 10.38 9.01 -22.76
N SER G 243 11.54 9.06 -23.43
CA SER G 243 12.44 10.22 -23.31
C SER G 243 11.70 11.53 -23.61
N THR G 244 10.86 11.53 -24.64
CA THR G 244 10.16 12.74 -25.04
C THR G 244 9.28 13.31 -23.93
N LEU G 245 8.79 12.45 -23.03
CA LEU G 245 7.85 12.87 -21.99
C LEU G 245 8.48 13.10 -20.62
N LYS G 246 9.79 12.94 -20.49
CA LYS G 246 10.36 12.95 -19.15
C LYS G 246 10.42 14.35 -18.52
N PRO G 247 10.73 15.41 -19.25
CA PRO G 247 10.63 16.75 -18.65
C PRO G 247 9.18 17.09 -18.32
N PRO G 248 8.87 17.36 -17.06
CA PRO G 248 7.47 17.60 -16.67
C PRO G 248 6.85 18.80 -17.36
N LYS G 249 7.64 19.71 -17.91
CA LYS G 249 7.11 20.81 -18.69
C LYS G 249 7.84 20.96 -20.02
N GLY G 250 8.40 19.87 -20.54
CA GLY G 250 9.00 19.88 -21.86
C GLY G 250 7.95 19.96 -22.95
N GLU G 251 8.45 20.07 -24.19
CA GLU G 251 7.55 20.19 -25.33
C GLU G 251 6.65 18.97 -25.48
N GLY G 252 7.15 17.79 -25.11
CA GLY G 252 6.35 16.58 -25.29
C GLY G 252 5.20 16.50 -24.31
N ARG G 253 5.45 16.78 -23.04
CA ARG G 253 4.39 16.74 -22.04
C ARG G 253 3.31 17.76 -22.32
N MET G 254 3.67 18.94 -22.84
CA MET G 254 2.63 19.92 -23.12
C MET G 254 1.94 19.67 -24.45
N PHE G 255 2.61 19.04 -25.41
CA PHE G 255 1.88 18.51 -26.56
C PHE G 255 0.85 17.50 -26.10
N LEU G 256 1.17 16.65 -25.16
CA LEU G 256 0.17 15.69 -24.66
C LEU G 256 -0.99 16.42 -23.95
N SER G 257 -0.71 17.54 -23.25
CA SER G 257 -1.72 18.34 -22.50
C SER G 257 -2.63 19.09 -23.46
N ASP G 258 -2.19 19.28 -24.70
CA ASP G 258 -2.96 20.00 -25.72
C ASP G 258 -3.93 19.07 -26.48
N ILE G 259 -3.89 17.90 -26.22
CA ILE G 259 -4.83 17.13 -27.11
C ILE G 259 -5.32 15.88 -26.35
N PRO G 260 -5.82 15.98 -25.22
CA PRO G 260 -6.60 14.98 -24.48
C PRO G 260 -8.00 14.67 -25.05
N ILE G 261 -8.70 15.69 -25.57
CA ILE G 261 -10.05 15.51 -26.19
C ILE G 261 -9.91 14.73 -27.50
N ALA G 262 -8.88 15.02 -28.28
CA ALA G 262 -8.61 14.25 -29.51
C ALA G 262 -8.19 12.81 -29.20
N SER G 263 -7.42 12.65 -28.15
CA SER G 263 -6.93 11.32 -27.73
C SER G 263 -8.12 10.54 -27.19
N ALA G 264 -9.03 11.18 -26.46
CA ALA G 264 -10.26 10.54 -26.01
C ALA G 264 -11.11 10.13 -27.19
N LEU G 265 -11.18 10.97 -28.23
CA LEU G 265 -11.95 10.62 -29.41
C LEU G 265 -11.39 9.38 -30.08
N VAL G 266 -10.07 9.32 -30.25
CA VAL G 266 -9.45 8.16 -30.89
C VAL G 266 -9.72 6.90 -30.08
N GLY G 267 -9.57 6.98 -28.75
CA GLY G 267 -9.85 5.82 -27.93
C GLY G 267 -11.29 5.37 -28.01
N ALA G 268 -12.22 6.33 -28.11
CA ALA G 268 -13.63 5.98 -28.23
C ALA G 268 -13.91 5.27 -29.55
N ILE G 269 -13.29 5.74 -30.63
CA ILE G 269 -13.42 5.05 -31.92
C ILE G 269 -12.93 3.61 -31.78
N LEU G 270 -11.75 3.42 -31.17
CA LEU G 270 -11.25 2.06 -30.98
C LEU G 270 -12.24 1.22 -30.20
N ALA G 271 -12.83 1.79 -29.15
CA ALA G 271 -13.78 1.03 -28.33
C ALA G 271 -15.01 0.64 -29.15
N GLN G 272 -15.38 1.44 -30.14
CA GLN G 272 -16.47 1.02 -31.01
C GLN G 272 -16.07 -0.13 -31.92
N ILE G 273 -14.81 -0.16 -32.36
CA ILE G 273 -14.43 -1.23 -33.29
C ILE G 273 -14.04 -2.50 -32.55
N ASN G 274 -13.36 -2.37 -31.40
CA ASN G 274 -12.83 -3.53 -30.69
C ASN G 274 -12.90 -3.20 -29.19
N GLN G 275 -14.07 -3.46 -28.59
CA GLN G 275 -14.27 -3.16 -27.18
C GLN G 275 -13.33 -3.94 -26.27
N PRO G 276 -13.14 -5.26 -26.44
CA PRO G 276 -12.19 -5.97 -25.57
C PRO G 276 -10.79 -5.37 -25.60
N LEU G 277 -10.31 -4.96 -26.77
CA LEU G 277 -8.99 -4.36 -26.85
C LEU G 277 -8.94 -3.04 -26.09
N PHE G 278 -9.97 -2.21 -26.23
CA PHE G 278 -10.05 -0.95 -25.48
C PHE G 278 -9.98 -1.21 -23.98
N GLU G 279 -10.85 -2.09 -23.48
CA GLU G 279 -10.90 -2.34 -22.04
C GLU G 279 -9.62 -3.00 -21.54
N SER G 280 -8.98 -3.83 -22.36
CA SER G 280 -7.74 -4.47 -21.96
C SER G 280 -6.60 -3.46 -21.90
N GLY G 281 -6.57 -2.52 -22.85
CA GLY G 281 -5.61 -1.44 -22.77
C GLY G 281 -5.79 -0.61 -21.52
N VAL G 282 -7.06 -0.34 -21.15
CA VAL G 282 -7.32 0.40 -19.92
C VAL G 282 -6.84 -0.38 -18.71
N LYS G 283 -7.09 -1.70 -18.68
CA LYS G 283 -6.64 -2.53 -17.56
C LYS G 283 -5.11 -2.55 -17.46
N VAL G 284 -4.42 -2.64 -18.60
CA VAL G 284 -2.96 -2.57 -18.59
C VAL G 284 -2.50 -1.25 -18.00
N LEU G 285 -3.13 -0.15 -18.42
CA LEU G 285 -2.74 1.16 -17.90
C LEU G 285 -2.99 1.25 -16.39
N ARG G 286 -4.12 0.74 -15.91
CA ARG G 286 -4.38 0.75 -14.47
C ARG G 286 -3.32 -0.05 -13.72
N GLU G 287 -2.93 -1.20 -14.25
CA GLU G 287 -1.91 -2.02 -13.59
C GLU G 287 -0.56 -1.31 -13.58
N LEU G 288 -0.19 -0.67 -14.69
CA LEU G 288 1.07 0.09 -14.71
C LEU G 288 1.03 1.25 -13.73
N TYR G 289 -0.13 1.87 -13.56
CA TYR G 289 -0.28 2.95 -12.58
C TYR G 289 -0.13 2.42 -11.15
N SER G 290 -0.90 1.40 -10.82
CA SER G 290 -0.91 0.82 -9.47
C SER G 290 0.43 0.17 -9.14
N ASN G 291 0.85 -0.81 -9.94
CA ASN G 291 2.02 -1.63 -9.63
C ASN G 291 3.29 -0.85 -9.98
N SER G 292 4.00 -0.38 -8.95
CA SER G 292 5.21 0.40 -9.17
C SER G 292 6.42 -0.45 -9.53
N LYS G 293 6.34 -1.77 -9.38
CA LYS G 293 7.46 -2.63 -9.74
C LYS G 293 7.48 -3.09 -11.17
N LEU G 294 6.65 -2.55 -12.03
CA LEU G 294 6.71 -2.97 -13.41
C LEU G 294 7.54 -2.03 -14.26
N THR G 295 7.88 -0.84 -13.74
CA THR G 295 8.54 0.21 -14.50
C THR G 295 9.67 0.83 -13.66
N LYS G 296 10.59 1.46 -14.32
CA LYS G 296 11.59 2.24 -13.62
C LYS G 296 11.03 3.64 -13.63
N ASP G 297 11.48 4.47 -12.68
CA ASP G 297 11.01 5.84 -12.61
C ASP G 297 9.48 5.89 -12.61
N HIS G 298 8.90 5.13 -11.69
CA HIS G 298 7.46 4.93 -11.66
C HIS G 298 6.71 6.20 -11.28
N SER G 299 7.35 7.07 -10.50
CA SER G 299 6.83 8.42 -10.30
C SER G 299 6.43 9.08 -11.62
N THR G 300 7.38 9.17 -12.55
CA THR G 300 7.13 9.81 -13.84
C THR G 300 6.06 9.04 -14.62
N VAL G 301 6.12 7.70 -14.58
CA VAL G 301 5.15 6.88 -15.29
C VAL G 301 3.76 7.13 -14.77
N SER G 302 3.61 7.29 -13.46
CA SER G 302 2.29 7.54 -12.90
C SER G 302 1.76 8.90 -13.31
N LYS G 303 2.60 9.93 -13.26
CA LYS G 303 2.18 11.24 -13.73
C LYS G 303 1.72 11.21 -15.19
N ILE G 304 2.54 10.59 -16.05
CA ILE G 304 2.20 10.49 -17.47
C ILE G 304 0.87 9.75 -17.65
N ILE G 305 0.70 8.62 -16.97
CA ILE G 305 -0.57 7.89 -17.03
C ILE G 305 -1.71 8.81 -16.62
N GLU G 306 -1.48 9.65 -15.61
CA GLU G 306 -2.51 10.58 -15.18
C GLU G 306 -2.90 11.54 -16.29
N ILE G 307 -1.99 11.87 -17.21
CA ILE G 307 -2.43 12.70 -18.33
C ILE G 307 -2.48 11.95 -19.66
N TRP G 308 -2.67 10.63 -19.62
CA TRP G 308 -2.69 9.79 -20.83
C TRP G 308 -4.14 9.42 -21.13
N PHE G 309 -4.75 10.14 -22.08
CA PHE G 309 -6.18 9.97 -22.38
C PHE G 309 -6.39 9.02 -23.55
N SER G 310 -5.85 7.80 -23.39
CA SER G 310 -5.77 6.88 -24.51
C SER G 310 -5.61 5.47 -23.97
N PRO G 311 -6.30 4.47 -24.54
CA PRO G 311 -6.05 3.08 -24.13
C PRO G 311 -4.83 2.47 -24.78
N PHE G 312 -4.25 3.12 -25.79
CA PHE G 312 -3.13 2.54 -26.51
C PHE G 312 -1.86 2.57 -25.66
N SER G 313 -0.91 1.71 -26.04
CA SER G 313 0.40 1.70 -25.39
C SER G 313 1.21 2.93 -25.77
N SER G 314 1.12 3.34 -27.04
CA SER G 314 2.06 4.34 -27.53
C SER G 314 1.42 5.19 -28.61
N LEU G 315 1.97 6.40 -28.79
CA LEU G 315 1.53 7.31 -29.84
C LEU G 315 2.74 7.91 -30.52
N SER G 316 2.79 7.85 -31.84
CA SER G 316 3.89 8.44 -32.60
C SER G 316 3.36 9.53 -33.52
N LEU G 317 4.10 10.63 -33.59
CA LEU G 317 3.77 11.77 -34.43
C LEU G 317 4.79 11.84 -35.55
N ILE G 318 4.33 11.67 -36.78
CA ILE G 318 5.17 11.70 -37.97
C ILE G 318 4.80 12.97 -38.74
N VAL G 319 5.73 13.92 -38.80
CA VAL G 319 5.50 15.24 -39.37
C VAL G 319 6.20 15.33 -40.71
N ASN G 320 5.42 15.56 -41.77
CA ASN G 320 5.94 15.88 -43.11
C ASN G 320 6.84 14.76 -43.64
N ARG G 321 6.33 13.53 -43.61
CA ARG G 321 7.06 12.38 -44.12
C ARG G 321 6.13 11.51 -44.97
N ALA G 322 6.56 11.22 -46.19
CA ALA G 322 5.88 10.18 -46.94
C ALA G 322 6.11 8.83 -46.26
N THR G 323 5.22 7.88 -46.55
CA THR G 323 5.25 6.57 -45.91
C THR G 323 5.20 5.49 -46.98
N PRO G 324 6.26 4.72 -47.17
CA PRO G 324 6.23 3.64 -48.16
C PRO G 324 5.39 2.47 -47.67
N ILE G 325 5.02 1.61 -48.62
CA ILE G 325 4.23 0.44 -48.30
C ILE G 325 5.00 -0.43 -47.32
N HIS G 326 4.33 -0.84 -46.24
CA HIS G 326 5.00 -1.57 -45.18
C HIS G 326 3.95 -2.31 -44.36
N ARG G 327 4.46 -3.23 -43.54
CA ARG G 327 3.75 -3.77 -42.39
C ARG G 327 4.50 -3.32 -41.14
N ASP G 328 3.75 -2.95 -40.11
CA ASP G 328 4.35 -2.61 -38.81
C ASP G 328 4.63 -3.89 -38.04
N THR G 329 5.91 -4.16 -37.76
CA THR G 329 6.32 -5.45 -37.20
C THR G 329 6.54 -5.44 -35.69
N SER G 330 6.53 -4.27 -35.04
CA SER G 330 6.97 -4.19 -33.66
C SER G 330 5.85 -4.43 -32.64
N GLY G 331 4.59 -4.49 -33.09
CA GLY G 331 3.48 -4.65 -32.20
C GLY G 331 2.96 -6.07 -32.21
N PRO G 332 1.94 -6.35 -31.40
CA PRO G 332 1.33 -7.69 -31.44
C PRO G 332 0.64 -7.92 -32.77
N ILE G 333 0.63 -9.20 -33.17
CA ILE G 333 -0.02 -9.57 -34.41
C ILE G 333 -1.49 -9.15 -34.41
N GLU G 334 -2.16 -9.32 -33.27
CA GLU G 334 -3.59 -9.06 -33.15
C GLU G 334 -3.92 -7.59 -32.93
N GLY G 335 -2.92 -6.72 -32.91
CA GLY G 335 -3.14 -5.32 -32.54
C GLY G 335 -3.73 -4.49 -33.66
N MET G 336 -4.81 -3.78 -33.36
CA MET G 336 -5.38 -2.81 -34.27
C MET G 336 -4.83 -1.43 -33.92
N ASP G 337 -4.11 -0.82 -34.86
CA ASP G 337 -3.62 0.53 -34.70
C ASP G 337 -4.60 1.52 -35.31
N ILE G 338 -4.48 2.78 -34.91
CA ILE G 338 -5.33 3.84 -35.42
C ILE G 338 -4.46 4.97 -35.94
N LEU G 339 -4.68 5.36 -37.18
CA LEU G 339 -3.99 6.47 -37.81
C LEU G 339 -4.96 7.64 -37.99
N VAL G 340 -4.48 8.83 -37.67
CA VAL G 340 -5.20 10.08 -37.90
C VAL G 340 -4.29 10.98 -38.72
N THR G 341 -4.76 11.43 -39.88
CA THR G 341 -3.94 12.29 -40.73
C THR G 341 -4.53 13.69 -40.77
N GLY G 342 -3.64 14.68 -40.87
CA GLY G 342 -4.04 16.07 -40.96
C GLY G 342 -3.00 16.87 -41.72
N GLY G 343 -3.28 18.16 -41.87
CA GLY G 343 -2.42 19.11 -42.56
C GLY G 343 -3.21 19.90 -43.58
N ASN G 344 -2.49 20.51 -44.52
CA ASN G 344 -3.09 21.33 -45.58
C ASN G 344 -2.67 20.74 -46.92
N TYR G 345 -3.32 19.66 -47.31
CA TYR G 345 -3.05 18.99 -48.57
C TYR G 345 -4.36 18.48 -49.14
N SER G 346 -4.35 18.18 -50.44
CA SER G 346 -5.57 17.82 -51.15
C SER G 346 -5.57 16.43 -51.76
N ASN G 347 -4.41 15.80 -51.95
CA ASN G 347 -4.31 14.58 -52.74
C ASN G 347 -3.82 13.40 -51.91
N GLY G 348 -4.30 13.29 -50.67
CA GLY G 348 -3.83 12.23 -49.80
C GLY G 348 -4.48 10.90 -50.16
N VAL G 349 -3.65 9.86 -50.24
CA VAL G 349 -4.13 8.51 -50.55
C VAL G 349 -3.39 7.52 -49.65
N LEU G 350 -4.12 6.53 -49.15
CA LEU G 350 -3.55 5.39 -48.44
C LEU G 350 -3.79 4.14 -49.26
N VAL G 351 -2.72 3.39 -49.51
CA VAL G 351 -2.72 2.27 -50.45
C VAL G 351 -2.73 0.95 -49.69
N THR G 352 -3.69 0.09 -50.00
CA THR G 352 -3.73 -1.28 -49.47
C THR G 352 -3.69 -2.26 -50.63
N PRO G 353 -2.51 -2.83 -50.95
CA PRO G 353 -2.40 -3.66 -52.16
C PRO G 353 -3.12 -4.99 -52.06
N SER G 354 -3.06 -5.67 -50.91
CA SER G 354 -3.71 -6.97 -50.80
C SER G 354 -5.23 -6.88 -50.78
N PHE G 355 -5.77 -5.67 -50.66
CA PHE G 355 -7.20 -5.46 -50.85
C PHE G 355 -7.50 -4.85 -52.21
N ASN G 356 -6.47 -4.60 -53.01
CA ASN G 356 -6.62 -3.98 -54.32
C ASN G 356 -7.36 -2.65 -54.20
N ARG G 357 -6.95 -1.83 -53.23
CA ARG G 357 -7.70 -0.61 -52.99
C ARG G 357 -6.77 0.55 -52.68
N ARG G 358 -7.20 1.74 -53.10
CA ARG G 358 -6.65 3.01 -52.65
C ARG G 358 -7.78 3.78 -51.96
N TRP G 359 -7.44 4.50 -50.89
CA TRP G 359 -8.44 5.18 -50.08
C TRP G 359 -8.07 6.63 -49.94
N THR G 360 -9.04 7.51 -50.17
CA THR G 360 -8.80 8.94 -50.03
C THR G 360 -8.46 9.26 -48.58
N TYR G 361 -7.29 9.90 -48.39
CA TYR G 361 -6.65 10.02 -47.09
C TYR G 361 -6.32 11.49 -46.83
N ASN G 362 -7.37 12.29 -46.73
CA ASN G 362 -7.28 13.73 -46.62
C ASN G 362 -7.47 14.14 -45.16
N PRO G 363 -7.14 15.39 -44.81
CA PRO G 363 -7.19 15.80 -43.40
C PRO G 363 -8.50 15.42 -42.71
N GLY G 364 -8.38 14.93 -41.48
CA GLY G 364 -9.52 14.45 -40.73
C GLY G 364 -9.83 12.99 -40.88
N CYS G 365 -9.13 12.28 -41.76
CA CYS G 365 -9.42 10.88 -42.02
C CYS G 365 -8.82 10.00 -40.93
N VAL G 366 -9.57 8.98 -40.52
CA VAL G 366 -9.13 8.03 -39.50
C VAL G 366 -9.14 6.65 -40.12
N VAL G 367 -8.07 5.89 -39.89
CA VAL G 367 -7.98 4.53 -40.40
C VAL G 367 -7.58 3.60 -39.25
N ALA G 368 -8.41 2.61 -38.97
CA ALA G 368 -8.06 1.55 -38.02
C ALA G 368 -7.68 0.31 -38.81
N LEU G 369 -6.58 -0.33 -38.42
CA LEU G 369 -6.11 -1.44 -39.24
C LEU G 369 -5.16 -2.33 -38.44
N LEU G 370 -5.16 -3.62 -38.78
CA LEU G 370 -4.17 -4.54 -38.25
C LEU G 370 -2.86 -4.28 -38.98
N GLY G 371 -2.04 -3.40 -38.40
CA GLY G 371 -0.84 -2.93 -39.07
C GLY G 371 0.20 -4.01 -39.32
N LYS G 372 0.20 -5.07 -38.51
CA LYS G 372 1.14 -6.16 -38.73
C LYS G 372 0.67 -7.13 -39.81
N LEU G 373 -0.58 -7.02 -40.26
CA LEU G 373 -1.12 -7.85 -41.33
C LEU G 373 -1.28 -7.11 -42.65
N VAL G 374 -1.77 -5.87 -42.60
CA VAL G 374 -2.18 -5.13 -43.79
C VAL G 374 -1.01 -4.27 -44.27
N LEU G 375 -0.56 -4.52 -45.49
CA LEU G 375 0.39 -3.62 -46.14
C LEU G 375 -0.29 -2.28 -46.42
N HIS G 376 0.39 -1.19 -46.09
CA HIS G 376 -0.19 0.14 -46.27
C HIS G 376 0.92 1.15 -46.45
N GLY G 377 0.64 2.19 -47.23
CA GLY G 377 1.58 3.28 -47.42
C GLY G 377 0.85 4.53 -47.82
N VAL G 378 1.53 5.67 -47.67
CA VAL G 378 0.94 6.98 -47.96
C VAL G 378 1.93 7.79 -48.78
N PRO G 379 1.65 8.04 -50.07
CA PRO G 379 2.58 8.80 -50.91
C PRO G 379 2.71 10.26 -50.49
N GLU G 380 3.64 10.94 -51.09
CA GLU G 380 3.85 12.37 -50.81
C GLU G 380 2.64 13.15 -51.30
N VAL G 381 2.32 14.15 -50.56
CA VAL G 381 1.14 14.98 -50.79
C VAL G 381 1.57 16.35 -51.27
N ASP G 382 0.60 17.11 -51.79
CA ASP G 382 0.86 18.44 -52.36
C ASP G 382 0.78 19.55 -51.31
N GLY G 383 1.47 19.32 -50.20
CA GLY G 383 1.39 20.24 -49.09
C GLY G 383 1.96 19.61 -47.84
N GLU G 384 1.68 20.24 -46.71
CA GLU G 384 2.21 19.77 -45.43
C GLU G 384 1.21 18.84 -44.77
N ARG G 385 1.75 17.82 -44.09
CA ARG G 385 0.93 16.76 -43.53
C ARG G 385 1.59 16.25 -42.25
N TYR G 386 0.74 15.82 -41.32
CA TYR G 386 1.18 15.08 -40.14
C TYR G 386 0.28 13.87 -39.94
N CYS G 387 0.82 12.87 -39.25
CA CYS G 387 0.12 11.63 -38.91
C CYS G 387 0.33 11.32 -37.44
N MET G 388 -0.75 10.98 -36.76
CA MET G 388 -0.70 10.46 -35.41
C MET G 388 -1.06 8.97 -35.47
N ALA G 389 -0.11 8.12 -35.09
CA ALA G 389 -0.27 6.68 -35.10
C ALA G 389 -0.35 6.16 -33.67
N HIS G 390 -1.48 5.57 -33.32
CA HIS G 390 -1.70 4.97 -32.01
C HIS G 390 -1.52 3.47 -32.13
N PHE G 391 -0.65 2.90 -31.30
CA PHE G 391 -0.28 1.50 -31.44
C PHE G 391 0.05 0.89 -30.07
N TRP G 392 0.49 -0.37 -30.11
CA TRP G 392 0.50 -1.26 -28.96
C TRP G 392 1.87 -1.89 -28.77
N ARG G 393 2.12 -2.32 -27.53
CA ARG G 393 3.29 -3.12 -27.16
C ARG G 393 2.82 -4.29 -26.30
N GLU G 394 2.89 -5.50 -26.85
CA GLU G 394 2.36 -6.67 -26.16
C GLU G 394 3.11 -6.97 -24.86
N ARG G 395 4.40 -6.61 -24.79
CA ARG G 395 5.17 -6.90 -23.58
C ARG G 395 4.61 -6.17 -22.37
N LEU G 396 3.99 -5.01 -22.59
CA LEU G 396 3.30 -4.32 -21.51
C LEU G 396 2.11 -5.12 -21.01
N PHE G 397 1.37 -5.74 -21.95
CA PHE G 397 0.27 -6.61 -21.56
C PHE G 397 0.77 -7.81 -20.78
N ASP G 398 1.89 -8.39 -21.20
CA ASP G 398 2.46 -9.53 -20.49
C ASP G 398 2.85 -9.11 -19.06
N ALA G 399 3.54 -7.98 -18.93
CA ALA G 399 3.96 -7.51 -17.62
C ALA G 399 2.76 -7.25 -16.73
N ALA G 400 1.70 -6.65 -17.28
CA ALA G 400 0.51 -6.36 -16.50
C ALA G 400 -0.36 -7.58 -16.24
N GLY G 401 -0.01 -8.73 -16.81
CA GLY G 401 -0.83 -9.91 -16.62
C GLY G 401 -2.18 -9.84 -17.32
N VAL G 402 -2.27 -9.10 -18.41
CA VAL G 402 -3.52 -8.91 -19.16
C VAL G 402 -3.35 -9.57 -20.52
N PRO G 403 -4.17 -10.57 -20.85
CA PRO G 403 -4.06 -11.18 -22.19
C PRO G 403 -4.39 -10.18 -23.28
N PHE G 404 -3.66 -10.27 -24.39
CA PHE G 404 -3.99 -9.48 -25.56
C PHE G 404 -5.07 -10.19 -26.37
N PRO G 405 -6.21 -9.56 -26.64
CA PRO G 405 -7.32 -10.26 -27.28
C PRO G 405 -7.16 -10.34 -28.79
N TYR G 406 -7.86 -11.32 -29.37
CA TYR G 406 -7.92 -11.51 -30.82
C TYR G 406 -8.83 -10.44 -31.44
N PRO G 407 -8.53 -10.00 -32.66
CA PRO G 407 -9.34 -8.93 -33.27
C PRO G 407 -10.83 -9.23 -33.24
N SER G 408 -11.61 -8.17 -33.05
CA SER G 408 -13.06 -8.29 -32.94
C SER G 408 -13.70 -8.62 -34.29
N LYS G 409 -14.87 -9.26 -34.21
CA LYS G 409 -15.76 -9.37 -35.35
C LYS G 409 -16.71 -8.18 -35.41
N TRP G 410 -17.14 -7.83 -36.63
CA TRP G 410 -17.97 -6.66 -36.83
C TRP G 410 -19.33 -6.80 -36.14
N GLN G 411 -19.85 -8.02 -36.05
CA GLN G 411 -21.16 -8.23 -35.43
C GLN G 411 -21.18 -7.79 -33.98
N GLU G 412 -20.02 -7.72 -33.32
CA GLU G 412 -19.98 -7.28 -31.93
C GLU G 412 -20.49 -5.85 -31.80
N SER G 413 -20.36 -5.06 -32.85
CA SER G 413 -20.96 -3.72 -32.87
C SER G 413 -22.45 -3.74 -32.55
N TYR G 414 -23.17 -4.73 -33.08
CA TYR G 414 -24.62 -4.71 -33.10
C TYR G 414 -25.25 -5.38 -31.88
N THR G 415 -24.45 -5.84 -30.93
CA THR G 415 -24.99 -6.47 -29.73
C THR G 415 -25.74 -5.45 -28.87
N LEU H 17 10.09 -7.23 9.77
CA LEU H 17 11.52 -7.55 9.73
C LEU H 17 11.97 -8.25 11.00
N PRO H 18 12.44 -9.49 10.87
CA PRO H 18 12.84 -10.25 12.06
C PRO H 18 14.13 -9.75 12.70
N SER H 19 15.04 -9.15 11.93
CA SER H 19 16.28 -8.61 12.50
C SER H 19 15.99 -7.53 13.54
N LEU H 20 15.08 -6.61 13.21
CA LEU H 20 14.72 -5.55 14.14
C LEU H 20 14.00 -6.11 15.36
N LEU H 21 13.28 -7.20 15.19
CA LEU H 21 12.63 -7.91 16.32
C LEU H 21 13.70 -8.52 17.23
N LEU H 22 14.70 -9.09 16.64
CA LEU H 22 15.79 -9.63 17.43
C LEU H 22 16.48 -8.54 18.24
N ILE H 23 16.74 -7.39 17.61
CA ILE H 23 17.43 -6.33 18.36
C ILE H 23 16.51 -5.75 19.44
N ASP H 24 15.26 -5.69 19.16
CA ASP H 24 14.38 -5.34 20.26
C ASP H 24 14.47 -6.35 21.42
N GLU H 25 14.49 -7.65 21.16
CA GLU H 25 14.49 -8.65 22.21
C GLU H 25 15.77 -8.56 23.02
N ALA H 26 16.89 -8.38 22.33
CA ALA H 26 18.16 -8.21 23.04
C ALA H 26 18.12 -6.98 23.94
N ALA H 27 17.60 -5.85 23.44
CA ALA H 27 17.54 -4.64 24.25
C ALA H 27 16.65 -4.83 25.47
N ALA H 28 15.44 -5.34 25.25
CA ALA H 28 14.48 -5.50 26.34
C ALA H 28 15.03 -6.47 27.39
N VAL H 29 15.55 -7.62 26.94
CA VAL H 29 16.07 -8.62 27.86
C VAL H 29 17.25 -8.06 28.66
N LEU H 30 18.12 -7.29 28.00
CA LEU H 30 19.23 -6.67 28.73
C LEU H 30 18.70 -5.77 29.83
N GLY H 31 17.66 -4.98 29.52
CA GLY H 31 17.07 -4.15 30.55
C GLY H 31 16.48 -4.92 31.73
N ARG H 32 15.79 -6.03 31.47
CA ARG H 32 15.22 -6.89 32.54
C ARG H 32 16.35 -7.43 33.41
N MET H 33 17.38 -7.83 32.76
CA MET H 33 18.53 -8.37 33.48
C MET H 33 19.15 -7.32 34.41
N ILE H 34 19.33 -6.11 33.90
CA ILE H 34 19.93 -5.06 34.73
C ILE H 34 19.02 -4.74 35.90
N GLN H 35 17.71 -4.66 35.65
CA GLN H 35 16.75 -4.43 36.72
C GLN H 35 16.86 -5.51 37.78
N GLY H 36 16.94 -6.78 37.35
CA GLY H 36 17.08 -7.86 38.30
C GLY H 36 18.33 -7.73 39.15
N LEU H 37 19.44 -7.33 38.54
CA LEU H 37 20.67 -7.11 39.31
C LEU H 37 20.49 -5.98 40.31
N ARG H 38 19.70 -4.96 39.97
CA ARG H 38 19.56 -3.83 40.88
C ARG H 38 18.66 -4.17 42.07
N THR H 39 17.57 -4.90 41.82
CA THR H 39 16.63 -5.19 42.90
C THR H 39 17.06 -6.36 43.78
N GLY H 40 17.94 -7.23 43.29
CA GLY H 40 18.28 -8.45 43.99
C GLY H 40 17.39 -9.63 43.66
N ILE H 41 16.44 -9.46 42.74
CA ILE H 41 15.60 -10.56 42.25
C ILE H 41 16.06 -10.91 40.84
N PRO H 42 16.84 -11.97 40.66
CA PRO H 42 17.42 -12.25 39.34
C PRO H 42 16.36 -12.47 38.29
N TYR H 43 16.56 -11.84 37.13
CA TYR H 43 15.72 -12.12 35.98
C TYR H 43 15.93 -13.56 35.53
N ILE H 44 14.84 -14.24 35.18
CA ILE H 44 14.88 -15.60 34.67
C ILE H 44 14.20 -15.62 33.30
N HIS H 45 14.98 -15.91 32.26
CA HIS H 45 14.48 -15.84 30.90
C HIS H 45 13.63 -17.05 30.58
N THR H 46 12.31 -16.86 30.48
CA THR H 46 11.38 -17.92 30.14
C THR H 46 10.80 -17.81 28.73
N GLU H 47 10.70 -16.61 28.17
CA GLU H 47 10.05 -16.41 26.88
C GLU H 47 10.73 -17.19 25.78
N ASN H 48 9.94 -17.66 24.81
CA ASN H 48 10.47 -18.44 23.69
C ASN H 48 10.82 -17.49 22.55
N ASP H 49 12.03 -16.93 22.62
CA ASP H 49 12.47 -15.95 21.64
C ASP H 49 13.87 -16.32 21.19
N SER H 50 14.54 -15.43 20.46
CA SER H 50 15.89 -15.72 20.02
C SER H 50 16.86 -15.85 21.19
N ILE H 51 16.56 -15.21 22.33
CA ILE H 51 17.48 -15.21 23.45
C ILE H 51 17.53 -16.59 24.11
N LYS H 52 16.40 -17.27 24.20
CA LYS H 52 16.42 -18.65 24.72
C LYS H 52 17.08 -19.61 23.74
N ALA H 53 16.91 -19.37 22.43
CA ALA H 53 17.41 -20.30 21.43
C ALA H 53 18.91 -20.18 21.17
N ASN H 54 19.54 -19.08 21.56
CA ASN H 54 20.96 -18.85 21.31
C ASN H 54 21.68 -18.52 22.61
N PRO H 55 22.32 -19.51 23.23
CA PRO H 55 23.05 -19.23 24.49
C PRO H 55 24.17 -18.22 24.33
N ILE H 56 24.78 -18.11 23.15
CA ILE H 56 25.85 -17.13 22.97
C ILE H 56 25.30 -15.73 23.17
N LEU H 57 24.17 -15.43 22.53
CA LEU H 57 23.51 -14.14 22.71
C LEU H 57 23.12 -13.90 24.16
N ARG H 58 22.53 -14.91 24.81
CA ARG H 58 22.09 -14.76 26.20
C ARG H 58 23.26 -14.46 27.12
N THR H 59 24.33 -15.25 27.02
CA THR H 59 25.54 -15.04 27.80
C THR H 59 26.12 -13.65 27.57
N ALA H 60 26.21 -13.22 26.30
CA ALA H 60 26.79 -11.92 26.03
C ALA H 60 25.95 -10.81 26.64
N LEU H 61 24.62 -10.97 26.59
CA LEU H 61 23.74 -10.00 27.23
C LEU H 61 23.94 -9.99 28.75
N TRP H 62 24.15 -11.16 29.35
CA TRP H 62 24.37 -11.22 30.80
C TRP H 62 25.63 -10.45 31.18
N GLN H 63 26.72 -10.66 30.43
CA GLN H 63 27.97 -9.96 30.72
C GLN H 63 27.80 -8.45 30.56
N ALA H 64 27.11 -8.02 29.50
CA ALA H 64 26.87 -6.59 29.33
C ALA H 64 26.03 -6.04 30.47
N ALA H 65 25.07 -6.82 30.96
CA ALA H 65 24.24 -6.37 32.08
C ALA H 65 25.08 -6.15 33.32
N TYR H 66 25.96 -7.09 33.62
CA TYR H 66 26.86 -6.94 34.77
C TYR H 66 27.65 -5.64 34.67
N VAL H 67 28.30 -5.44 33.52
CA VAL H 67 29.19 -4.30 33.38
C VAL H 67 28.41 -2.99 33.40
N LEU H 68 27.21 -2.97 32.79
CA LEU H 68 26.41 -1.76 32.76
C LEU H 68 25.91 -1.38 34.15
N GLU H 69 25.48 -2.36 34.94
CA GLU H 69 25.05 -2.07 36.30
C GLU H 69 26.20 -1.48 37.13
N LYS H 70 27.38 -2.10 37.02
CA LYS H 70 28.53 -1.55 37.75
C LYS H 70 28.84 -0.12 37.29
N ALA H 71 28.80 0.13 35.98
CA ALA H 71 29.11 1.46 35.48
C ALA H 71 28.07 2.49 35.93
N TYR H 72 26.80 2.08 35.99
CA TYR H 72 25.77 3.00 36.44
C TYR H 72 25.90 3.31 37.93
N ARG H 73 26.63 2.49 38.68
CA ARG H 73 26.82 2.81 40.10
C ARG H 73 28.04 3.70 40.37
N ARG H 74 28.79 4.10 39.34
CA ARG H 74 30.03 4.88 39.50
C ARG H 74 30.01 6.09 38.57
N ARG H 75 29.40 7.18 39.01
CA ARG H 75 29.13 8.35 38.18
C ARG H 75 29.96 9.54 38.63
N TYR H 76 30.78 10.07 37.72
CA TYR H 76 31.46 11.35 37.90
C TYR H 76 30.67 12.46 37.22
N ARG H 77 30.78 13.67 37.76
CA ARG H 77 30.06 14.82 37.24
C ARG H 77 31.05 15.94 36.91
N VAL H 78 30.92 16.50 35.70
CA VAL H 78 31.68 17.68 35.29
C VAL H 78 30.87 18.93 35.64
N PRO H 79 31.51 20.06 35.91
CA PRO H 79 30.75 21.23 36.39
C PRO H 79 30.15 22.07 35.26
N TRP H 80 29.68 21.42 34.20
CA TRP H 80 29.03 22.15 33.12
C TRP H 80 28.06 21.22 32.42
N THR H 81 27.19 21.82 31.61
CA THR H 81 26.19 21.09 30.85
C THR H 81 26.69 20.86 29.43
N ALA H 82 26.28 19.73 28.85
CA ALA H 82 26.61 19.45 27.46
C ALA H 82 26.10 20.55 26.54
N ARG H 83 24.97 21.17 26.88
CA ARG H 83 24.37 22.16 26.00
C ARG H 83 25.29 23.38 25.82
N ARG H 84 25.82 23.90 26.93
CA ARG H 84 26.72 25.05 26.84
C ARG H 84 28.03 24.67 26.16
N TYR H 85 28.55 23.48 26.46
CA TYR H 85 29.76 23.01 25.79
C TYR H 85 29.57 22.97 24.28
N MET H 86 28.45 22.40 23.83
CA MET H 86 28.16 22.33 22.40
C MET H 86 27.98 23.72 21.80
N ARG H 87 27.39 24.65 22.55
CA ARG H 87 27.23 26.01 22.03
C ARG H 87 28.60 26.69 21.92
N GLU H 88 29.58 26.33 22.74
CA GLU H 88 30.90 26.91 22.56
C GLU H 88 31.67 26.28 21.40
N LEU H 89 31.30 25.07 20.99
CA LEU H 89 31.99 24.43 19.89
C LEU H 89 31.62 25.08 18.54
N THR H 90 32.59 25.09 17.66
CA THR H 90 32.38 25.46 16.28
C THR H 90 32.00 24.22 15.51
N PRO H 91 31.31 24.38 14.37
CA PRO H 91 30.69 23.21 13.72
C PRO H 91 31.66 22.12 13.28
N ARG H 92 32.95 22.41 13.14
CA ARG H 92 33.91 21.39 12.74
C ARG H 92 35.14 21.40 13.65
N GLN H 93 34.96 21.69 14.93
CA GLN H 93 36.06 21.71 15.89
C GLN H 93 36.44 20.28 16.25
N ASP H 94 37.43 19.72 15.57
CA ASP H 94 37.86 18.34 15.79
C ASP H 94 39.05 18.23 16.74
N GLY H 95 39.58 19.35 17.25
CA GLY H 95 40.68 19.34 18.20
C GLY H 95 42.05 19.64 17.63
N ARG H 96 42.16 19.97 16.34
CA ARG H 96 43.45 20.30 15.75
C ARG H 96 43.97 21.67 16.20
N ASN H 97 43.09 22.56 16.68
CA ASN H 97 43.44 23.94 16.99
C ASN H 97 43.74 24.07 18.49
N ALA H 98 45.01 24.31 18.81
CA ALA H 98 45.41 24.32 20.22
C ALA H 98 44.86 25.52 20.96
N ASN H 99 44.73 26.68 20.30
CA ASN H 99 44.20 27.87 20.96
C ASN H 99 42.75 27.67 21.40
N ARG H 100 41.89 27.22 20.47
CA ARG H 100 40.49 27.04 20.83
C ARG H 100 40.31 25.87 21.81
N GLU H 101 41.16 24.85 21.73
CA GLU H 101 41.06 23.77 22.71
C GLU H 101 41.48 24.23 24.10
N ALA H 102 42.44 25.15 24.18
CA ALA H 102 42.77 25.75 25.47
C ALA H 102 41.60 26.61 25.98
N VAL H 103 40.95 27.34 25.07
CA VAL H 103 39.74 28.07 25.45
C VAL H 103 38.70 27.11 26.05
N MET H 104 38.49 25.97 25.38
CA MET H 104 37.53 24.99 25.91
C MET H 104 37.96 24.48 27.28
N ALA H 105 39.26 24.21 27.44
CA ALA H 105 39.73 23.66 28.70
C ALA H 105 39.55 24.66 29.84
N LYS H 106 39.66 25.96 29.55
CA LYS H 106 39.46 26.92 30.63
C LYS H 106 37.99 27.18 30.91
N GLU H 107 37.15 27.18 29.86
CA GLU H 107 35.73 27.45 30.08
C GLU H 107 34.96 26.24 30.56
N PHE H 108 35.48 25.03 30.33
CA PHE H 108 34.82 23.79 30.74
C PHE H 108 35.84 22.87 31.39
N PRO H 109 36.25 23.17 32.63
CA PRO H 109 37.31 22.40 33.28
C PRO H 109 36.80 21.05 33.74
N PRO H 110 37.69 20.11 34.07
CA PRO H 110 37.24 18.79 34.54
C PRO H 110 36.39 18.84 35.81
N GLY H 111 36.65 19.76 36.72
CA GLY H 111 35.90 19.87 37.95
C GLY H 111 36.52 19.10 39.10
N ALA H 112 36.03 19.38 40.31
CA ALA H 112 36.67 18.90 41.53
C ALA H 112 36.66 17.38 41.64
N GLU H 113 35.64 16.72 41.08
CA GLU H 113 35.59 15.26 41.13
C GLU H 113 36.67 14.63 40.25
N LEU H 114 37.22 15.39 39.31
CA LEU H 114 38.13 14.84 38.30
C LEU H 114 39.53 15.43 38.29
N ASN H 115 39.86 16.39 39.15
CA ASN H 115 41.22 16.98 39.15
C ASN H 115 42.29 15.91 39.28
N VAL H 120 45.80 9.03 37.05
CA VAL H 120 45.39 7.65 37.32
C VAL H 120 44.72 7.07 36.08
N GLN H 121 45.00 5.80 35.79
CA GLN H 121 44.35 5.06 34.71
C GLN H 121 43.24 4.18 35.29
N GLU H 122 42.01 4.46 34.88
CA GLU H 122 40.86 3.74 35.42
C GLU H 122 40.75 2.35 34.81
N ILE H 123 40.13 1.43 35.57
CA ILE H 123 39.94 0.05 35.12
C ILE H 123 38.52 -0.38 35.48
N LEU H 124 37.82 0.45 36.26
CA LEU H 124 36.48 0.04 36.69
C LEU H 124 35.41 0.71 35.83
N PRO H 125 34.35 -0.03 35.51
CA PRO H 125 33.24 0.56 34.74
C PRO H 125 32.72 1.84 35.40
N ALA H 126 32.40 2.83 34.58
CA ALA H 126 32.02 4.13 35.13
C ALA H 126 31.27 4.91 34.06
N MET H 127 30.82 6.11 34.43
CA MET H 127 30.27 7.04 33.45
C MET H 127 30.49 8.46 33.92
N ILE H 128 30.59 9.37 32.95
CA ILE H 128 30.70 10.81 33.18
C ILE H 128 29.37 11.43 32.79
N ILE H 129 28.82 12.24 33.70
CA ILE H 129 27.58 12.96 33.44
C ILE H 129 27.84 14.44 33.56
N ASP H 130 26.95 15.23 32.95
CA ASP H 130 27.07 16.68 32.99
C ASP H 130 26.31 17.22 34.21
N ALA H 131 26.27 18.55 34.33
CA ALA H 131 25.63 19.17 35.48
C ALA H 131 24.13 18.93 35.54
N GLU H 132 23.52 18.45 34.45
CA GLU H 132 22.10 18.16 34.43
C GLU H 132 21.82 16.68 34.17
N ASP H 133 22.76 15.82 34.58
CA ASP H 133 22.62 14.36 34.60
C ASP H 133 22.61 13.72 33.22
N HIS H 134 23.07 14.42 32.18
CA HIS H 134 23.17 13.82 30.86
C HIS H 134 24.44 13.00 30.75
N ILE H 135 24.34 11.80 30.18
CA ILE H 135 25.50 10.93 30.04
C ILE H 135 26.32 11.42 28.85
N LEU H 136 27.61 11.68 29.09
CA LEU H 136 28.52 12.09 28.04
C LEU H 136 29.50 11.00 27.65
N PHE H 137 29.70 10.07 28.54
CA PHE H 137 30.70 9.00 28.39
C PHE H 137 30.38 7.86 29.33
N CYS H 138 30.35 6.64 28.80
CA CYS H 138 30.15 5.43 29.60
C CYS H 138 31.30 4.47 29.30
N TYR H 139 32.04 4.09 30.32
CA TYR H 139 33.20 3.19 30.18
C TYR H 139 32.77 1.84 30.67
N LEU H 140 32.93 0.89 29.80
CA LEU H 140 32.42 -0.46 30.05
C LEU H 140 33.51 -1.42 29.68
N PRO H 141 34.70 -1.68 30.41
CA PRO H 141 35.99 -2.74 30.25
C PRO H 141 35.32 -4.13 30.31
N SER H 142 35.74 -4.97 29.40
CA SER H 142 35.36 -6.38 29.34
C SER H 142 33.84 -6.56 29.26
N CYS H 143 33.18 -5.73 28.50
CA CYS H 143 31.74 -5.72 28.22
C CYS H 143 31.37 -6.86 27.30
N VAL H 144 32.26 -7.19 26.41
CA VAL H 144 31.96 -8.21 25.39
C VAL H 144 32.55 -9.52 25.86
N SER H 145 31.66 -10.50 25.96
CA SER H 145 31.88 -11.90 26.37
C SER H 145 32.95 -12.48 25.48
N PRO H 146 33.96 -13.48 25.88
CA PRO H 146 35.02 -14.11 25.07
C PRO H 146 34.51 -14.82 23.83
N ALA H 147 33.31 -15.40 23.88
CA ALA H 147 32.76 -16.07 22.69
C ALA H 147 32.56 -15.06 21.56
N ILE H 148 31.89 -13.95 21.85
CA ILE H 148 31.64 -12.93 20.84
C ILE H 148 32.94 -12.28 20.40
N MET H 149 33.90 -12.10 21.31
CA MET H 149 35.19 -11.56 20.91
C MET H 149 35.90 -12.50 19.93
N THR H 150 35.87 -13.80 20.20
CA THR H 150 36.40 -14.80 19.24
C THR H 150 35.71 -14.67 17.89
N ILE H 151 34.37 -14.59 17.89
CA ILE H 151 33.62 -14.48 16.64
C ILE H 151 34.05 -13.24 15.85
N ILE H 152 34.12 -12.10 16.52
CA ILE H 152 34.51 -10.85 15.86
C ILE H 152 35.94 -10.94 15.35
N ASP H 153 36.84 -11.53 16.16
CA ASP H 153 38.21 -11.75 15.75
C ASP H 153 38.27 -12.52 14.45
N ALA H 154 37.49 -13.60 14.36
CA ALA H 154 37.49 -14.42 13.16
C ALA H 154 36.95 -13.65 11.96
N ALA H 155 35.87 -12.88 12.15
CA ALA H 155 35.30 -12.14 11.03
C ALA H 155 36.27 -11.08 10.52
N VAL H 156 36.90 -10.34 11.44
CA VAL H 156 37.84 -9.29 11.05
C VAL H 156 39.08 -9.90 10.42
N GLY H 157 39.56 -11.02 10.96
CA GLY H 157 40.68 -11.70 10.33
C GLY H 157 40.37 -12.14 8.93
N THR H 158 39.16 -12.64 8.70
CA THR H 158 38.77 -13.01 7.34
C THR H 158 38.72 -11.80 6.42
N LEU H 159 38.24 -10.66 6.90
CA LEU H 159 38.21 -9.50 6.03
C LEU H 159 39.62 -8.92 5.77
N ALA H 160 40.52 -8.95 6.75
CA ALA H 160 41.84 -8.32 6.62
C ALA H 160 42.94 -9.28 6.21
N THR H 161 42.61 -10.54 5.92
CA THR H 161 43.58 -11.49 5.40
C THR H 161 43.33 -11.88 3.94
N THR H 162 42.20 -11.48 3.35
CA THR H 162 41.97 -11.75 1.93
C THR H 162 43.03 -11.05 1.08
N LYS H 163 43.32 -11.65 -0.08
CA LYS H 163 44.42 -11.21 -0.94
C LYS H 163 44.08 -9.97 -1.78
N ASP H 164 42.90 -9.92 -2.40
CA ASP H 164 42.52 -8.79 -3.24
C ASP H 164 41.19 -8.20 -2.78
N GLY H 165 41.08 -8.00 -1.46
CA GLY H 165 39.95 -7.31 -0.89
C GLY H 165 40.20 -5.83 -0.83
N HIS H 166 39.20 -5.10 -0.33
CA HIS H 166 39.31 -3.64 -0.30
C HIS H 166 40.53 -3.20 0.50
N LEU H 167 40.83 -3.88 1.60
CA LEU H 167 41.91 -3.43 2.46
C LEU H 167 43.27 -3.64 1.81
N GLN H 168 43.49 -4.79 1.15
CA GLN H 168 44.77 -5.00 0.47
C GLN H 168 44.95 -4.06 -0.71
N LYS H 169 43.90 -3.83 -1.48
CA LYS H 169 44.03 -2.91 -2.61
C LYS H 169 44.32 -1.50 -2.14
N LYS H 170 43.67 -1.07 -1.05
CA LYS H 170 44.00 0.24 -0.47
C LYS H 170 45.41 0.24 0.11
N SER H 171 45.83 -0.87 0.71
CA SER H 171 47.13 -0.94 1.34
C SER H 171 48.26 -0.86 0.32
N ARG H 172 48.07 -1.44 -0.85
CA ARG H 172 49.08 -1.28 -1.88
C ARG H 172 48.93 0.05 -2.64
N ALA H 173 47.72 0.60 -2.73
CA ALA H 173 47.55 1.93 -3.29
C ALA H 173 48.25 3.00 -2.46
N ARG H 174 48.28 2.83 -1.14
CA ARG H 174 48.93 3.82 -0.29
C ARG H 174 50.44 3.63 -0.20
N GLU H 175 50.96 2.45 -0.54
CA GLU H 175 52.41 2.27 -0.53
C GLU H 175 53.04 2.76 -1.81
N GLY H 176 52.29 2.76 -2.91
CA GLY H 176 52.85 3.27 -4.16
C GLY H 176 53.09 4.76 -4.10
N GLU H 177 52.12 5.50 -3.59
CA GLU H 177 52.28 6.94 -3.38
C GLU H 177 53.17 7.22 -2.18
N GLY H 201 45.02 17.23 11.80
CA GLY H 201 45.34 16.61 10.52
C GLY H 201 44.30 16.85 9.44
N ALA H 202 44.44 16.12 8.33
CA ALA H 202 43.56 16.25 7.18
C ALA H 202 43.55 14.88 6.51
N ASN H 203 42.41 14.18 6.63
CA ASN H 203 42.30 12.79 6.18
C ASN H 203 43.25 11.91 6.98
N TRP H 204 43.38 12.24 8.27
CA TRP H 204 44.25 11.49 9.16
C TRP H 204 43.74 10.10 9.41
N ARG H 205 42.44 9.86 9.19
CA ARG H 205 41.86 8.53 9.41
C ARG H 205 42.49 7.48 8.51
N GLU H 206 43.15 7.88 7.42
CA GLU H 206 43.86 6.93 6.57
C GLU H 206 45.34 7.28 6.41
N ALA H 207 45.86 8.16 7.27
CA ALA H 207 47.29 8.48 7.25
C ALA H 207 48.12 7.26 7.65
N LEU H 208 49.25 7.07 6.96
CA LEU H 208 50.03 5.84 7.15
C LEU H 208 50.85 5.84 8.43
N ASP H 209 51.24 7.01 8.93
CA ASP H 209 51.97 7.07 10.19
C ASP H 209 51.19 6.43 11.34
N LEU H 210 49.86 6.43 11.25
CA LEU H 210 49.03 5.93 12.34
C LEU H 210 48.88 4.42 12.32
N PHE H 211 49.08 3.77 11.18
CA PHE H 211 48.85 2.34 11.08
C PHE H 211 50.02 1.57 11.71
N ARG H 212 49.72 0.36 12.17
CA ARG H 212 50.69 -0.43 12.94
C ARG H 212 51.77 -0.94 12.00
N GLN H 213 53.02 -0.53 12.19
CA GLN H 213 54.02 -0.93 11.21
C GLN H 213 54.91 -1.98 11.87
N GLY H 214 55.15 -3.08 11.17
CA GLY H 214 55.89 -4.17 11.76
C GLY H 214 55.25 -5.49 11.39
N ALA H 215 54.79 -6.26 12.38
CA ALA H 215 54.25 -7.59 12.17
C ALA H 215 52.74 -7.59 12.33
N CYS H 216 52.03 -7.79 11.22
CA CYS H 216 50.58 -7.82 11.21
C CYS H 216 50.12 -9.01 10.41
N LYS H 217 49.27 -9.82 11.01
CA LYS H 217 48.55 -10.77 10.18
C LYS H 217 47.24 -10.19 9.64
N MET H 218 46.75 -9.09 10.20
CA MET H 218 45.55 -8.42 9.68
C MET H 218 45.98 -7.17 8.91
N THR H 219 45.42 -6.98 7.72
CA THR H 219 45.81 -5.85 6.86
C THR H 219 45.30 -4.53 7.44
N PRO H 220 46.17 -3.59 7.80
CA PRO H 220 45.71 -2.31 8.33
C PRO H 220 44.90 -1.53 7.31
N GLY H 221 43.94 -0.76 7.81
CA GLY H 221 43.10 0.04 6.92
C GLY H 221 41.83 0.48 7.62
N VAL H 222 40.92 1.02 6.82
CA VAL H 222 39.64 1.53 7.30
C VAL H 222 38.57 1.19 6.26
N LEU H 223 37.48 0.55 6.70
CA LEU H 223 36.31 0.36 5.86
C LEU H 223 35.06 0.84 6.57
N THR H 224 34.03 1.16 5.79
CA THR H 224 32.78 1.66 6.33
C THR H 224 31.61 0.96 5.65
N PHE H 225 30.60 0.62 6.46
CA PHE H 225 29.41 -0.09 6.00
C PHE H 225 28.19 0.66 6.49
N ALA H 226 27.17 0.72 5.63
CA ALA H 226 25.91 1.38 5.95
C ALA H 226 24.88 1.01 4.88
N PRO H 227 23.61 0.81 5.28
CA PRO H 227 22.57 0.55 4.27
C PRO H 227 22.18 1.80 3.48
N ALA H 228 22.41 2.98 4.02
CA ALA H 228 22.13 4.30 3.42
C ALA H 228 23.30 5.27 3.66
N TRP H 229 24.06 5.58 2.64
CA TRP H 229 25.30 6.38 2.73
C TRP H 229 25.44 7.32 1.56
N TRP H 230 26.12 8.44 1.76
CA TRP H 230 26.41 9.35 0.66
C TRP H 230 27.88 9.21 0.40
N PRO H 231 28.29 8.92 -0.83
CA PRO H 231 29.68 8.75 -1.19
C PRO H 231 30.44 10.07 -1.20
N VAL H 232 31.76 10.03 -1.17
CA VAL H 232 32.57 11.30 -1.08
C VAL H 232 32.18 12.28 -2.20
N GLY H 233 31.77 13.48 -1.82
CA GLY H 233 31.39 14.44 -2.88
C GLY H 233 30.33 13.96 -3.84
N HIS H 234 29.36 13.29 -3.27
CA HIS H 234 28.11 12.82 -3.87
C HIS H 234 27.06 13.17 -2.82
N GLU H 235 27.34 14.05 -1.85
CA GLU H 235 26.41 14.37 -0.74
C GLU H 235 25.18 15.08 -1.22
N ASN H 236 25.23 15.68 -2.39
CA ASN H 236 24.14 16.38 -3.06
C ASN H 236 22.97 15.44 -3.41
N GLN H 237 23.20 14.17 -3.73
CA GLN H 237 22.08 13.26 -4.13
C GLN H 237 21.34 12.61 -2.95
N LEU H 238 20.34 11.74 -3.21
CA LEU H 238 19.50 10.92 -2.26
C LEU H 238 20.43 9.92 -1.64
N PRO H 239 20.44 9.12 -0.35
CA PRO H 239 21.55 8.23 -0.03
C PRO H 239 21.36 6.87 -0.69
N GLY H 240 22.45 6.14 -0.81
CA GLY H 240 22.39 4.81 -1.35
C GLY H 240 23.23 3.85 -0.55
N PRO H 241 23.28 2.59 -0.97
CA PRO H 241 24.06 1.60 -0.22
C PRO H 241 25.54 1.90 -0.32
N ALA H 242 26.26 1.58 0.76
CA ALA H 242 27.71 1.71 0.74
C ALA H 242 28.30 0.78 -0.30
N SER H 243 29.31 1.28 -1.02
CA SER H 243 29.99 0.47 -2.04
C SER H 243 30.46 -0.84 -1.45
N THR H 244 31.00 -0.82 -0.22
CA THR H 244 31.50 -2.03 0.42
C THR H 244 30.42 -3.09 0.55
N LEU H 245 29.15 -2.68 0.64
CA LEU H 245 28.04 -3.61 0.83
C LEU H 245 27.28 -3.91 -0.45
N LYS H 246 27.68 -3.35 -1.58
CA LYS H 246 26.87 -3.44 -2.79
C LYS H 246 26.94 -4.84 -3.42
N PRO H 247 28.08 -5.51 -3.46
CA PRO H 247 28.09 -6.91 -3.91
C PRO H 247 27.34 -7.79 -2.94
N PRO H 248 26.29 -8.48 -3.38
CA PRO H 248 25.48 -9.30 -2.45
C PRO H 248 26.25 -10.45 -1.81
N LYS H 249 27.39 -10.84 -2.36
CA LYS H 249 28.25 -11.84 -1.74
C LYS H 249 29.69 -11.35 -1.65
N GLY H 250 29.89 -10.03 -1.62
CA GLY H 250 31.21 -9.47 -1.42
C GLY H 250 31.70 -9.66 0.00
N GLU H 251 32.96 -9.27 0.21
CA GLU H 251 33.58 -9.45 1.52
C GLU H 251 32.86 -8.66 2.61
N GLY H 252 32.29 -7.51 2.26
CA GLY H 252 31.64 -6.69 3.27
C GLY H 252 30.31 -7.28 3.71
N ARG H 253 29.50 -7.74 2.75
CA ARG H 253 28.22 -8.32 3.11
C ARG H 253 28.36 -9.59 3.95
N MET H 254 29.36 -10.37 3.67
CA MET H 254 29.66 -11.60 4.41
C MET H 254 30.25 -11.25 5.77
N PHE H 255 31.06 -10.23 5.86
CA PHE H 255 31.55 -9.77 7.16
C PHE H 255 30.38 -9.41 8.05
N LEU H 256 29.40 -8.69 7.49
CA LEU H 256 28.20 -8.38 8.24
C LEU H 256 27.43 -9.63 8.63
N SER H 257 27.31 -10.59 7.70
CA SER H 257 26.66 -11.86 8.01
C SER H 257 27.39 -12.64 9.09
N ASP H 258 28.68 -12.36 9.30
CA ASP H 258 29.45 -13.07 10.30
C ASP H 258 29.20 -12.57 11.71
N ILE H 259 28.73 -11.33 11.87
CA ILE H 259 28.64 -10.72 13.21
C ILE H 259 27.25 -10.20 13.57
N PRO H 260 26.13 -10.82 13.19
CA PRO H 260 24.84 -10.21 13.55
C PRO H 260 24.57 -10.25 15.04
N ILE H 261 25.12 -11.21 15.77
CA ILE H 261 24.88 -11.31 17.20
C ILE H 261 25.75 -10.30 17.97
N ALA H 262 26.97 -10.04 17.48
CA ALA H 262 27.76 -8.95 18.05
C ALA H 262 27.08 -7.61 17.85
N SER H 263 26.48 -7.40 16.68
CA SER H 263 25.80 -6.13 16.43
C SER H 263 24.54 -6.01 17.28
N ALA H 264 23.84 -7.12 17.49
CA ALA H 264 22.71 -7.11 18.40
C ALA H 264 23.15 -6.75 19.81
N LEU H 265 24.31 -7.27 20.25
CA LEU H 265 24.81 -6.95 21.58
C LEU H 265 25.12 -5.46 21.71
N VAL H 266 25.81 -4.89 20.71
CA VAL H 266 26.13 -3.46 20.75
C VAL H 266 24.85 -2.63 20.77
N GLY H 267 23.87 -3.00 19.95
CA GLY H 267 22.62 -2.26 19.94
C GLY H 267 21.88 -2.34 21.26
N ALA H 268 21.94 -3.49 21.92
CA ALA H 268 21.31 -3.62 23.23
C ALA H 268 21.99 -2.73 24.26
N ILE H 269 23.33 -2.66 24.23
CA ILE H 269 24.04 -1.75 25.11
C ILE H 269 23.56 -0.31 24.90
N LEU H 270 23.51 0.12 23.64
CA LEU H 270 23.04 1.47 23.35
C LEU H 270 21.64 1.70 23.90
N ALA H 271 20.75 0.72 23.73
CA ALA H 271 19.38 0.87 24.23
C ALA H 271 19.35 0.99 25.75
N GLN H 272 20.30 0.35 26.44
CA GLN H 272 20.36 0.54 27.88
C GLN H 272 20.83 1.93 28.26
N ILE H 273 21.70 2.53 27.45
CA ILE H 273 22.19 3.86 27.80
C ILE H 273 21.25 4.95 27.30
N ASN H 274 20.67 4.80 26.10
CA ASN H 274 19.84 5.85 25.53
C ASN H 274 18.72 5.17 24.73
N GLN H 275 17.63 4.84 25.43
CA GLN H 275 16.51 4.16 24.80
C GLN H 275 15.84 4.98 23.70
N PRO H 276 15.56 6.28 23.88
CA PRO H 276 14.98 7.05 22.76
C PRO H 276 15.85 7.01 21.51
N LEU H 277 17.17 7.09 21.66
CA LEU H 277 18.06 7.02 20.51
C LEU H 277 17.97 5.65 19.82
N PHE H 278 17.94 4.57 20.60
CA PHE H 278 17.77 3.23 20.04
C PHE H 278 16.49 3.14 19.23
N GLU H 279 15.36 3.54 19.84
CA GLU H 279 14.08 3.44 19.15
C GLU H 279 14.01 4.35 17.94
N SER H 280 14.65 5.52 18.00
CA SER H 280 14.61 6.43 16.86
C SER H 280 15.44 5.90 15.71
N GLY H 281 16.60 5.31 16.01
CA GLY H 281 17.36 4.65 14.97
C GLY H 281 16.60 3.51 14.33
N VAL H 282 15.88 2.72 15.15
CA VAL H 282 15.08 1.63 14.61
C VAL H 282 13.97 2.18 13.71
N LYS H 283 13.32 3.27 14.12
CA LYS H 283 12.28 3.87 13.29
C LYS H 283 12.85 4.38 11.98
N VAL H 284 14.03 5.01 12.03
CA VAL H 284 14.69 5.47 10.81
C VAL H 284 14.94 4.31 9.88
N LEU H 285 15.44 3.19 10.42
CA LEU H 285 15.69 2.01 9.59
C LEU H 285 14.40 1.48 8.98
N ARG H 286 13.32 1.47 9.74
CA ARG H 286 12.03 1.00 9.24
C ARG H 286 11.56 1.89 8.09
N GLU H 287 11.73 3.20 8.25
CA GLU H 287 11.29 4.13 7.21
C GLU H 287 12.14 3.99 5.96
N LEU H 288 13.46 3.85 6.12
CA LEU H 288 14.30 3.63 4.96
C LEU H 288 13.94 2.33 4.25
N TYR H 289 13.49 1.32 5.02
CA TYR H 289 13.07 0.06 4.41
C TYR H 289 11.79 0.24 3.61
N SER H 290 10.77 0.83 4.22
CA SER H 290 9.45 1.01 3.61
C SER H 290 9.54 1.89 2.38
N ASN H 291 9.90 3.15 2.63
CA ASN H 291 9.83 4.22 1.67
C ASN H 291 11.02 4.12 0.73
N SER H 292 10.75 3.66 -0.48
CA SER H 292 11.77 3.49 -1.50
C SER H 292 12.15 4.81 -2.16
N LYS H 293 11.42 5.89 -1.89
CA LYS H 293 11.72 7.16 -2.52
C LYS H 293 12.72 7.99 -1.71
N LEU H 294 13.33 7.41 -0.69
CA LEU H 294 14.35 8.10 0.10
C LEU H 294 15.77 7.71 -0.29
N THR H 295 15.95 6.63 -1.05
CA THR H 295 17.26 6.09 -1.39
C THR H 295 17.27 5.68 -2.85
N LYS H 296 18.45 5.69 -3.47
CA LYS H 296 18.63 5.02 -4.74
C LYS H 296 19.10 3.60 -4.53
N ASP H 297 18.83 2.76 -5.53
CA ASP H 297 19.14 1.34 -5.47
C ASP H 297 18.51 0.76 -4.22
N HIS H 298 17.20 1.00 -4.10
CA HIS H 298 16.48 0.69 -2.87
C HIS H 298 16.36 -0.80 -2.65
N SER H 299 16.32 -1.59 -3.73
CA SER H 299 16.41 -3.05 -3.61
C SER H 299 17.59 -3.46 -2.73
N THR H 300 18.78 -2.98 -3.07
CA THR H 300 19.97 -3.33 -2.30
C THR H 300 19.88 -2.78 -0.89
N VAL H 301 19.36 -1.56 -0.72
CA VAL H 301 19.25 -0.96 0.60
C VAL H 301 18.34 -1.80 1.49
N SER H 302 17.25 -2.32 0.92
CA SER H 302 16.32 -3.13 1.69
C SER H 302 16.95 -4.47 2.08
N LYS H 303 17.65 -5.11 1.15
CA LYS H 303 18.36 -6.34 1.51
C LYS H 303 19.35 -6.11 2.65
N ILE H 304 20.19 -5.08 2.50
CA ILE H 304 21.18 -4.77 3.54
C ILE H 304 20.49 -4.53 4.88
N ILE H 305 19.42 -3.74 4.88
CA ILE H 305 18.66 -3.53 6.10
C ILE H 305 18.17 -4.85 6.68
N GLU H 306 17.77 -5.78 5.81
CA GLU H 306 17.31 -7.09 6.27
C GLU H 306 18.40 -7.84 7.00
N ILE H 307 19.68 -7.60 6.65
CA ILE H 307 20.72 -8.24 7.45
C ILE H 307 21.47 -7.22 8.32
N TRP H 308 20.79 -6.13 8.71
CA TRP H 308 21.39 -5.05 9.50
C TRP H 308 20.86 -5.14 10.93
N PHE H 309 21.66 -5.72 11.82
CA PHE H 309 21.24 -5.99 13.19
C PHE H 309 21.75 -4.90 14.13
N SER H 310 21.36 -3.66 13.83
CA SER H 310 21.95 -2.53 14.52
C SER H 310 21.02 -1.34 14.39
N PRO H 311 20.82 -0.55 15.44
CA PRO H 311 20.04 0.69 15.30
C PRO H 311 20.82 1.86 14.73
N PHE H 312 22.15 1.74 14.62
CA PHE H 312 22.99 2.83 14.16
C PHE H 312 22.87 3.05 12.65
N SER H 313 23.26 4.25 12.22
CA SER H 313 23.30 4.53 10.79
C SER H 313 24.45 3.80 10.12
N SER H 314 25.62 3.73 10.77
CA SER H 314 26.79 3.26 10.07
C SER H 314 27.76 2.58 11.03
N LEU H 315 28.64 1.75 10.45
CA LEU H 315 29.67 1.05 11.21
C LEU H 315 30.99 1.15 10.46
N SER H 316 32.05 1.52 11.17
CA SER H 316 33.38 1.61 10.58
C SER H 316 34.34 0.67 11.29
N LEU H 317 35.17 0.00 10.49
CA LEU H 317 36.16 -0.94 10.99
C LEU H 317 37.54 -0.35 10.72
N ILE H 318 38.28 -0.09 11.80
CA ILE H 318 39.62 0.49 11.74
C ILE H 318 40.59 -0.59 12.21
N VAL H 319 41.41 -1.10 11.29
CA VAL H 319 42.27 -2.24 11.55
C VAL H 319 43.71 -1.75 11.65
N ASN H 320 44.33 -1.96 12.82
CA ASN H 320 45.75 -1.71 13.05
C ASN H 320 46.11 -0.25 12.79
N ARG H 321 45.35 0.66 13.39
CA ARG H 321 45.60 2.08 13.28
C ARG H 321 45.50 2.73 14.65
N ALA H 322 46.54 3.45 15.04
CA ALA H 322 46.44 4.34 16.18
C ALA H 322 45.44 5.46 15.89
N THR H 323 44.97 6.10 16.96
CA THR H 323 43.96 7.14 16.84
C THR H 323 44.38 8.35 17.65
N PRO H 324 44.66 9.49 17.01
CA PRO H 324 45.01 10.69 17.76
C PRO H 324 43.77 11.29 18.41
N ILE H 325 44.02 12.13 19.43
CA ILE H 325 42.93 12.79 20.12
C ILE H 325 42.18 13.68 19.14
N HIS H 326 40.85 13.56 19.14
CA HIS H 326 40.02 14.24 18.17
C HIS H 326 38.60 14.31 18.69
N ARG H 327 37.79 15.12 18.01
CA ARG H 327 36.34 15.06 18.09
C ARG H 327 35.80 14.56 16.75
N ASP H 328 34.79 13.68 16.81
CA ASP H 328 34.13 13.21 15.60
C ASP H 328 33.13 14.25 15.14
N THR H 329 33.36 14.80 13.94
CA THR H 329 32.61 15.96 13.47
C THR H 329 31.47 15.62 12.54
N SER H 330 31.36 14.39 12.05
CA SER H 330 30.45 14.09 10.95
C SER H 330 29.03 13.75 11.40
N GLY H 331 28.80 13.52 12.69
CA GLY H 331 27.48 13.16 13.17
C GLY H 331 26.76 14.31 13.83
N PRO H 332 25.51 14.09 14.26
CA PRO H 332 24.76 15.13 14.99
C PRO H 332 25.41 15.44 16.34
N ILE H 333 25.15 16.66 16.86
CA ILE H 333 25.73 17.09 18.13
C ILE H 333 25.44 16.01 19.17
N GLU H 334 24.19 15.57 19.19
CA GLU H 334 23.57 14.76 20.23
C GLU H 334 23.82 13.26 20.08
N GLY H 335 24.58 12.84 19.07
CA GLY H 335 24.74 11.42 18.80
C GLY H 335 25.73 10.77 19.73
N MET H 336 25.34 9.67 20.35
CA MET H 336 26.25 8.84 21.12
C MET H 336 26.74 7.69 20.24
N ASP H 337 28.04 7.64 20.01
CA ASP H 337 28.68 6.56 19.28
C ASP H 337 29.18 5.48 20.24
N ILE H 338 29.44 4.30 19.69
CA ILE H 338 29.92 3.17 20.48
C ILE H 338 31.18 2.58 19.83
N LEU H 339 32.24 2.48 20.61
CA LEU H 339 33.50 1.89 20.18
C LEU H 339 33.69 0.53 20.84
N VAL H 340 34.12 -0.44 20.05
CA VAL H 340 34.50 -1.76 20.53
C VAL H 340 35.91 -2.05 20.02
N THR H 341 36.83 -2.35 20.93
CA THR H 341 38.20 -2.63 20.56
C THR H 341 38.53 -4.10 20.81
N GLY H 342 39.36 -4.68 19.94
CA GLY H 342 39.77 -6.06 20.09
C GLY H 342 41.12 -6.28 19.44
N GLY H 343 41.62 -7.53 19.52
CA GLY H 343 42.91 -7.84 18.92
C GLY H 343 43.80 -8.58 19.90
N ASN H 344 45.10 -8.53 19.62
CA ASN H 344 46.14 -9.22 20.40
C ASN H 344 47.06 -8.15 21.00
N TYR H 345 46.56 -7.45 22.02
CA TYR H 345 47.38 -6.42 22.65
C TYR H 345 47.06 -6.35 24.14
N SER H 346 47.97 -5.74 24.89
CA SER H 346 47.87 -5.68 26.34
C SER H 346 47.82 -4.27 26.92
N ASN H 347 48.23 -3.25 26.19
CA ASN H 347 48.44 -1.92 26.75
C ASN H 347 47.54 -0.86 26.11
N GLY H 348 46.28 -1.21 25.87
CA GLY H 348 45.37 -0.27 25.22
C GLY H 348 44.95 0.82 26.18
N VAL H 349 44.97 2.06 25.68
CA VAL H 349 44.61 3.23 26.47
C VAL H 349 43.71 4.12 25.64
N LEU H 350 42.64 4.64 26.25
CA LEU H 350 41.82 5.68 25.65
C LEU H 350 41.92 6.92 26.52
N VAL H 351 42.27 8.05 25.91
CA VAL H 351 42.57 9.27 26.64
C VAL H 351 41.41 10.25 26.46
N THR H 352 40.86 10.73 27.58
CA THR H 352 39.87 11.81 27.56
C THR H 352 40.47 12.97 28.33
N PRO H 353 41.05 13.96 27.64
CA PRO H 353 41.74 15.05 28.36
C PRO H 353 40.79 15.98 29.10
N SER H 354 39.64 16.31 28.52
CA SER H 354 38.74 17.23 29.20
C SER H 354 38.11 16.64 30.43
N PHE H 355 38.27 15.33 30.65
CA PHE H 355 37.90 14.70 31.92
C PHE H 355 39.13 14.37 32.76
N ASN H 356 40.33 14.69 32.26
CA ASN H 356 41.58 14.40 32.95
C ASN H 356 41.69 12.91 33.27
N ARG H 357 41.40 12.07 32.27
CA ARG H 357 41.37 10.64 32.56
C ARG H 357 41.98 9.85 31.41
N ARG H 358 42.60 8.73 31.78
CA ARG H 358 42.97 7.66 30.87
C ARG H 358 42.23 6.40 31.29
N TRP H 359 41.81 5.60 30.31
CA TRP H 359 40.99 4.43 30.56
C TRP H 359 41.63 3.21 29.91
N THR H 360 41.70 2.11 30.66
CA THR H 360 42.25 0.87 30.12
C THR H 360 41.37 0.37 28.98
N TYR H 361 41.99 0.17 27.82
CA TYR H 361 41.28 -0.02 26.55
C TYR H 361 41.78 -1.31 25.90
N ASN H 362 41.53 -2.42 26.56
CA ASN H 362 42.00 -3.74 26.18
C ASN H 362 40.91 -4.51 25.47
N PRO H 363 41.24 -5.61 24.80
CA PRO H 363 40.22 -6.36 24.03
C PRO H 363 38.97 -6.63 24.86
N GLY H 364 37.82 -6.44 24.22
CA GLY H 364 36.54 -6.61 24.88
C GLY H 364 35.96 -5.36 25.51
N CYS H 365 36.72 -4.26 25.54
CA CYS H 365 36.25 -3.04 26.16
C CYS H 365 35.29 -2.31 25.23
N VAL H 366 34.22 -1.77 25.79
CA VAL H 366 33.23 -1.00 25.04
C VAL H 366 33.14 0.39 25.65
N VAL H 367 33.11 1.41 24.79
CA VAL H 367 33.02 2.80 25.23
C VAL H 367 31.89 3.48 24.47
N ALA H 368 30.92 4.02 25.20
CA ALA H 368 29.88 4.86 24.60
C ALA H 368 30.20 6.32 24.90
N LEU H 369 30.09 7.18 23.89
CA LEU H 369 30.53 8.55 24.10
C LEU H 369 29.90 9.48 23.08
N LEU H 370 29.69 10.73 23.50
CA LEU H 370 29.29 11.81 22.59
C LEU H 370 30.54 12.23 21.82
N GLY H 371 30.72 11.62 20.64
CA GLY H 371 31.95 11.80 19.89
C GLY H 371 32.19 13.23 19.41
N LYS H 372 31.12 14.01 19.23
CA LYS H 372 31.29 15.39 18.81
C LYS H 372 31.60 16.32 19.97
N LEU H 373 31.47 15.84 21.21
CA LEU H 373 31.78 16.62 22.40
C LEU H 373 33.07 16.19 23.07
N VAL H 374 33.31 14.89 23.18
CA VAL H 374 34.41 14.35 23.99
C VAL H 374 35.63 14.14 23.12
N LEU H 375 36.72 14.82 23.43
CA LEU H 375 38.00 14.53 22.80
C LEU H 375 38.49 13.17 23.28
N HIS H 376 38.95 12.35 22.33
CA HIS H 376 39.40 11.00 22.66
C HIS H 376 40.43 10.53 21.65
N GLY H 377 41.33 9.68 22.11
CA GLY H 377 42.33 9.09 21.23
C GLY H 377 42.83 7.79 21.79
N VAL H 378 43.44 7.00 20.92
CA VAL H 378 43.95 5.68 21.29
C VAL H 378 45.37 5.51 20.73
N PRO H 379 46.39 5.52 21.59
CA PRO H 379 47.77 5.37 21.12
C PRO H 379 48.06 3.99 20.56
N GLU H 380 49.25 3.88 19.97
CA GLU H 380 49.78 2.62 19.48
C GLU H 380 49.78 1.57 20.59
N VAL H 381 49.45 0.34 20.24
CA VAL H 381 49.43 -0.76 21.19
C VAL H 381 50.55 -1.74 20.86
N ASP H 382 50.83 -2.65 21.80
CA ASP H 382 51.93 -3.60 21.66
C ASP H 382 51.48 -4.87 20.93
N GLY H 383 50.81 -4.68 19.80
CA GLY H 383 50.25 -5.79 19.07
C GLY H 383 49.23 -5.28 18.07
N GLU H 384 48.44 -6.21 17.56
CA GLU H 384 47.45 -5.90 16.54
C GLU H 384 46.12 -5.56 17.18
N ARG H 385 45.40 -4.62 16.59
CA ARG H 385 44.17 -4.13 17.17
C ARG H 385 43.21 -3.75 16.06
N TYR H 386 41.92 -3.93 16.34
CA TYR H 386 40.87 -3.40 15.48
C TYR H 386 39.84 -2.70 16.36
N CYS H 387 39.13 -1.77 15.74
CA CYS H 387 38.09 -1.01 16.41
C CYS H 387 36.86 -0.97 15.52
N MET H 388 35.71 -1.23 16.11
CA MET H 388 34.42 -1.08 15.45
C MET H 388 33.74 0.13 16.05
N ALA H 389 33.49 1.15 15.21
CA ALA H 389 32.85 2.39 15.62
C ALA H 389 31.45 2.42 15.03
N HIS H 390 30.45 2.45 15.90
CA HIS H 390 29.06 2.54 15.51
C HIS H 390 28.62 3.97 15.70
N PHE H 391 28.08 4.58 14.62
CA PHE H 391 27.81 6.01 14.65
C PHE H 391 26.61 6.33 13.75
N TRP H 392 26.34 7.62 13.60
CA TRP H 392 25.06 8.14 13.14
C TRP H 392 25.24 9.12 11.99
N ARG H 393 24.17 9.29 11.21
CA ARG H 393 24.06 10.33 10.20
C ARG H 393 22.72 11.03 10.38
N GLU H 394 22.74 12.28 10.87
CA GLU H 394 21.51 12.98 11.18
C GLU H 394 20.66 13.18 9.92
N ARG H 395 21.32 13.29 8.76
CA ARG H 395 20.58 13.47 7.52
C ARG H 395 19.71 12.28 7.21
N LEU H 396 20.11 11.10 7.62
CA LEU H 396 19.18 10.02 7.46
C LEU H 396 17.94 10.25 8.31
N PHE H 397 18.13 10.82 9.50
CA PHE H 397 16.99 11.08 10.40
C PHE H 397 15.99 12.08 9.83
N ASP H 398 16.45 13.23 9.33
CA ASP H 398 15.47 14.17 8.75
C ASP H 398 14.83 13.54 7.50
N ALA H 399 15.63 12.83 6.68
CA ALA H 399 15.04 12.18 5.51
C ALA H 399 13.94 11.21 5.92
N ALA H 400 14.15 10.43 6.98
CA ALA H 400 13.13 9.50 7.46
C ALA H 400 12.01 10.18 8.24
N GLY H 401 12.11 11.49 8.48
CA GLY H 401 11.10 12.19 9.25
C GLY H 401 11.08 11.84 10.72
N VAL H 402 12.21 11.41 11.27
CA VAL H 402 12.33 11.00 12.67
C VAL H 402 13.21 12.01 13.38
N PRO H 403 12.72 12.68 14.42
CA PRO H 403 13.57 13.63 15.15
C PRO H 403 14.74 12.92 15.82
N PHE H 404 15.89 13.58 15.83
CA PHE H 404 17.02 13.08 16.60
C PHE H 404 16.90 13.52 18.05
N PRO H 405 16.91 12.60 19.00
CA PRO H 405 16.66 12.99 20.40
C PRO H 405 17.91 13.53 21.06
N TYR H 406 17.68 14.32 22.12
CA TYR H 406 18.73 14.85 22.98
C TYR H 406 19.28 13.72 23.87
N PRO H 407 20.57 13.77 24.23
CA PRO H 407 21.13 12.69 25.05
C PRO H 407 20.32 12.42 26.32
N SER H 408 20.26 11.15 26.68
CA SER H 408 19.49 10.71 27.85
C SER H 408 20.16 11.11 29.16
N LYS H 409 19.34 11.27 30.19
CA LYS H 409 19.81 11.35 31.56
C LYS H 409 19.92 9.95 32.16
N TRP H 410 20.85 9.79 33.11
CA TRP H 410 21.11 8.48 33.68
C TRP H 410 19.91 7.94 34.44
N GLN H 411 19.08 8.83 35.00
CA GLN H 411 17.91 8.39 35.76
C GLN H 411 16.93 7.59 34.93
N GLU H 412 16.95 7.77 33.59
CA GLU H 412 16.05 7.00 32.73
C GLU H 412 16.38 5.51 32.82
N SER H 413 17.62 5.20 33.19
CA SER H 413 17.99 3.81 33.48
C SER H 413 17.09 3.18 34.53
N TYR H 414 16.71 3.94 35.55
CA TYR H 414 16.13 3.40 36.77
C TYR H 414 14.59 3.41 36.78
N THR H 415 13.95 3.86 35.70
CA THR H 415 12.49 3.89 35.67
C THR H 415 11.90 2.48 35.63
#